data_9DOQ
#
_entry.id   9DOQ
#
_cell.length_a   1.00
_cell.length_b   1.00
_cell.length_c   1.00
_cell.angle_alpha   90.00
_cell.angle_beta   90.00
_cell.angle_gamma   90.00
#
_symmetry.space_group_name_H-M   'P 1'
#
loop_
_entity.id
_entity.type
_entity.pdbx_description
1 polymer 'Lipopolysaccharide export system ATP-binding protein LptB'
2 polymer Permease
3 polymer 'Lipopolysaccharide export system permease protein LptF'
4 polymer 'Lipopolysaccharide export system protein LptC'
5 non-polymer 1,2-Distearoyl-sn-glycerophosphoethanolamine
#
loop_
_entity_poly.entity_id
_entity_poly.type
_entity_poly.pdbx_seq_one_letter_code
_entity_poly.pdbx_strand_id
1 'polypeptide(L)'
;MGSMATLKAQHLAKSYKGRQVVRDVSMSIDSGQIVGLLGPNGAGKTTCFYMIVGLVQADQGVVRIDEQNVTHLPMHGRAR
AGIGYLPQEASIFRKLSVSDNIMAILETRSDLDRNGRKEALEGLLQEFHIHHIRDNLGMSLSGGERRRVEIARALASAPK
FILLDEPFAGVDPISVGDIKQIIHHLKAKGIGILITDHNVRETLDICETAYIVNDGQLIAEGDAESILANDLVKEVYLGH
EFRLKLHHHHHH
;
B,A
2 'polypeptide(L)'
;MGSMVKLDRYIGVTVFVAILAVLGVILGLALLFAFIDELNDISASYGIGDALRFIFLTAPRRAYDMLPMAALIGCLVGLG
TLASNSELTIMRAAGVSLSRIVWAVMKPMLVLMLAGILVGEYVAPWTENIAQSGRALAQGGGDSQSSKRGLWHRQGREYI
HINAVQPNGVLYGVTRYRFDEQRGLESASFAKRARFETDHWQLEEVTTTLLHPREKRSEVVKLPTERWDAQLSPQLLNTV
VMEPEALSISGLWQYIHYLADQGLNNNRYWLAFWTKVLQPLVTAALVLMAISFIFGPLRSVTLGQRIFTGVLVGFVFRIA
QDLLGPSSLVFDFPPLLAVVIPASICALAGVWLLRRAG
;
G
3 'polypeptide(L)'
;MGSMIVFRYLSREVLVTMSAVSAVLLVIIMSGRFIKYLAQAAQGLLDPGSLFLIMAFRIPGFLQLILPLGLFLGILLAYG
RLYLESEMTVLSATGMSQKRLLGYTMAPALLVAILVAWLSLFLAPQGINQFALLLNKQDTLTEFDTLVPGRFQAMRDGTR
VTYTEELSKDRGELAGIFISQKDLNSSNQERGISILVAEKGTQNIQADGSRYLILHNGYRYDGNPGQANYRAIQYDTYGV
MLPKPEASSEVSERDAVPTADLFGSDNPRYQAELQWRLSTPLLVFVVTLLAVPLSRVNPRQGRFLKLLPAILLYMGYLAL
LIAVRGQLDKGKIPMAIGLWWVHGLFLAIGLLLFYWEPLRLKLASSRAGREVAHG
;
F
4 'polypeptide(L)'
;MGSMPKTLRQKLLLALIALLLIVAGYYWNVGLELFNEQPTRPGQDNTIDYYAENAHSLQYQEDGSLDYEMTAVKLEHQKA
TDITFVTTPDLLLFRGNVQPWHIQSARAEVGPKGKEVELIDDVRVARTDAKGQPSILTTTRLTVFPDKNYAQTEQAVKID
AANGVTTAVGMKAYLKDSRMHLLSNVRGQHEVR
;
C
#
# COMPACT_ATOMS: atom_id res chain seq x y z
N ALA A 5 27.05 11.49 47.28
CA ALA A 5 26.26 11.84 46.09
C ALA A 5 24.85 12.29 46.49
N THR A 6 24.33 13.28 45.81
CA THR A 6 22.98 13.79 46.08
C THR A 6 22.36 14.26 44.77
N LEU A 7 21.20 13.70 44.43
CA LEU A 7 20.47 14.09 43.23
C LEU A 7 19.44 15.13 43.63
N LYS A 8 19.67 16.38 43.24
CA LYS A 8 18.83 17.50 43.62
C LYS A 8 18.04 18.00 42.42
N ALA A 9 16.73 18.18 42.61
CA ALA A 9 15.87 18.79 41.62
C ALA A 9 15.37 20.12 42.18
N GLN A 10 15.63 21.22 41.46
CA GLN A 10 15.39 22.55 41.97
C GLN A 10 14.34 23.26 41.14
N HIS A 11 13.27 23.71 41.79
CA HIS A 11 12.28 24.60 41.17
C HIS A 11 11.78 24.05 39.84
N LEU A 12 11.49 22.74 39.80
CA LEU A 12 10.97 22.14 38.59
C LEU A 12 9.58 22.70 38.27
N ALA A 13 9.34 22.96 36.99
CA ALA A 13 8.07 23.49 36.54
C ALA A 13 7.82 23.05 35.10
N LYS A 14 6.64 22.49 34.85
CA LYS A 14 6.28 21.98 33.54
C LYS A 14 4.86 22.40 33.20
N SER A 15 4.67 22.92 32.00
CA SER A 15 3.37 23.38 31.54
C SER A 15 2.97 22.61 30.29
N TYR A 16 1.86 21.88 30.37
CA TYR A 16 1.33 21.16 29.22
C TYR A 16 0.56 22.11 28.33
N LYS A 17 -0.24 21.56 27.40
CA LYS A 17 -0.81 22.35 26.31
C LYS A 17 -1.14 23.78 26.71
N GLY A 18 -1.92 23.94 27.78
CA GLY A 18 -2.21 25.27 28.29
C GLY A 18 -2.30 25.31 29.80
N ARG A 19 -1.98 24.20 30.46
CA ARG A 19 -2.14 24.06 31.90
C ARG A 19 -0.78 23.85 32.55
N GLN A 20 -0.60 24.45 33.73
CA GLN A 20 0.62 24.31 34.51
C GLN A 20 0.45 23.13 35.47
N VAL A 21 0.82 21.95 35.00
CA VAL A 21 0.64 20.75 35.82
C VAL A 21 1.53 20.81 37.07
N VAL A 22 2.78 21.21 36.91
CA VAL A 22 3.74 21.24 38.00
C VAL A 22 4.33 22.64 38.10
N ARG A 23 4.46 23.16 39.32
CA ARG A 23 4.98 24.50 39.55
C ARG A 23 5.81 24.51 40.83
N ASP A 24 7.11 24.69 40.69
CA ASP A 24 8.02 24.88 41.83
C ASP A 24 7.95 23.72 42.82
N VAL A 25 8.36 22.55 42.34
CA VAL A 25 8.46 21.35 43.16
C VAL A 25 9.92 20.97 43.24
N SER A 26 10.49 21.03 44.44
CA SER A 26 11.91 20.78 44.66
C SER A 26 12.07 19.55 45.55
N MET A 27 12.96 18.63 45.14
CA MET A 27 13.22 17.41 45.88
C MET A 27 14.72 17.16 45.92
N SER A 28 15.13 16.29 46.83
CA SER A 28 16.54 15.97 46.99
C SER A 28 16.67 14.56 47.53
N ILE A 29 17.39 13.70 46.81
CA ILE A 29 17.69 12.34 47.24
C ILE A 29 19.18 12.25 47.55
N ASP A 30 19.51 11.65 48.68
CA ASP A 30 20.88 11.45 49.10
C ASP A 30 21.24 9.98 49.00
N SER A 31 22.45 9.70 48.54
CA SER A 31 22.90 8.33 48.40
C SER A 31 22.80 7.60 49.73
N GLY A 32 22.24 6.40 49.71
CA GLY A 32 22.07 5.61 50.91
C GLY A 32 20.75 5.76 51.62
N GLN A 33 19.76 6.39 50.98
CA GLN A 33 18.46 6.57 51.59
C GLN A 33 17.37 6.31 50.55
N ILE A 34 16.21 5.91 51.03
CA ILE A 34 15.05 5.63 50.19
C ILE A 34 14.05 6.77 50.34
N VAL A 35 13.65 7.36 49.23
CA VAL A 35 12.74 8.50 49.22
C VAL A 35 11.56 8.17 48.33
N GLY A 36 10.35 8.42 48.81
CA GLY A 36 9.13 8.15 48.08
C GLY A 36 8.57 9.42 47.46
N LEU A 37 7.71 9.25 46.46
CA LEU A 37 7.06 10.37 45.78
C LEU A 37 5.60 9.98 45.56
N LEU A 38 4.71 10.56 46.36
CA LEU A 38 3.31 10.16 46.37
C LEU A 38 2.42 11.37 46.15
N GLY A 39 1.19 11.11 45.71
CA GLY A 39 0.22 12.14 45.47
C GLY A 39 -0.96 11.64 44.67
N PRO A 40 -2.02 12.46 44.60
CA PRO A 40 -3.18 12.07 43.78
C PRO A 40 -2.79 11.93 42.32
N ASN A 41 -3.53 11.05 41.62
CA ASN A 41 -3.17 10.73 40.24
C ASN A 41 -3.14 11.98 39.37
N GLY A 42 -4.16 12.83 39.48
CA GLY A 42 -4.21 14.02 38.65
C GLY A 42 -3.05 14.96 38.89
N ALA A 43 -2.68 15.15 40.15
CA ALA A 43 -1.64 16.11 40.49
C ALA A 43 -0.32 15.72 39.82
N GLY A 44 0.65 16.63 39.92
CA GLY A 44 1.92 16.44 39.26
C GLY A 44 2.89 15.58 40.03
N LYS A 45 2.65 14.27 40.04
CA LYS A 45 3.57 13.31 40.65
C LYS A 45 4.34 12.53 39.60
N THR A 46 3.64 11.89 38.67
CA THR A 46 4.32 11.19 37.58
C THR A 46 5.11 12.17 36.71
N THR A 47 4.57 13.37 36.51
CA THR A 47 5.29 14.36 35.71
C THR A 47 6.62 14.72 36.36
N CYS A 48 6.62 14.95 37.67
CA CYS A 48 7.87 15.26 38.36
C CYS A 48 8.82 14.09 38.32
N PHE A 49 8.29 12.88 38.54
CA PHE A 49 9.15 11.70 38.47
C PHE A 49 9.81 11.59 37.11
N TYR A 50 9.08 11.88 36.04
CA TYR A 50 9.65 11.75 34.70
C TYR A 50 10.64 12.88 34.41
N MET A 51 10.33 14.11 34.81
CA MET A 51 11.31 15.18 34.64
C MET A 51 12.60 14.87 35.38
N ILE A 52 12.51 14.16 36.51
CA ILE A 52 13.73 13.69 37.16
C ILE A 52 14.39 12.59 36.33
N VAL A 53 13.60 11.67 35.80
CA VAL A 53 14.15 10.55 35.03
C VAL A 53 14.70 11.04 33.70
N GLY A 54 13.96 11.90 33.00
CA GLY A 54 14.38 12.43 31.71
C GLY A 54 13.42 12.19 30.56
N LEU A 55 12.24 11.63 30.79
CA LEU A 55 11.31 11.37 29.71
C LEU A 55 10.51 12.60 29.31
N VAL A 56 10.52 13.66 30.12
CA VAL A 56 9.85 14.91 29.80
C VAL A 56 10.79 16.06 30.13
N GLN A 57 10.91 17.01 29.22
CA GLN A 57 11.80 18.15 29.43
C GLN A 57 11.14 19.19 30.33
N ALA A 58 11.92 19.72 31.26
CA ALA A 58 11.40 20.70 32.21
C ALA A 58 11.46 22.09 31.63
N ASP A 59 10.33 22.81 31.70
CA ASP A 59 10.30 24.19 31.23
C ASP A 59 11.24 25.07 32.05
N GLN A 60 11.27 24.87 33.36
CA GLN A 60 12.12 25.63 34.26
C GLN A 60 12.69 24.71 35.32
N GLY A 61 13.80 25.12 35.90
CA GLY A 61 14.46 24.36 36.95
C GLY A 61 15.71 23.67 36.45
N VAL A 62 16.49 23.19 37.42
CA VAL A 62 17.75 22.51 37.14
C VAL A 62 17.73 21.18 37.91
N VAL A 63 17.82 20.07 37.18
CA VAL A 63 17.93 18.75 37.82
C VAL A 63 19.42 18.43 37.87
N ARG A 64 20.06 18.89 38.94
CA ARG A 64 21.50 18.74 39.08
C ARG A 64 21.83 17.54 39.97
N ILE A 65 22.86 16.79 39.58
CA ILE A 65 23.34 15.66 40.34
C ILE A 65 24.81 15.92 40.67
N ASP A 66 25.11 16.11 41.95
CA ASP A 66 26.48 16.32 42.42
C ASP A 66 27.14 17.48 41.66
N GLU A 67 26.37 18.55 41.46
CA GLU A 67 26.87 19.77 40.83
C GLU A 67 27.10 19.61 39.32
N GLN A 68 26.32 18.74 38.68
CA GLN A 68 26.27 18.67 37.22
C GLN A 68 24.85 18.99 36.78
N ASN A 69 24.71 20.04 35.97
CA ASN A 69 23.41 20.43 35.44
C ASN A 69 23.05 19.44 34.33
N VAL A 70 22.36 18.37 34.71
CA VAL A 70 22.01 17.31 33.77
C VAL A 70 20.57 17.47 33.26
N THR A 71 20.01 18.67 33.35
CA THR A 71 18.66 18.88 32.84
C THR A 71 18.58 18.64 31.34
N HIS A 72 19.60 19.07 30.60
CA HIS A 72 19.59 19.01 29.15
C HIS A 72 20.15 17.70 28.61
N LEU A 73 20.86 16.92 29.42
CA LEU A 73 21.42 15.68 28.92
C LEU A 73 20.32 14.70 28.56
N PRO A 74 20.49 13.91 27.50
CA PRO A 74 19.49 12.89 27.16
C PRO A 74 19.47 11.76 28.16
N MET A 75 18.61 10.76 27.95
CA MET A 75 18.51 9.68 28.92
C MET A 75 19.82 8.93 29.06
N HIS A 76 20.51 8.64 27.95
CA HIS A 76 21.79 7.96 28.05
C HIS A 76 22.85 8.82 28.73
N GLY A 77 22.78 10.14 28.53
CA GLY A 77 23.70 11.01 29.25
C GLY A 77 23.53 10.92 30.76
N ARG A 78 22.28 10.91 31.22
CA ARG A 78 22.04 10.72 32.64
C ARG A 78 22.50 9.35 33.10
N ALA A 79 22.17 8.30 32.33
CA ALA A 79 22.59 6.95 32.69
C ALA A 79 24.09 6.86 32.85
N ARG A 80 24.85 7.59 32.02
CA ARG A 80 26.29 7.64 32.17
C ARG A 80 26.72 8.58 33.29
N ALA A 81 25.85 9.51 33.71
CA ALA A 81 26.17 10.42 34.79
C ALA A 81 25.94 9.83 36.18
N GLY A 82 25.24 8.70 36.27
CA GLY A 82 25.01 8.07 37.55
C GLY A 82 23.58 7.62 37.79
N ILE A 83 22.62 8.36 37.23
CA ILE A 83 21.22 8.03 37.44
C ILE A 83 20.87 6.72 36.75
N GLY A 84 19.77 6.12 37.19
CA GLY A 84 19.28 4.88 36.61
C GLY A 84 17.80 4.93 36.29
N TYR A 85 17.17 3.77 36.09
CA TYR A 85 15.75 3.72 35.81
C TYR A 85 15.33 2.26 35.74
N LEU A 86 14.03 2.02 35.92
CA LEU A 86 13.45 0.69 35.89
C LEU A 86 11.99 0.76 35.47
N PRO A 87 11.67 0.43 34.22
CA PRO A 87 10.30 0.65 33.74
C PRO A 87 9.28 -0.17 34.52
N GLN A 88 8.06 0.35 34.58
CA GLN A 88 7.01 -0.29 35.37
C GLN A 88 6.72 -1.69 34.87
N GLU A 89 6.49 -1.84 33.57
CA GLU A 89 6.17 -3.15 33.01
C GLU A 89 7.44 -3.99 32.85
N ALA A 90 7.24 -5.25 32.50
CA ALA A 90 8.37 -6.13 32.27
C ALA A 90 9.25 -5.59 31.17
N SER A 91 10.56 -5.54 31.42
CA SER A 91 11.51 -4.98 30.48
C SER A 91 12.75 -5.86 30.40
N ILE A 92 12.55 -7.16 30.33
CA ILE A 92 13.64 -8.13 30.26
C ILE A 92 13.84 -8.53 28.81
N PHE A 93 15.11 -8.71 28.42
CA PHE A 93 15.42 -9.13 27.06
C PHE A 93 14.86 -10.53 26.83
N ARG A 94 13.78 -10.62 26.04
CA ARG A 94 13.01 -11.85 25.98
C ARG A 94 13.86 -13.03 25.52
N LYS A 95 14.36 -12.98 24.29
CA LYS A 95 15.11 -14.10 23.72
C LYS A 95 16.60 -13.99 24.01
N LEU A 96 16.94 -13.81 25.28
CA LEU A 96 18.34 -13.71 25.71
C LEU A 96 18.48 -14.37 27.07
N SER A 97 19.39 -15.33 27.17
CA SER A 97 19.63 -16.00 28.44
C SER A 97 19.90 -14.98 29.54
N VAL A 98 19.58 -15.36 30.78
CA VAL A 98 19.74 -14.45 31.90
C VAL A 98 21.20 -14.03 32.04
N SER A 99 22.12 -14.99 31.95
CA SER A 99 23.53 -14.64 31.99
C SER A 99 23.88 -13.68 30.86
N ASP A 100 23.43 -13.98 29.64
CA ASP A 100 23.59 -13.03 28.55
C ASP A 100 22.81 -11.75 28.81
N ASN A 101 21.68 -11.86 29.53
CA ASN A 101 20.88 -10.68 29.82
C ASN A 101 21.67 -9.68 30.65
N ILE A 102 22.49 -10.16 31.59
CA ILE A 102 23.33 -9.27 32.39
C ILE A 102 24.61 -8.90 31.65
N MET A 103 25.19 -9.82 30.89
CA MET A 103 26.44 -9.53 30.20
C MET A 103 26.24 -8.49 29.11
N ALA A 104 25.05 -8.44 28.51
CA ALA A 104 24.79 -7.41 27.50
C ALA A 104 25.04 -6.02 28.05
N ILE A 105 24.78 -5.82 29.33
CA ILE A 105 25.05 -4.53 29.97
C ILE A 105 26.47 -4.48 30.52
N LEU A 106 26.95 -5.60 31.08
CA LEU A 106 28.30 -5.61 31.64
C LEU A 106 29.36 -5.28 30.60
N GLU A 107 29.15 -5.68 29.34
CA GLU A 107 30.14 -5.43 28.30
C GLU A 107 30.33 -3.95 28.03
N THR A 108 29.33 -3.12 28.35
CA THR A 108 29.43 -1.69 28.08
C THR A 108 30.36 -0.98 29.07
N ARG A 109 30.42 -1.46 30.32
CA ARG A 109 31.20 -0.81 31.35
C ARG A 109 32.67 -0.69 30.94
N SER A 110 33.14 0.54 30.75
CA SER A 110 34.49 0.74 30.24
C SER A 110 35.54 0.27 31.23
N ASP A 111 35.39 0.62 32.51
CA ASP A 111 36.41 0.34 33.51
C ASP A 111 36.37 -1.12 33.96
N LEU A 112 36.57 -2.00 32.99
CA LEU A 112 36.60 -3.44 33.26
C LEU A 112 37.33 -4.15 32.13
N ASP A 113 37.80 -5.36 32.43
CA ASP A 113 38.40 -6.25 31.46
C ASP A 113 37.66 -7.57 31.46
N ARG A 114 38.02 -8.45 30.52
CA ARG A 114 37.25 -9.68 30.32
C ARG A 114 37.19 -10.50 31.59
N ASN A 115 38.33 -10.71 32.26
CA ASN A 115 38.33 -11.43 33.52
C ASN A 115 37.53 -10.67 34.58
N GLY A 116 37.72 -9.35 34.65
CA GLY A 116 36.93 -8.55 35.58
C GLY A 116 35.46 -8.61 35.29
N ARG A 117 35.08 -8.55 34.00
CA ARG A 117 33.67 -8.64 33.65
C ARG A 117 33.08 -9.99 34.05
N LYS A 118 33.81 -11.07 33.79
CA LYS A 118 33.31 -12.39 34.18
C LYS A 118 33.15 -12.50 35.69
N GLU A 119 34.13 -11.99 36.45
CA GLU A 119 34.02 -12.04 37.90
C GLU A 119 32.84 -11.21 38.40
N ALA A 120 32.64 -10.03 37.81
CA ALA A 120 31.52 -9.20 38.20
C ALA A 120 30.19 -9.86 37.88
N LEU A 121 30.10 -10.51 36.72
CA LEU A 121 28.86 -11.21 36.37
C LEU A 121 28.60 -12.36 37.35
N GLU A 122 29.64 -13.11 37.72
CA GLU A 122 29.46 -14.17 38.70
C GLU A 122 29.00 -13.62 40.04
N GLY A 123 29.61 -12.52 40.49
CA GLY A 123 29.20 -11.92 41.74
C GLY A 123 27.76 -11.42 41.71
N LEU A 124 27.36 -10.81 40.59
CA LEU A 124 25.97 -10.37 40.45
C LEU A 124 25.02 -11.55 40.46
N LEU A 125 25.37 -12.64 39.77
CA LEU A 125 24.49 -13.80 39.74
C LEU A 125 24.34 -14.42 41.11
N GLN A 126 25.45 -14.54 41.86
CA GLN A 126 25.38 -15.18 43.16
C GLN A 126 24.87 -14.26 44.26
N GLU A 127 24.86 -12.94 44.02
CA GLU A 127 24.42 -11.99 45.03
C GLU A 127 22.91 -11.81 45.04
N PHE A 128 22.22 -12.14 43.95
CA PHE A 128 20.79 -11.98 43.83
C PHE A 128 20.04 -13.30 43.79
N HIS A 129 20.71 -14.40 44.14
CA HIS A 129 20.09 -15.71 44.23
C HIS A 129 19.32 -16.06 42.96
N ILE A 130 19.97 -15.85 41.82
CA ILE A 130 19.43 -16.22 40.52
C ILE A 130 20.39 -17.13 39.76
N HIS A 131 21.37 -17.71 40.47
CA HIS A 131 22.38 -18.51 39.80
C HIS A 131 21.80 -19.73 39.13
N HIS A 132 20.84 -20.40 39.77
CA HIS A 132 20.33 -21.67 39.24
C HIS A 132 19.60 -21.49 37.92
N ILE A 133 19.06 -20.30 37.65
CA ILE A 133 18.32 -20.06 36.42
C ILE A 133 19.20 -19.29 35.44
N ARG A 134 20.51 -19.42 35.58
CA ARG A 134 21.45 -18.64 34.78
C ARG A 134 21.31 -18.90 33.28
N ASP A 135 20.69 -20.02 32.89
CA ASP A 135 20.62 -20.38 31.47
C ASP A 135 19.23 -20.24 30.88
N ASN A 136 18.20 -19.98 31.70
CA ASN A 136 16.85 -19.85 31.18
C ASN A 136 16.73 -18.60 30.31
N LEU A 137 15.86 -18.68 29.31
CA LEU A 137 15.58 -17.52 28.47
C LEU A 137 14.71 -16.51 29.23
N GLY A 138 14.64 -15.30 28.69
CA GLY A 138 13.87 -14.26 29.34
C GLY A 138 12.38 -14.53 29.39
N MET A 139 11.87 -15.34 28.47
CA MET A 139 10.43 -15.62 28.43
C MET A 139 10.01 -16.60 29.53
N SER A 140 10.91 -17.49 29.94
CA SER A 140 10.54 -18.51 30.92
C SER A 140 10.38 -17.96 32.32
N LEU A 141 11.15 -16.94 32.69
CA LEU A 141 11.15 -16.46 34.06
C LEU A 141 9.76 -15.98 34.49
N SER A 142 9.43 -16.24 35.75
CA SER A 142 8.18 -15.78 36.33
C SER A 142 8.37 -14.37 36.91
N GLY A 143 7.38 -13.90 37.68
CA GLY A 143 7.44 -12.53 38.17
C GLY A 143 8.64 -12.26 39.05
N GLY A 144 8.83 -13.09 40.08
CA GLY A 144 9.91 -12.84 41.02
C GLY A 144 11.29 -12.93 40.38
N GLU A 145 11.52 -13.99 39.61
CA GLU A 145 12.81 -14.12 38.94
C GLU A 145 13.02 -13.03 37.91
N ARG A 146 11.95 -12.65 37.20
CA ARG A 146 12.06 -11.56 36.23
C ARG A 146 12.47 -10.26 36.90
N ARG A 147 11.83 -9.94 38.02
CA ARG A 147 12.19 -8.71 38.73
C ARG A 147 13.61 -8.77 39.27
N ARG A 148 14.01 -9.93 39.79
CA ARG A 148 15.38 -10.06 40.31
C ARG A 148 16.40 -9.89 39.18
N VAL A 149 16.13 -10.46 38.01
CA VAL A 149 17.06 -10.33 36.90
C VAL A 149 17.12 -8.89 36.41
N GLU A 150 15.96 -8.21 36.34
CA GLU A 150 15.97 -6.81 35.92
C GLU A 150 16.77 -5.95 36.89
N ILE A 151 16.61 -6.19 38.20
CA ILE A 151 17.37 -5.43 39.18
C ILE A 151 18.86 -5.73 39.05
N ALA A 152 19.21 -7.01 38.84
CA ALA A 152 20.61 -7.36 38.68
C ALA A 152 21.22 -6.68 37.46
N ARG A 153 20.48 -6.61 36.36
CA ARG A 153 20.96 -5.91 35.18
C ARG A 153 21.17 -4.43 35.46
N ALA A 154 20.15 -3.78 36.04
CA ALA A 154 20.27 -2.36 36.37
C ALA A 154 21.50 -2.10 37.23
N LEU A 155 21.74 -2.97 38.22
CA LEU A 155 22.95 -2.84 39.03
C LEU A 155 24.20 -3.04 38.19
N ALA A 156 24.18 -4.02 37.28
CA ALA A 156 25.33 -4.26 36.42
C ALA A 156 25.67 -3.01 35.63
N SER A 157 24.69 -2.15 35.37
CA SER A 157 25.01 -0.84 34.82
C SER A 157 25.81 0.02 35.78
N ALA A 158 25.89 -0.37 37.06
CA ALA A 158 26.68 0.33 38.06
C ALA A 158 26.19 1.75 38.28
N PRO A 159 24.94 1.94 38.73
CA PRO A 159 24.43 3.29 38.91
C PRO A 159 24.67 3.82 40.32
N LYS A 160 24.28 5.08 40.55
CA LYS A 160 24.30 5.67 41.87
C LYS A 160 22.91 5.80 42.47
N PHE A 161 21.96 6.34 41.71
CA PHE A 161 20.57 6.42 42.12
C PHE A 161 19.72 5.62 41.13
N ILE A 162 18.87 4.74 41.66
CA ILE A 162 18.02 3.90 40.85
C ILE A 162 16.58 4.35 41.07
N LEU A 163 15.93 4.78 39.98
CA LEU A 163 14.60 5.37 40.06
C LEU A 163 13.57 4.29 39.71
N LEU A 164 13.11 3.58 40.74
CA LEU A 164 12.03 2.63 40.54
C LEU A 164 10.74 3.37 40.20
N ASP A 165 9.87 2.70 39.44
CA ASP A 165 8.61 3.28 39.01
C ASP A 165 7.51 2.23 39.15
N GLU A 166 6.70 2.35 40.19
CA GLU A 166 5.60 1.43 40.43
C GLU A 166 6.10 0.01 40.61
N PRO A 167 6.92 -0.25 41.64
CA PRO A 167 7.42 -1.62 41.86
C PRO A 167 6.37 -2.52 42.52
N PHE A 168 5.42 -1.92 43.25
CA PHE A 168 4.37 -2.65 43.94
C PHE A 168 3.06 -2.64 43.15
N ALA A 169 3.13 -2.68 41.82
CA ALA A 169 1.94 -2.63 40.99
C ALA A 169 1.49 -4.04 40.66
N GLY A 170 0.30 -4.41 41.13
CA GLY A 170 -0.28 -5.70 40.81
C GLY A 170 0.54 -6.89 41.29
N VAL A 171 0.99 -6.83 42.54
CA VAL A 171 1.80 -7.89 43.14
C VAL A 171 1.07 -8.45 44.35
N ASP A 172 1.12 -9.76 44.51
CA ASP A 172 0.47 -10.39 45.64
C ASP A 172 1.13 -9.97 46.95
N PRO A 173 0.38 -10.01 48.05
CA PRO A 173 0.97 -9.58 49.34
C PRO A 173 2.20 -10.38 49.72
N ILE A 174 2.28 -11.65 49.33
CA ILE A 174 3.44 -12.47 49.69
C ILE A 174 4.67 -12.01 48.93
N SER A 175 4.52 -11.68 47.65
CA SER A 175 5.67 -11.30 46.84
C SER A 175 6.21 -9.93 47.18
N VAL A 176 5.43 -9.09 47.86
CA VAL A 176 5.90 -7.75 48.20
C VAL A 176 7.09 -7.81 49.14
N GLY A 177 7.14 -8.84 50.01
CA GLY A 177 8.26 -8.97 50.91
C GLY A 177 9.58 -9.11 50.17
N ASP A 178 9.58 -9.87 49.07
CA ASP A 178 10.80 -10.02 48.29
C ASP A 178 11.26 -8.70 47.71
N ILE A 179 10.33 -7.90 47.20
CA ILE A 179 10.69 -6.60 46.63
C ILE A 179 11.23 -5.68 47.72
N LYS A 180 10.61 -5.69 48.90
CA LYS A 180 11.12 -4.88 49.99
C LYS A 180 12.52 -5.32 50.40
N GLN A 181 12.76 -6.63 50.42
CA GLN A 181 14.09 -7.13 50.73
C GLN A 181 15.11 -6.68 49.69
N ILE A 182 14.73 -6.72 48.41
CA ILE A 182 15.64 -6.27 47.35
C ILE A 182 15.95 -4.79 47.50
N ILE A 183 14.93 -3.98 47.82
CA ILE A 183 15.15 -2.55 47.98
C ILE A 183 16.06 -2.28 49.17
N HIS A 184 15.87 -3.02 50.26
CA HIS A 184 16.75 -2.87 51.42
C HIS A 184 18.18 -3.27 51.06
N HIS A 185 18.33 -4.34 50.27
CA HIS A 185 19.66 -4.73 49.80
C HIS A 185 20.32 -3.60 49.01
N LEU A 186 19.58 -3.01 48.07
CA LEU A 186 20.13 -1.92 47.28
C LEU A 186 20.51 -0.74 48.16
N LYS A 187 19.66 -0.40 49.14
CA LYS A 187 19.99 0.70 50.04
C LYS A 187 21.26 0.39 50.83
N ALA A 188 21.39 -0.85 51.31
CA ALA A 188 22.61 -1.23 52.03
C ALA A 188 23.83 -1.16 51.12
N LYS A 189 23.66 -1.38 49.82
CA LYS A 189 24.77 -1.24 48.89
C LYS A 189 25.22 0.21 48.76
N GLY A 190 24.38 1.17 49.13
CA GLY A 190 24.73 2.57 49.05
C GLY A 190 24.19 3.25 47.81
N ILE A 191 22.96 2.92 47.43
CA ILE A 191 22.33 3.44 46.22
C ILE A 191 21.05 4.17 46.63
N GLY A 192 21.02 5.48 46.42
CA GLY A 192 19.80 6.24 46.66
C GLY A 192 18.68 5.77 45.75
N ILE A 193 17.48 5.57 46.29
CA ILE A 193 16.37 5.01 45.56
C ILE A 193 15.17 5.95 45.66
N LEU A 194 14.49 6.15 44.53
CA LEU A 194 13.27 6.93 44.47
C LEU A 194 12.13 6.03 44.02
N ILE A 195 11.04 6.01 44.79
CA ILE A 195 9.93 5.10 44.56
C ILE A 195 8.65 5.91 44.39
N THR A 196 7.84 5.53 43.41
CA THR A 196 6.57 6.18 43.15
C THR A 196 5.55 5.14 42.71
N ASP A 197 4.41 5.12 43.39
CA ASP A 197 3.31 4.23 43.02
C ASP A 197 2.09 4.63 43.84
N HIS A 198 1.01 3.87 43.66
CA HIS A 198 -0.26 4.15 44.33
C HIS A 198 -0.46 3.33 45.59
N ASN A 199 0.49 2.49 45.97
CA ASN A 199 0.40 1.70 47.20
C ASN A 199 0.89 2.54 48.36
N VAL A 200 -0.01 3.41 48.84
CA VAL A 200 0.34 4.36 49.89
C VAL A 200 0.69 3.68 51.21
N ARG A 201 0.50 2.37 51.32
CA ARG A 201 0.84 1.65 52.54
C ARG A 201 2.26 1.08 52.46
N GLU A 202 2.53 0.26 51.44
CA GLU A 202 3.86 -0.31 51.29
C GLU A 202 4.90 0.79 51.05
N THR A 203 4.56 1.78 50.22
CA THR A 203 5.50 2.85 49.93
C THR A 203 5.86 3.62 51.21
N LEU A 204 4.87 3.91 52.05
CA LEU A 204 5.16 4.62 53.29
C LEU A 204 5.89 3.72 54.28
N ASP A 205 5.64 2.41 54.25
CA ASP A 205 6.34 1.51 55.15
C ASP A 205 7.83 1.44 54.81
N ILE A 206 8.16 1.21 53.54
CA ILE A 206 9.55 1.03 53.15
C ILE A 206 10.29 2.36 53.15
N CYS A 207 9.63 3.42 52.69
CA CYS A 207 10.33 4.67 52.42
C CYS A 207 10.82 5.33 53.69
N GLU A 208 12.00 5.95 53.60
CA GLU A 208 12.53 6.77 54.68
C GLU A 208 12.01 8.20 54.65
N THR A 209 11.35 8.60 53.57
CA THR A 209 10.80 9.94 53.43
C THR A 209 9.76 9.88 52.32
N ALA A 210 8.97 10.96 52.22
CA ALA A 210 7.90 11.00 51.24
C ALA A 210 7.61 12.44 50.86
N TYR A 211 7.56 12.70 49.57
CA TYR A 211 7.15 14.01 49.04
C TYR A 211 5.78 13.85 48.42
N ILE A 212 4.82 14.64 48.89
CA ILE A 212 3.45 14.60 48.39
C ILE A 212 3.22 15.84 47.55
N VAL A 213 2.80 15.64 46.31
CA VAL A 213 2.56 16.73 45.37
C VAL A 213 1.07 16.72 45.01
N ASN A 214 0.41 17.85 45.23
CA ASN A 214 -1.00 18.02 44.90
C ASN A 214 -1.17 19.34 44.18
N ASP A 215 -1.90 19.32 43.07
CA ASP A 215 -2.07 20.52 42.23
C ASP A 215 -0.73 21.03 41.72
N GLY A 216 0.22 20.13 41.53
CA GLY A 216 1.51 20.50 40.99
C GLY A 216 2.47 21.17 41.95
N GLN A 217 2.16 21.18 43.24
CA GLN A 217 3.02 21.81 44.22
C GLN A 217 3.23 20.88 45.41
N LEU A 218 4.41 20.95 46.01
CA LEU A 218 4.72 20.13 47.17
C LEU A 218 3.92 20.63 48.37
N ILE A 219 3.13 19.73 48.96
CA ILE A 219 2.26 20.12 50.08
C ILE A 219 2.73 19.56 51.41
N ALA A 220 3.61 18.57 51.42
CA ALA A 220 4.06 17.96 52.66
C ALA A 220 5.34 17.17 52.40
N GLU A 221 5.94 16.69 53.48
CA GLU A 221 7.14 15.88 53.40
C GLU A 221 7.44 15.36 54.80
N GLY A 222 8.47 14.52 54.89
CA GLY A 222 8.86 13.92 56.15
C GLY A 222 8.52 12.44 56.18
N ASP A 223 8.91 11.82 57.30
CA ASP A 223 8.73 10.37 57.46
C ASP A 223 7.25 10.00 57.49
N ALA A 224 6.97 8.69 57.58
CA ALA A 224 5.58 8.23 57.52
C ALA A 224 4.76 8.80 58.66
N GLU A 225 5.32 8.85 59.87
CA GLU A 225 4.56 9.34 61.02
C GLU A 225 4.11 10.79 60.81
N SER A 226 5.02 11.65 60.33
CA SER A 226 4.65 13.03 60.08
C SER A 226 3.64 13.15 58.95
N ILE A 227 3.81 12.35 57.89
CA ILE A 227 2.89 12.42 56.76
C ILE A 227 1.48 12.04 57.18
N LEU A 228 1.35 10.91 57.88
CA LEU A 228 0.02 10.46 58.29
C LEU A 228 -0.63 11.45 59.25
N ALA A 229 0.13 11.94 60.23
CA ALA A 229 -0.41 12.90 61.20
C ALA A 229 -0.75 14.24 60.56
N ASN A 230 -0.21 14.53 59.38
CA ASN A 230 -0.50 15.79 58.72
C ASN A 230 -1.98 15.87 58.36
N ASP A 231 -2.50 17.09 58.33
CA ASP A 231 -3.93 17.31 58.10
C ASP A 231 -4.26 17.64 56.66
N LEU A 232 -3.45 18.47 55.99
CA LEU A 232 -3.75 18.84 54.62
C LEU A 232 -3.73 17.61 53.71
N VAL A 233 -2.72 16.75 53.88
CA VAL A 233 -2.64 15.52 53.09
C VAL A 233 -3.84 14.63 53.39
N LYS A 234 -4.22 14.53 54.66
CA LYS A 234 -5.38 13.71 55.02
C LYS A 234 -6.64 14.20 54.34
N GLU A 235 -6.87 15.53 54.33
CA GLU A 235 -8.09 16.05 53.76
C GLU A 235 -8.09 15.97 52.24
N VAL A 236 -6.92 16.10 51.61
CA VAL A 236 -6.87 16.13 50.15
C VAL A 236 -6.54 14.77 49.56
N TYR A 237 -5.63 14.01 50.18
CA TYR A 237 -5.14 12.78 49.58
C TYR A 237 -5.51 11.53 50.38
N LEU A 238 -5.15 11.45 51.65
CA LEU A 238 -5.29 10.20 52.38
C LEU A 238 -6.73 9.95 52.81
N GLY A 239 -7.50 10.99 53.10
CA GLY A 239 -8.84 10.79 53.60
C GLY A 239 -8.86 10.47 55.09
N HIS A 240 -9.87 10.95 55.80
CA HIS A 240 -9.90 10.78 57.25
C HIS A 240 -9.99 9.30 57.63
N GLU A 241 -10.78 8.52 56.89
CA GLU A 241 -10.93 7.11 57.21
C GLU A 241 -9.62 6.35 57.11
N PHE A 242 -8.67 6.84 56.34
CA PHE A 242 -7.40 6.14 56.18
C PHE A 242 -6.72 5.96 57.54
N ARG A 243 -6.23 4.75 57.79
CA ARG A 243 -5.55 4.44 59.04
C ARG A 243 -6.43 4.72 60.25
N ALA B 5 -33.25 -14.88 44.04
CA ALA B 5 -32.38 -15.54 43.07
C ALA B 5 -31.04 -15.88 43.71
N THR B 6 -30.40 -16.94 43.20
CA THR B 6 -29.11 -17.40 43.72
C THR B 6 -28.28 -17.91 42.55
N LEU B 7 -27.39 -17.06 42.03
CA LEU B 7 -26.46 -17.50 41.00
C LEU B 7 -25.59 -18.61 41.55
N LYS B 8 -25.44 -19.68 40.78
CA LYS B 8 -24.67 -20.85 41.20
C LYS B 8 -23.81 -21.34 40.06
N ALA B 9 -22.51 -21.41 40.29
CA ALA B 9 -21.58 -22.07 39.39
C ALA B 9 -21.09 -23.35 40.05
N GLN B 10 -21.27 -24.48 39.37
CA GLN B 10 -21.00 -25.79 39.95
C GLN B 10 -19.96 -26.51 39.10
N HIS B 11 -18.87 -26.94 39.73
CA HIS B 11 -17.85 -27.76 39.09
C HIS B 11 -17.36 -27.14 37.78
N LEU B 12 -17.11 -25.84 37.81
CA LEU B 12 -16.50 -25.19 36.66
C LEU B 12 -15.10 -25.75 36.42
N ALA B 13 -14.70 -25.83 35.16
CA ALA B 13 -13.37 -26.32 34.82
C ALA B 13 -13.02 -25.99 33.38
N LYS B 14 -11.85 -25.39 33.17
CA LYS B 14 -11.38 -25.06 31.84
C LYS B 14 -9.91 -25.44 31.73
N SER B 15 -9.49 -25.75 30.51
CA SER B 15 -8.10 -26.09 30.22
C SER B 15 -7.63 -25.26 29.03
N TYR B 16 -6.50 -24.59 29.20
CA TYR B 16 -5.94 -23.77 28.13
C TYR B 16 -5.22 -24.67 27.14
N LYS B 17 -4.44 -24.07 26.24
CA LYS B 17 -3.79 -24.85 25.19
C LYS B 17 -2.92 -25.96 25.78
N GLY B 18 -2.09 -25.64 26.76
CA GLY B 18 -1.13 -26.60 27.26
C GLY B 18 -1.46 -27.20 28.62
N ARG B 19 -1.93 -26.38 29.55
CA ARG B 19 -2.13 -26.83 30.93
C ARG B 19 -3.47 -26.34 31.46
N GLN B 20 -3.99 -27.06 32.44
CA GLN B 20 -5.23 -26.67 33.09
C GLN B 20 -5.06 -25.37 33.85
N VAL B 21 -6.14 -24.59 33.89
CA VAL B 21 -6.17 -23.34 34.63
C VAL B 21 -7.12 -23.41 35.81
N VAL B 22 -8.33 -23.94 35.60
CA VAL B 22 -9.33 -24.08 36.65
C VAL B 22 -9.88 -25.50 36.61
N ARG B 23 -10.02 -26.12 37.78
CA ARG B 23 -10.55 -27.48 37.88
C ARG B 23 -11.42 -27.58 39.12
N ASP B 24 -12.68 -27.97 38.92
CA ASP B 24 -13.61 -28.24 40.01
C ASP B 24 -13.71 -27.06 40.98
N VAL B 25 -14.20 -25.93 40.46
CA VAL B 25 -14.46 -24.74 41.25
C VAL B 25 -15.97 -24.55 41.35
N SER B 26 -16.47 -24.39 42.56
CA SER B 26 -17.89 -24.22 42.82
C SER B 26 -18.11 -22.92 43.57
N MET B 27 -19.08 -22.13 43.11
CA MET B 27 -19.39 -20.82 43.67
C MET B 27 -20.89 -20.71 43.91
N SER B 28 -21.28 -19.70 44.67
CA SER B 28 -22.70 -19.44 44.92
C SER B 28 -22.85 -18.03 45.44
N ILE B 29 -23.64 -17.21 44.75
CA ILE B 29 -23.93 -15.84 45.15
C ILE B 29 -25.43 -15.68 45.28
N ASP B 30 -25.87 -15.13 46.40
CA ASP B 30 -27.29 -14.93 46.68
C ASP B 30 -27.61 -13.45 46.63
N SER B 31 -28.84 -13.15 46.23
CA SER B 31 -29.26 -11.76 46.08
C SER B 31 -29.09 -11.00 47.40
N GLY B 32 -28.60 -9.77 47.30
CA GLY B 32 -28.45 -8.91 48.44
C GLY B 32 -27.17 -9.08 49.24
N GLN B 33 -26.28 -9.98 48.81
CA GLN B 33 -25.05 -10.24 49.54
C GLN B 33 -23.85 -10.05 48.61
N ILE B 34 -22.78 -9.47 49.15
CA ILE B 34 -21.56 -9.21 48.40
C ILE B 34 -20.62 -10.38 48.59
N VAL B 35 -20.07 -10.89 47.49
CA VAL B 35 -19.12 -12.00 47.51
C VAL B 35 -17.90 -11.60 46.71
N GLY B 36 -16.74 -11.66 47.34
CA GLY B 36 -15.48 -11.35 46.68
C GLY B 36 -14.79 -12.62 46.21
N LEU B 37 -14.00 -12.48 45.15
CA LEU B 37 -13.24 -13.59 44.57
C LEU B 37 -11.78 -13.16 44.49
N LEU B 38 -10.93 -13.77 45.31
CA LEU B 38 -9.54 -13.37 45.44
C LEU B 38 -8.62 -14.57 45.32
N GLY B 39 -7.43 -14.34 44.79
CA GLY B 39 -6.42 -15.37 44.67
C GLY B 39 -5.17 -14.85 44.00
N PRO B 40 -4.11 -15.66 43.99
CA PRO B 40 -2.90 -15.26 43.29
C PRO B 40 -3.17 -15.05 41.80
N ASN B 41 -2.38 -14.16 41.21
CA ASN B 41 -2.61 -13.79 39.81
C ASN B 41 -2.51 -15.01 38.90
N GLY B 42 -1.51 -15.87 39.13
CA GLY B 42 -1.38 -17.07 38.32
C GLY B 42 -2.54 -18.04 38.46
N ALA B 43 -3.28 -17.95 39.56
CA ALA B 43 -4.42 -18.84 39.77
C ALA B 43 -5.51 -18.55 38.75
N GLY B 44 -6.59 -19.32 38.83
CA GLY B 44 -7.68 -19.18 37.88
C GLY B 44 -8.80 -18.28 38.36
N LYS B 45 -8.48 -17.26 39.15
CA LYS B 45 -9.51 -16.34 39.62
C LYS B 45 -10.13 -15.57 38.45
N THR B 46 -9.30 -15.00 37.59
CA THR B 46 -9.81 -14.24 36.45
C THR B 46 -10.58 -15.14 35.49
N THR B 47 -10.06 -16.34 35.23
CA THR B 47 -10.77 -17.24 34.33
C THR B 47 -12.10 -17.68 34.90
N CYS B 48 -12.16 -17.94 36.21
CA CYS B 48 -13.43 -18.29 36.84
C CYS B 48 -14.41 -17.13 36.75
N PHE B 49 -13.93 -15.91 37.01
CA PHE B 49 -14.80 -14.74 36.91
C PHE B 49 -15.36 -14.59 35.50
N TYR B 50 -14.51 -14.76 34.50
CA TYR B 50 -14.96 -14.59 33.12
C TYR B 50 -15.88 -15.71 32.68
N MET B 51 -15.63 -16.94 33.15
CA MET B 51 -16.54 -18.03 32.84
C MET B 51 -17.90 -17.80 33.46
N ILE B 52 -17.94 -17.27 34.69
CA ILE B 52 -19.21 -16.91 35.30
C ILE B 52 -19.90 -15.83 34.48
N VAL B 53 -19.15 -14.82 34.06
CA VAL B 53 -19.72 -13.76 33.22
C VAL B 53 -20.18 -14.33 31.89
N GLY B 54 -19.37 -15.19 31.28
CA GLY B 54 -19.68 -15.79 29.99
C GLY B 54 -18.71 -15.42 28.88
N LEU B 55 -17.67 -14.64 29.15
CA LEU B 55 -16.75 -14.25 28.08
C LEU B 55 -16.03 -15.47 27.51
N VAL B 56 -15.62 -16.40 28.35
CA VAL B 56 -14.92 -17.61 27.93
C VAL B 56 -15.77 -18.81 28.27
N GLN B 57 -16.03 -19.66 27.29
CA GLN B 57 -16.84 -20.85 27.51
C GLN B 57 -16.17 -21.78 28.52
N ALA B 58 -16.98 -22.43 29.33
CA ALA B 58 -16.50 -23.37 30.34
C ALA B 58 -16.57 -24.78 29.82
N ASP B 59 -15.45 -25.52 29.93
CA ASP B 59 -15.42 -26.88 29.42
C ASP B 59 -16.42 -27.77 30.16
N GLN B 60 -16.48 -27.65 31.48
CA GLN B 60 -17.36 -28.46 32.29
C GLN B 60 -18.05 -27.58 33.32
N GLY B 61 -19.08 -28.13 33.96
CA GLY B 61 -19.84 -27.39 34.95
C GLY B 61 -21.01 -26.64 34.34
N VAL B 62 -22.00 -26.38 35.19
CA VAL B 62 -23.23 -25.69 34.79
C VAL B 62 -23.36 -24.42 35.61
N VAL B 63 -23.58 -23.30 34.93
CA VAL B 63 -23.84 -22.02 35.57
C VAL B 63 -25.33 -21.75 35.45
N ARG B 64 -26.04 -21.81 36.58
CA ARG B 64 -27.47 -21.64 36.59
C ARG B 64 -27.85 -20.53 37.56
N ILE B 65 -28.92 -19.81 37.22
CA ILE B 65 -29.41 -18.70 38.03
C ILE B 65 -30.86 -19.00 38.39
N ASP B 66 -31.07 -19.52 39.60
CA ASP B 66 -32.41 -19.80 40.10
C ASP B 66 -33.10 -20.88 39.27
N GLU B 67 -32.43 -22.02 39.12
CA GLU B 67 -33.00 -23.18 38.44
C GLU B 67 -33.30 -22.88 36.97
N GLN B 68 -32.31 -22.31 36.29
CA GLN B 68 -32.42 -22.04 34.86
C GLN B 68 -31.02 -22.17 34.27
N ASN B 69 -30.70 -23.34 33.73
CA ASN B 69 -29.37 -23.60 33.20
C ASN B 69 -29.01 -22.61 32.11
N VAL B 70 -28.02 -21.76 32.36
CA VAL B 70 -27.58 -20.77 31.39
C VAL B 70 -26.12 -21.01 31.02
N THR B 71 -25.69 -22.27 31.13
CA THR B 71 -24.29 -22.58 30.85
C THR B 71 -23.96 -22.35 29.38
N HIS B 72 -24.86 -22.74 28.48
CA HIS B 72 -24.59 -22.67 27.05
C HIS B 72 -25.04 -21.35 26.41
N LEU B 73 -25.75 -20.50 27.15
CA LEU B 73 -26.20 -19.24 26.59
C LEU B 73 -25.01 -18.31 26.37
N PRO B 74 -25.10 -17.42 25.38
CA PRO B 74 -24.00 -16.47 25.14
C PRO B 74 -24.00 -15.33 26.15
N MET B 75 -23.10 -14.36 25.97
CA MET B 75 -23.03 -13.25 26.92
C MET B 75 -24.35 -12.49 26.98
N HIS B 76 -24.95 -12.19 25.82
CA HIS B 76 -26.23 -11.50 25.82
C HIS B 76 -27.35 -12.38 26.37
N GLY B 77 -27.25 -13.70 26.16
CA GLY B 77 -28.24 -14.59 26.76
C GLY B 77 -28.23 -14.50 28.27
N ARG B 78 -27.04 -14.55 28.87
CA ARG B 78 -26.93 -14.38 30.32
C ARG B 78 -27.40 -13.00 30.74
N ALA B 79 -27.02 -11.96 29.99
CA ALA B 79 -27.43 -10.61 30.34
C ALA B 79 -28.95 -10.50 30.39
N ARG B 80 -29.64 -11.13 29.44
CA ARG B 80 -31.10 -11.21 29.52
C ARG B 80 -31.53 -12.09 30.68
N ALA B 81 -30.71 -13.06 31.06
CA ALA B 81 -31.04 -13.92 32.20
C ALA B 81 -31.11 -13.13 33.50
N GLY B 82 -30.23 -12.14 33.66
CA GLY B 82 -30.21 -11.33 34.86
C GLY B 82 -28.84 -10.91 35.32
N ILE B 83 -27.79 -11.53 34.75
CA ILE B 83 -26.44 -11.16 35.12
C ILE B 83 -26.06 -9.82 34.48
N GLY B 84 -25.12 -9.13 35.12
CA GLY B 84 -24.61 -7.88 34.60
C GLY B 84 -23.11 -7.92 34.41
N TYR B 85 -22.48 -6.76 34.19
CA TYR B 85 -21.04 -6.71 34.03
C TYR B 85 -20.60 -5.25 34.00
N LEU B 86 -19.43 -4.99 34.59
CA LEU B 86 -18.86 -3.64 34.62
C LEU B 86 -17.36 -3.75 34.37
N PRO B 87 -16.91 -3.51 33.14
CA PRO B 87 -15.48 -3.67 32.84
C PRO B 87 -14.63 -2.69 33.63
N GLN B 88 -13.41 -3.12 33.94
CA GLN B 88 -12.53 -2.30 34.76
C GLN B 88 -12.20 -0.98 34.08
N GLU B 89 -11.74 -1.03 32.83
CA GLU B 89 -11.36 0.18 32.12
C GLU B 89 -12.60 1.03 31.84
N ALA B 90 -12.36 2.26 31.40
CA ALA B 90 -13.45 3.15 31.05
C ALA B 90 -14.30 2.52 29.95
N SER B 91 -15.62 2.51 30.15
CA SER B 91 -16.54 1.90 29.20
C SER B 91 -17.75 2.81 29.02
N ILE B 92 -17.52 4.09 28.86
CA ILE B 92 -18.58 5.09 28.74
C ILE B 92 -18.68 5.53 27.30
N PHE B 93 -19.92 5.72 26.82
CA PHE B 93 -20.16 6.16 25.46
C PHE B 93 -19.64 7.59 25.33
N ARG B 94 -18.50 7.75 24.67
CA ARG B 94 -17.76 9.01 24.72
C ARG B 94 -18.57 10.14 24.11
N LYS B 95 -19.20 9.92 22.96
CA LYS B 95 -19.86 10.98 22.22
C LYS B 95 -21.32 11.15 22.59
N LEU B 96 -21.82 10.40 23.57
CA LEU B 96 -23.21 10.50 24.00
C LEU B 96 -23.25 11.16 25.37
N SER B 97 -24.16 12.13 25.53
CA SER B 97 -24.30 12.79 26.81
C SER B 97 -24.70 11.79 27.89
N VAL B 98 -24.55 12.22 29.16
CA VAL B 98 -24.84 11.33 30.28
C VAL B 98 -26.29 10.86 30.22
N SER B 99 -27.22 11.80 30.02
CA SER B 99 -28.62 11.43 29.89
C SER B 99 -28.79 10.45 28.74
N ASP B 100 -28.11 10.68 27.62
CA ASP B 100 -28.14 9.72 26.52
C ASP B 100 -27.43 8.43 26.90
N ASN B 101 -26.32 8.53 27.64
CA ASN B 101 -25.63 7.34 28.09
C ASN B 101 -26.57 6.39 28.82
N ILE B 102 -27.49 6.95 29.61
CA ILE B 102 -28.43 6.11 30.35
C ILE B 102 -29.60 5.70 29.48
N MET B 103 -30.15 6.64 28.70
CA MET B 103 -31.37 6.36 27.93
C MET B 103 -31.12 5.36 26.81
N ALA B 104 -29.92 5.32 26.25
CA ALA B 104 -29.63 4.36 25.20
C ALA B 104 -29.82 2.93 25.72
N ILE B 105 -29.32 2.65 26.93
CA ILE B 105 -29.53 1.35 27.54
C ILE B 105 -30.98 1.19 27.97
N LEU B 106 -31.58 2.25 28.50
CA LEU B 106 -32.96 2.17 28.96
C LEU B 106 -33.90 1.78 27.82
N GLU B 107 -33.55 2.15 26.58
CA GLU B 107 -34.39 1.81 25.44
C GLU B 107 -34.49 0.30 25.26
N THR B 108 -33.39 -0.41 25.47
CA THR B 108 -33.36 -1.84 25.16
C THR B 108 -34.36 -2.63 26.00
N ARG B 109 -34.67 -2.16 27.21
CA ARG B 109 -35.60 -2.89 28.06
C ARG B 109 -36.96 -3.01 27.40
N SER B 110 -37.47 -4.25 27.35
CA SER B 110 -38.71 -4.50 26.61
C SER B 110 -39.93 -3.99 27.35
N ASP B 111 -39.98 -4.19 28.67
CA ASP B 111 -41.19 -3.89 29.43
C ASP B 111 -41.52 -2.40 29.40
N LEU B 112 -40.50 -1.55 29.52
CA LEU B 112 -40.73 -0.12 29.69
C LEU B 112 -41.37 0.51 28.46
N ASP B 113 -42.17 1.55 28.70
CA ASP B 113 -42.77 2.36 27.67
C ASP B 113 -42.15 3.76 27.70
N ARG B 114 -42.60 4.62 26.78
CA ARG B 114 -42.00 5.94 26.66
C ARG B 114 -42.10 6.71 27.96
N ASN B 115 -43.31 6.82 28.52
CA ASN B 115 -43.47 7.50 29.80
C ASN B 115 -42.70 6.77 30.90
N GLY B 116 -42.79 5.45 30.91
CA GLY B 116 -42.03 4.67 31.88
C GLY B 116 -40.54 4.85 31.71
N ARG B 117 -40.07 4.88 30.47
CA ARG B 117 -38.64 5.07 30.21
C ARG B 117 -38.18 6.43 30.74
N LYS B 118 -38.95 7.48 30.47
CA LYS B 118 -38.56 8.80 30.94
C LYS B 118 -38.56 8.89 32.46
N GLU B 119 -39.59 8.32 33.09
CA GLU B 119 -39.65 8.34 34.55
C GLU B 119 -38.49 7.57 35.16
N ALA B 120 -38.18 6.40 34.60
CA ALA B 120 -37.06 5.62 35.11
C ALA B 120 -35.75 6.35 34.92
N LEU B 121 -35.57 7.02 33.79
CA LEU B 121 -34.34 7.77 33.56
C LEU B 121 -34.21 8.91 34.57
N GLU B 122 -35.30 9.63 34.83
CA GLU B 122 -35.24 10.70 35.82
C GLU B 122 -34.91 10.15 37.20
N GLY B 123 -35.54 9.04 37.58
CA GLY B 123 -35.25 8.43 38.87
C GLY B 123 -33.80 7.99 38.99
N LEU B 124 -33.27 7.38 37.94
CA LEU B 124 -31.87 6.95 37.96
C LEU B 124 -30.93 8.14 38.04
N LEU B 125 -31.22 9.22 37.30
CA LEU B 125 -30.38 10.41 37.36
C LEU B 125 -30.37 11.00 38.75
N GLN B 126 -31.54 11.07 39.40
CA GLN B 126 -31.59 11.63 40.74
C GLN B 126 -30.96 10.69 41.77
N GLU B 127 -31.03 9.38 41.53
CA GLU B 127 -30.57 8.41 42.52
C GLU B 127 -29.06 8.52 42.75
N PHE B 128 -28.29 8.66 41.68
CA PHE B 128 -26.84 8.63 41.75
C PHE B 128 -26.21 10.02 41.70
N HIS B 129 -27.01 11.07 41.87
CA HIS B 129 -26.51 12.44 41.97
C HIS B 129 -25.68 12.82 40.75
N ILE B 130 -26.23 12.57 39.57
CA ILE B 130 -25.64 13.03 38.32
C ILE B 130 -26.60 13.95 37.56
N HIS B 131 -27.60 14.49 38.26
CA HIS B 131 -28.54 15.40 37.61
C HIS B 131 -27.85 16.65 37.10
N HIS B 132 -26.91 17.19 37.88
CA HIS B 132 -26.25 18.44 37.50
C HIS B 132 -25.48 18.32 36.20
N ILE B 133 -25.12 17.10 35.80
CA ILE B 133 -24.27 16.91 34.62
C ILE B 133 -25.02 16.13 33.55
N ARG B 134 -26.34 16.33 33.47
CA ARG B 134 -27.16 15.58 32.52
C ARG B 134 -26.94 16.02 31.09
N ASP B 135 -25.95 16.85 30.78
CA ASP B 135 -25.71 17.28 29.41
C ASP B 135 -24.27 17.11 28.95
N ASN B 136 -23.32 16.93 29.86
CA ASN B 136 -21.92 16.82 29.46
C ASN B 136 -21.69 15.56 28.64
N LEU B 137 -20.79 15.65 27.65
CA LEU B 137 -20.39 14.49 26.89
C LEU B 137 -19.64 13.51 27.79
N GLY B 138 -19.69 12.24 27.41
CA GLY B 138 -19.04 11.22 28.22
C GLY B 138 -17.54 11.40 28.33
N MET B 139 -16.92 11.88 27.25
CA MET B 139 -15.46 12.00 27.23
C MET B 139 -14.95 13.09 28.17
N SER B 140 -15.82 14.02 28.58
CA SER B 140 -15.41 15.15 29.40
C SER B 140 -15.59 14.92 30.90
N LEU B 141 -16.05 13.73 31.30
CA LEU B 141 -16.34 13.47 32.70
C LEU B 141 -15.10 12.99 33.44
N SER B 142 -15.04 13.32 34.73
CA SER B 142 -13.94 12.92 35.59
C SER B 142 -14.12 11.47 36.05
N GLY B 143 -13.15 10.98 36.82
CA GLY B 143 -13.20 9.58 37.24
C GLY B 143 -14.42 9.26 38.07
N GLY B 144 -14.70 10.08 39.09
CA GLY B 144 -15.84 9.80 39.95
C GLY B 144 -17.16 9.91 39.22
N GLU B 145 -17.34 10.99 38.45
CA GLU B 145 -18.57 11.15 37.69
C GLU B 145 -18.70 10.07 36.63
N ARG B 146 -17.59 9.71 35.98
CA ARG B 146 -17.63 8.64 34.99
C ARG B 146 -18.06 7.32 35.62
N ARG B 147 -17.53 7.00 36.80
CA ARG B 147 -17.90 5.75 37.46
C ARG B 147 -19.36 5.77 37.89
N ARG B 148 -19.83 6.93 38.40
CA ARG B 148 -21.24 7.02 38.77
C ARG B 148 -22.15 6.82 37.56
N VAL B 149 -21.80 7.44 36.44
CA VAL B 149 -22.60 7.28 35.22
C VAL B 149 -22.56 5.84 34.74
N GLU B 150 -21.39 5.20 34.82
CA GLU B 150 -21.29 3.80 34.40
C GLU B 150 -22.16 2.91 35.27
N ILE B 151 -22.18 3.15 36.58
CA ILE B 151 -23.00 2.33 37.46
C ILE B 151 -24.48 2.58 37.19
N ALA B 152 -24.86 3.83 36.93
CA ALA B 152 -26.24 4.12 36.57
C ALA B 152 -26.63 3.41 35.28
N ARG B 153 -25.75 3.41 34.29
CA ARG B 153 -26.01 2.71 33.04
C ARG B 153 -26.18 1.21 33.28
N ALA B 154 -25.31 0.63 34.11
CA ALA B 154 -25.42 -0.79 34.40
C ALA B 154 -26.74 -1.12 35.09
N LEU B 155 -27.16 -0.25 36.03
CA LEU B 155 -28.43 -0.48 36.70
C LEU B 155 -29.61 -0.29 35.77
N ALA B 156 -29.48 0.56 34.76
CA ALA B 156 -30.60 0.83 33.87
C ALA B 156 -31.11 -0.45 33.20
N SER B 157 -30.24 -1.45 33.05
CA SER B 157 -30.66 -2.73 32.48
C SER B 157 -31.43 -3.59 33.47
N ALA B 158 -31.54 -3.17 34.73
CA ALA B 158 -32.26 -3.92 35.75
C ALA B 158 -31.68 -5.33 35.87
N PRO B 159 -30.41 -5.46 36.25
CA PRO B 159 -29.81 -6.79 36.40
C PRO B 159 -30.15 -7.38 37.77
N LYS B 160 -29.85 -8.67 37.90
CA LYS B 160 -30.04 -9.36 39.17
C LYS B 160 -28.73 -9.60 39.92
N PHE B 161 -27.62 -9.75 39.20
CA PHE B 161 -26.30 -9.82 39.80
C PHE B 161 -25.34 -9.02 38.92
N ILE B 162 -24.60 -8.10 39.52
CA ILE B 162 -23.66 -7.26 38.81
C ILE B 162 -22.26 -7.69 39.20
N LEU B 163 -21.45 -8.05 38.20
CA LEU B 163 -20.13 -8.63 38.42
C LEU B 163 -19.08 -7.54 38.18
N LEU B 164 -18.81 -6.76 39.22
CA LEU B 164 -17.78 -5.74 39.14
C LEU B 164 -16.40 -6.37 38.96
N ASP B 165 -15.52 -5.65 38.29
CA ASP B 165 -14.17 -6.11 38.02
C ASP B 165 -13.18 -5.01 38.37
N GLU B 166 -12.29 -5.29 39.33
CA GLU B 166 -11.30 -4.33 39.77
C GLU B 166 -11.89 -2.97 40.10
N PRO B 167 -12.90 -2.90 40.97
CA PRO B 167 -13.49 -1.60 41.31
C PRO B 167 -12.50 -0.64 41.94
N PHE B 168 -11.54 -1.13 42.71
CA PHE B 168 -10.63 -0.29 43.48
C PHE B 168 -9.27 -0.11 42.80
N ALA B 169 -9.08 -0.64 41.61
CA ALA B 169 -7.79 -0.54 40.95
C ALA B 169 -7.54 0.89 40.48
N GLY B 170 -6.37 1.41 40.81
CA GLY B 170 -6.01 2.76 40.38
C GLY B 170 -6.91 3.84 40.92
N VAL B 171 -7.25 3.78 42.20
CA VAL B 171 -8.09 4.79 42.84
C VAL B 171 -7.41 5.22 44.13
N ASP B 172 -7.28 6.53 44.33
CA ASP B 172 -6.66 7.05 45.53
C ASP B 172 -7.55 6.78 46.74
N PRO B 173 -6.97 6.78 47.94
CA PRO B 173 -7.73 6.35 49.12
C PRO B 173 -9.01 7.14 49.36
N ILE B 174 -9.07 8.40 48.93
CA ILE B 174 -10.26 9.20 49.18
C ILE B 174 -11.45 8.66 48.38
N SER B 175 -11.21 8.17 47.17
CA SER B 175 -12.29 7.71 46.31
C SER B 175 -12.78 6.30 46.63
N VAL B 176 -11.99 5.51 47.35
CA VAL B 176 -12.45 4.18 47.72
C VAL B 176 -13.67 4.27 48.62
N GLY B 177 -13.76 5.33 49.42
CA GLY B 177 -14.95 5.53 50.23
C GLY B 177 -16.19 5.69 49.38
N ASP B 178 -16.11 6.51 48.34
CA ASP B 178 -17.23 6.67 47.42
C ASP B 178 -17.57 5.37 46.72
N ILE B 179 -16.54 4.62 46.31
CA ILE B 179 -16.78 3.35 45.63
C ILE B 179 -17.53 2.39 46.55
N LYS B 180 -17.08 2.30 47.81
CA LYS B 180 -17.76 1.42 48.76
C LYS B 180 -19.17 1.88 49.05
N GLN B 181 -19.39 3.20 49.11
CA GLN B 181 -20.74 3.71 49.28
C GLN B 181 -21.63 3.30 48.12
N ILE B 182 -21.11 3.39 46.90
CA ILE B 182 -21.88 2.98 45.73
C ILE B 182 -22.20 1.49 45.80
N ILE B 183 -21.21 0.68 46.18
CA ILE B 183 -21.45 -0.77 46.27
C ILE B 183 -22.52 -1.08 47.30
N HIS B 184 -22.46 -0.43 48.46
CA HIS B 184 -23.47 -0.67 49.48
C HIS B 184 -24.84 -0.19 49.03
N HIS B 185 -24.89 0.94 48.32
CA HIS B 185 -26.15 1.42 47.77
C HIS B 185 -26.75 0.41 46.82
N LEU B 186 -25.91 -0.19 45.97
CA LEU B 186 -26.38 -1.25 45.08
C LEU B 186 -26.90 -2.45 45.87
N LYS B 187 -26.15 -2.85 46.90
CA LYS B 187 -26.57 -4.01 47.69
C LYS B 187 -27.91 -3.76 48.39
N ALA B 188 -28.18 -2.51 48.76
CA ALA B 188 -29.45 -2.20 49.42
C ALA B 188 -30.63 -2.53 48.53
N LYS B 189 -30.50 -2.26 47.23
CA LYS B 189 -31.59 -2.51 46.29
C LYS B 189 -31.88 -4.00 46.10
N GLY B 190 -31.01 -4.88 46.57
CA GLY B 190 -31.21 -6.31 46.45
C GLY B 190 -30.27 -7.01 45.50
N ILE B 191 -29.51 -6.27 44.69
CA ILE B 191 -28.57 -6.89 43.76
C ILE B 191 -27.46 -7.57 44.54
N GLY B 192 -26.86 -8.58 43.93
CA GLY B 192 -25.72 -9.29 44.50
C GLY B 192 -24.48 -9.02 43.67
N ILE B 193 -23.41 -8.62 44.35
CA ILE B 193 -22.18 -8.18 43.71
C ILE B 193 -21.09 -9.21 43.95
N LEU B 194 -20.32 -9.50 42.90
CA LEU B 194 -19.21 -10.44 42.96
C LEU B 194 -17.94 -9.69 42.56
N ILE B 195 -17.21 -9.18 43.54
CA ILE B 195 -16.04 -8.35 43.30
C ILE B 195 -14.81 -9.22 43.18
N THR B 196 -14.01 -8.98 42.15
CA THR B 196 -12.67 -9.53 42.03
C THR B 196 -11.70 -8.36 41.89
N ASP B 197 -10.66 -8.36 42.72
CA ASP B 197 -9.75 -7.22 42.73
C ASP B 197 -8.40 -7.66 43.26
N HIS B 198 -7.36 -6.90 42.88
CA HIS B 198 -6.03 -7.10 43.42
C HIS B 198 -5.90 -6.59 44.84
N ASN B 199 -6.60 -5.51 45.18
CA ASN B 199 -6.51 -4.91 46.50
C ASN B 199 -7.23 -5.78 47.53
N VAL B 200 -6.48 -6.66 48.20
CA VAL B 200 -7.10 -7.63 49.10
C VAL B 200 -7.68 -6.92 50.32
N ARG B 201 -7.00 -5.90 50.82
CA ARG B 201 -7.45 -5.24 52.05
C ARG B 201 -8.87 -4.70 51.90
N GLU B 202 -9.11 -3.89 50.88
CA GLU B 202 -10.43 -3.31 50.68
C GLU B 202 -11.46 -4.38 50.31
N THR B 203 -11.08 -5.34 49.47
CA THR B 203 -12.03 -6.37 49.05
C THR B 203 -12.52 -7.18 50.25
N LEU B 204 -11.62 -7.55 51.15
CA LEU B 204 -12.03 -8.25 52.36
C LEU B 204 -12.75 -7.32 53.32
N ASP B 205 -12.43 -6.02 53.29
CA ASP B 205 -13.14 -5.07 54.12
C ASP B 205 -14.61 -5.00 53.76
N ILE B 206 -14.92 -5.01 52.46
CA ILE B 206 -16.29 -4.81 52.00
C ILE B 206 -17.02 -6.14 51.84
N CYS B 207 -16.41 -7.10 51.17
CA CYS B 207 -17.11 -8.34 50.84
C CYS B 207 -17.53 -9.08 52.10
N GLU B 208 -18.73 -9.64 52.09
CA GLU B 208 -19.23 -10.39 53.24
C GLU B 208 -18.60 -11.77 53.31
N THR B 209 -18.36 -12.40 52.17
CA THR B 209 -17.67 -13.68 52.10
C THR B 209 -16.75 -13.68 50.90
N ALA B 210 -15.71 -14.52 50.95
CA ALA B 210 -14.70 -14.56 49.92
C ALA B 210 -14.42 -15.99 49.51
N TYR B 211 -14.13 -16.18 48.22
CA TYR B 211 -13.70 -17.44 47.68
C TYR B 211 -12.27 -17.27 47.17
N ILE B 212 -11.36 -18.12 47.65
CA ILE B 212 -9.95 -18.05 47.30
C ILE B 212 -9.61 -19.22 46.41
N VAL B 213 -8.98 -18.95 45.27
CA VAL B 213 -8.56 -19.97 44.32
C VAL B 213 -7.04 -19.90 44.20
N ASN B 214 -6.40 -21.06 44.30
CA ASN B 214 -4.93 -21.13 44.38
C ASN B 214 -4.30 -21.57 43.07
N ASP B 215 -4.67 -22.74 42.56
CA ASP B 215 -4.11 -23.28 41.33
C ASP B 215 -5.21 -23.90 40.48
N GLY B 216 -6.32 -23.18 40.35
CA GLY B 216 -7.49 -23.69 39.68
C GLY B 216 -8.51 -24.35 40.59
N GLN B 217 -8.19 -24.53 41.87
CA GLN B 217 -9.12 -25.10 42.83
C GLN B 217 -9.23 -24.15 44.01
N LEU B 218 -10.44 -23.75 44.34
CA LEU B 218 -10.63 -22.87 45.49
C LEU B 218 -10.15 -23.56 46.75
N ILE B 219 -9.33 -22.86 47.54
CA ILE B 219 -8.68 -23.45 48.70
C ILE B 219 -9.26 -22.96 50.02
N ALA B 220 -9.97 -21.83 50.03
CA ALA B 220 -10.58 -21.31 51.25
C ALA B 220 -11.85 -20.58 50.89
N GLU B 221 -12.71 -20.42 51.89
CA GLU B 221 -13.98 -19.72 51.71
C GLU B 221 -14.60 -19.48 53.08
N GLY B 222 -15.23 -18.33 53.24
CA GLY B 222 -15.83 -17.93 54.48
C GLY B 222 -15.67 -16.44 54.69
N ASP B 223 -16.01 -15.98 55.89
CA ASP B 223 -15.91 -14.57 56.20
C ASP B 223 -14.45 -14.12 56.19
N ALA B 224 -14.25 -12.81 56.37
CA ALA B 224 -12.90 -12.27 56.37
C ALA B 224 -12.07 -12.84 57.51
N GLU B 225 -12.67 -12.98 58.70
CA GLU B 225 -11.93 -13.50 59.84
C GLU B 225 -11.42 -14.91 59.57
N SER B 226 -12.28 -15.77 59.02
CA SER B 226 -11.85 -17.13 58.69
C SER B 226 -10.77 -17.12 57.61
N ILE B 227 -10.93 -16.27 56.60
CA ILE B 227 -9.97 -16.24 55.49
C ILE B 227 -8.60 -15.80 55.99
N LEU B 228 -8.56 -14.87 56.93
CA LEU B 228 -7.29 -14.40 57.46
C LEU B 228 -6.64 -15.42 58.38
N ALA B 229 -7.40 -16.39 58.89
CA ALA B 229 -6.86 -17.35 59.85
C ALA B 229 -6.33 -18.62 59.20
N ASN B 230 -6.82 -18.98 58.01
CA ASN B 230 -6.37 -20.20 57.37
C ASN B 230 -4.87 -20.17 57.13
N ASP B 231 -4.20 -21.28 57.46
CA ASP B 231 -2.76 -21.35 57.27
C ASP B 231 -2.38 -21.53 55.81
N LEU B 232 -3.18 -22.28 55.04
CA LEU B 232 -2.88 -22.47 53.63
C LEU B 232 -2.87 -21.15 52.88
N VAL B 233 -3.88 -20.31 53.13
CA VAL B 233 -3.89 -18.98 52.52
C VAL B 233 -2.70 -18.17 52.99
N LYS B 234 -2.43 -18.20 54.30
CA LYS B 234 -1.31 -17.44 54.83
C LYS B 234 0.00 -17.84 54.17
N GLU B 235 0.09 -19.09 53.71
CA GLU B 235 1.33 -19.58 53.11
C GLU B 235 1.38 -19.39 51.60
N VAL B 236 0.24 -19.31 50.93
CA VAL B 236 0.19 -19.22 49.47
C VAL B 236 -0.03 -17.78 49.00
N TYR B 237 -1.06 -17.12 49.52
CA TYR B 237 -1.48 -15.81 49.04
C TYR B 237 -1.11 -14.68 49.99
N LEU B 238 -1.56 -14.74 51.25
CA LEU B 238 -1.42 -13.60 52.14
C LEU B 238 0.01 -13.45 52.65
N GLY B 239 0.65 -14.53 53.05
CA GLY B 239 1.93 -14.41 53.71
C GLY B 239 1.80 -14.18 55.20
N HIS B 240 2.83 -14.63 55.93
CA HIS B 240 2.79 -14.51 57.39
C HIS B 240 2.79 -13.05 57.83
N GLU B 241 3.59 -12.21 57.16
CA GLU B 241 3.69 -10.81 57.56
C GLU B 241 2.38 -10.05 57.42
N PHE B 242 1.50 -10.50 56.54
CA PHE B 242 0.29 -9.74 56.25
C PHE B 242 -0.53 -9.50 57.51
N ARG B 243 -0.93 -8.25 57.72
CA ARG B 243 -1.71 -7.85 58.87
C ARG B 243 -1.13 -8.40 60.17
N MET C 4 -34.83 0.44 20.00
CA MET C 4 -33.41 0.78 20.01
C MET C 4 -33.10 1.79 18.91
N VAL C 5 -33.00 3.06 19.29
CA VAL C 5 -32.83 4.15 18.35
C VAL C 5 -31.48 4.84 18.52
N LYS C 6 -31.05 5.06 19.77
CA LYS C 6 -29.84 5.83 20.00
C LYS C 6 -28.58 5.01 19.72
N LEU C 7 -28.58 3.74 20.08
CA LEU C 7 -27.43 2.89 19.79
C LEU C 7 -27.26 2.68 18.30
N ASP C 8 -28.37 2.46 17.59
CA ASP C 8 -28.30 2.31 16.14
C ASP C 8 -27.72 3.55 15.50
N ARG C 9 -28.18 4.73 15.92
CA ARG C 9 -27.64 5.97 15.39
C ARG C 9 -26.15 6.10 15.70
N TYR C 10 -25.76 5.78 16.94
CA TYR C 10 -24.36 5.88 17.31
C TYR C 10 -23.48 5.03 16.40
N ILE C 11 -23.81 3.75 16.26
CA ILE C 11 -22.98 2.86 15.45
C ILE C 11 -23.02 3.28 13.98
N GLY C 12 -24.21 3.60 13.46
CA GLY C 12 -24.32 3.96 12.07
C GLY C 12 -23.53 5.21 11.73
N VAL C 13 -23.67 6.25 12.56
CA VAL C 13 -22.94 7.49 12.32
C VAL C 13 -21.44 7.26 12.40
N THR C 14 -20.98 6.50 13.41
CA THR C 14 -19.55 6.23 13.51
C THR C 14 -19.04 5.57 12.24
N VAL C 15 -19.69 4.48 11.81
CA VAL C 15 -19.17 3.75 10.65
C VAL C 15 -19.30 4.60 9.39
N PHE C 16 -20.38 5.35 9.25
CA PHE C 16 -20.59 6.15 8.05
C PHE C 16 -19.53 7.23 7.93
N VAL C 17 -19.23 7.92 9.02
CA VAL C 17 -18.21 8.96 8.98
C VAL C 17 -16.84 8.36 8.69
N ALA C 18 -16.53 7.24 9.34
CA ALA C 18 -15.23 6.59 9.07
C ALA C 18 -15.12 6.20 7.61
N ILE C 19 -16.19 5.64 7.05
CA ILE C 19 -16.18 5.23 5.64
C ILE C 19 -15.98 6.43 4.73
N LEU C 20 -16.67 7.53 5.03
CA LEU C 20 -16.53 8.72 4.20
C LEU C 20 -15.09 9.24 4.21
N ALA C 21 -14.50 9.32 5.40
CA ALA C 21 -13.12 9.81 5.48
C ALA C 21 -12.16 8.88 4.75
N VAL C 22 -12.30 7.57 4.95
CA VAL C 22 -11.40 6.63 4.28
C VAL C 22 -11.55 6.71 2.77
N LEU C 23 -12.79 6.82 2.29
CA LEU C 23 -13.02 6.92 0.86
C LEU C 23 -12.42 8.20 0.30
N GLY C 24 -12.54 9.31 1.03
CA GLY C 24 -11.91 10.54 0.57
C GLY C 24 -10.40 10.40 0.44
N VAL C 25 -9.76 9.82 1.46
CA VAL C 25 -8.32 9.66 1.42
C VAL C 25 -7.91 8.74 0.27
N ILE C 26 -8.61 7.62 0.11
CA ILE C 26 -8.28 6.67 -0.95
C ILE C 26 -8.44 7.30 -2.31
N LEU C 27 -9.53 8.05 -2.51
CA LEU C 27 -9.75 8.71 -3.80
C LEU C 27 -8.66 9.75 -4.07
N GLY C 28 -8.26 10.50 -3.06
CA GLY C 28 -7.17 11.45 -3.25
C GLY C 28 -5.88 10.78 -3.68
N LEU C 29 -5.53 9.69 -3.01
CA LEU C 29 -4.30 8.98 -3.37
C LEU C 29 -4.39 8.40 -4.78
N ALA C 30 -5.55 7.84 -5.13
CA ALA C 30 -5.72 7.29 -6.48
C ALA C 30 -5.60 8.38 -7.54
N LEU C 31 -6.20 9.56 -7.28
CA LEU C 31 -6.09 10.65 -8.23
C LEU C 31 -4.64 11.09 -8.40
N LEU C 32 -3.91 11.20 -7.28
CA LEU C 32 -2.51 11.61 -7.37
C LEU C 32 -1.70 10.61 -8.18
N PHE C 33 -1.91 9.32 -7.93
CA PHE C 33 -1.16 8.30 -8.66
C PHE C 33 -1.51 8.31 -10.14
N ALA C 34 -2.80 8.48 -10.46
CA ALA C 34 -3.20 8.55 -11.86
C ALA C 34 -2.57 9.74 -12.56
N PHE C 35 -2.56 10.90 -11.89
CA PHE C 35 -1.92 12.08 -12.47
C PHE C 35 -0.45 11.84 -12.73
N ILE C 36 0.25 11.25 -11.76
CA ILE C 36 1.67 10.99 -11.94
C ILE C 36 1.89 10.04 -13.11
N ASP C 37 1.09 8.98 -13.19
CA ASP C 37 1.27 8.00 -14.25
C ASP C 37 0.97 8.59 -15.63
N GLU C 38 -0.01 9.49 -15.70
CA GLU C 38 -0.43 10.06 -16.98
C GLU C 38 0.31 11.33 -17.35
N LEU C 39 1.18 11.83 -16.47
CA LEU C 39 1.98 13.01 -16.80
C LEU C 39 2.96 12.76 -17.94
N ASN C 40 3.21 11.51 -18.31
CA ASN C 40 4.20 11.19 -19.34
C ASN C 40 3.72 11.51 -20.75
N ASP C 41 2.44 11.81 -20.94
CA ASP C 41 1.88 11.96 -22.28
C ASP C 41 1.86 13.40 -22.78
N ILE C 42 2.37 14.36 -22.02
CA ILE C 42 2.37 15.75 -22.46
C ILE C 42 3.20 15.86 -23.74
N SER C 43 2.60 16.48 -24.77
CA SER C 43 3.25 16.55 -26.07
C SER C 43 3.07 17.92 -26.74
N ALA C 44 2.86 18.97 -25.95
CA ALA C 44 2.73 20.32 -26.47
C ALA C 44 1.39 20.51 -27.17
N SER C 45 0.64 19.43 -27.32
CA SER C 45 -0.75 19.48 -27.77
C SER C 45 -1.71 18.96 -26.71
N TYR C 46 -1.19 18.40 -25.62
CA TYR C 46 -1.98 17.86 -24.51
C TYR C 46 -1.43 18.53 -23.25
N GLY C 47 -1.94 19.71 -22.94
CA GLY C 47 -1.38 20.52 -21.87
C GLY C 47 -1.64 19.93 -20.50
N ILE C 48 -0.91 20.47 -19.52
CA ILE C 48 -1.07 20.02 -18.14
C ILE C 48 -2.48 20.32 -17.65
N GLY C 49 -3.04 21.45 -18.08
CA GLY C 49 -4.42 21.75 -17.76
C GLY C 49 -5.38 20.69 -18.29
N ASP C 50 -5.10 20.18 -19.50
CA ASP C 50 -5.93 19.12 -20.05
C ASP C 50 -5.85 17.86 -19.21
N ALA C 51 -4.65 17.49 -18.77
CA ALA C 51 -4.51 16.31 -17.92
C ALA C 51 -5.23 16.49 -16.59
N LEU C 52 -5.12 17.68 -15.99
CA LEU C 52 -5.82 17.95 -14.75
C LEU C 52 -7.33 17.84 -14.94
N ARG C 53 -7.85 18.41 -16.02
CA ARG C 53 -9.27 18.33 -16.30
C ARG C 53 -9.71 16.88 -16.50
N PHE C 54 -8.91 16.10 -17.23
CA PHE C 54 -9.25 14.71 -17.45
C PHE C 54 -9.29 13.93 -16.14
N ILE C 55 -8.31 14.15 -15.27
CA ILE C 55 -8.27 13.43 -14.00
C ILE C 55 -9.46 13.82 -13.13
N PHE C 56 -9.74 15.12 -13.05
CA PHE C 56 -10.86 15.56 -12.22
C PHE C 56 -12.19 15.06 -12.74
N LEU C 57 -12.31 14.91 -14.07
CA LEU C 57 -13.54 14.37 -14.64
C LEU C 57 -13.64 12.87 -14.46
N THR C 58 -12.51 12.16 -14.43
CA THR C 58 -12.51 10.72 -14.22
C THR C 58 -12.65 10.33 -12.76
N ALA C 59 -12.48 11.28 -11.83
CA ALA C 59 -12.57 10.95 -10.41
C ALA C 59 -13.81 10.16 -10.02
N PRO C 60 -15.03 10.51 -10.44
CA PRO C 60 -16.20 9.76 -10.00
C PRO C 60 -16.15 8.28 -10.33
N ARG C 61 -15.64 7.92 -11.51
CA ARG C 61 -15.56 6.51 -11.88
C ARG C 61 -14.66 5.74 -10.92
N ARG C 62 -13.50 6.31 -10.60
CA ARG C 62 -12.58 5.63 -9.69
C ARG C 62 -13.15 5.57 -8.28
N ALA C 63 -13.85 6.61 -7.85
CA ALA C 63 -14.49 6.56 -6.53
C ALA C 63 -15.50 5.43 -6.47
N TYR C 64 -16.34 5.30 -7.51
CA TYR C 64 -17.31 4.21 -7.54
C TYR C 64 -16.60 2.86 -7.56
N ASP C 65 -15.53 2.75 -8.34
CA ASP C 65 -14.82 1.48 -8.42
C ASP C 65 -14.23 1.07 -7.08
N MET C 66 -13.68 2.04 -6.34
CA MET C 66 -12.99 1.75 -5.09
C MET C 66 -13.88 1.84 -3.86
N LEU C 67 -15.17 2.11 -4.04
CA LEU C 67 -16.09 2.16 -2.91
C LEU C 67 -16.03 0.93 -2.01
N PRO C 68 -16.02 -0.31 -2.51
CA PRO C 68 -16.01 -1.47 -1.59
C PRO C 68 -14.81 -1.49 -0.65
N MET C 69 -13.62 -1.15 -1.13
CA MET C 69 -12.45 -1.10 -0.26
C MET C 69 -12.61 -0.03 0.81
N ALA C 70 -13.13 1.13 0.43
CA ALA C 70 -13.40 2.17 1.41
C ALA C 70 -14.39 1.70 2.46
N ALA C 71 -15.43 0.98 2.03
CA ALA C 71 -16.41 0.46 2.99
C ALA C 71 -15.74 -0.51 3.96
N LEU C 72 -14.93 -1.43 3.44
CA LEU C 72 -14.25 -2.38 4.32
C LEU C 72 -13.39 -1.65 5.34
N ILE C 73 -12.51 -0.75 4.88
CA ILE C 73 -11.57 -0.11 5.78
C ILE C 73 -12.28 0.81 6.77
N GLY C 74 -13.30 1.53 6.30
CA GLY C 74 -14.03 2.42 7.20
C GLY C 74 -14.80 1.66 8.26
N CYS C 75 -15.45 0.56 7.88
CA CYS C 75 -16.13 -0.26 8.88
C CYS C 75 -15.13 -0.81 9.88
N LEU C 76 -13.98 -1.28 9.40
CA LEU C 76 -12.94 -1.75 10.31
C LEU C 76 -12.56 -0.67 11.31
N VAL C 77 -12.26 0.54 10.81
CA VAL C 77 -11.78 1.61 11.69
C VAL C 77 -12.87 2.01 12.69
N GLY C 78 -14.10 2.18 12.22
CA GLY C 78 -15.17 2.59 13.11
C GLY C 78 -15.48 1.57 14.18
N LEU C 79 -15.62 0.30 13.78
CA LEU C 79 -15.90 -0.75 14.75
C LEU C 79 -14.73 -0.91 15.73
N GLY C 80 -13.50 -0.75 15.24
CA GLY C 80 -12.36 -0.79 16.14
C GLY C 80 -12.36 0.34 17.14
N THR C 81 -12.73 1.55 16.69
CA THR C 81 -12.83 2.66 17.62
C THR C 81 -13.90 2.39 18.67
N LEU C 82 -15.02 1.81 18.27
CA LEU C 82 -16.08 1.51 19.24
C LEU C 82 -15.64 0.43 20.22
N ALA C 83 -14.98 -0.62 19.73
CA ALA C 83 -14.65 -1.76 20.58
C ALA C 83 -13.46 -1.48 21.49
N SER C 84 -12.46 -0.74 21.00
CA SER C 84 -11.27 -0.47 21.79
C SER C 84 -11.55 0.41 23.00
N ASN C 85 -12.73 1.04 23.06
CA ASN C 85 -13.14 1.80 24.22
C ASN C 85 -14.08 1.03 25.11
N SER C 86 -14.19 -0.28 24.92
CA SER C 86 -15.05 -1.13 25.75
C SER C 86 -16.51 -0.67 25.70
N GLU C 87 -16.97 -0.33 24.49
CA GLU C 87 -18.37 0.04 24.28
C GLU C 87 -19.21 -1.10 23.73
N LEU C 88 -18.66 -1.86 22.78
CA LEU C 88 -19.39 -3.02 22.27
C LEU C 88 -19.61 -4.04 23.37
N THR C 89 -18.64 -4.18 24.27
CA THR C 89 -18.81 -5.09 25.41
C THR C 89 -19.97 -4.64 26.29
N ILE C 90 -20.07 -3.34 26.54
CA ILE C 90 -21.18 -2.82 27.34
C ILE C 90 -22.51 -3.09 26.63
N MET C 91 -22.56 -2.84 25.32
CA MET C 91 -23.80 -3.06 24.59
C MET C 91 -24.20 -4.53 24.64
N ARG C 92 -23.25 -5.44 24.47
CA ARG C 92 -23.55 -6.86 24.57
C ARG C 92 -24.03 -7.23 25.96
N ALA C 93 -23.36 -6.73 27.00
CA ALA C 93 -23.75 -7.05 28.36
C ALA C 93 -25.10 -6.45 28.73
N ALA C 94 -25.56 -5.43 28.00
CA ALA C 94 -26.85 -4.84 28.28
C ALA C 94 -28.02 -5.62 27.68
N GLY C 95 -27.74 -6.67 26.91
CA GLY C 95 -28.76 -7.48 26.29
C GLY C 95 -28.67 -7.55 24.78
N VAL C 96 -28.07 -6.55 24.13
CA VAL C 96 -27.94 -6.57 22.68
C VAL C 96 -27.17 -7.82 22.25
N SER C 97 -27.41 -8.24 21.01
CA SER C 97 -26.81 -9.44 20.45
C SER C 97 -26.00 -9.10 19.21
N LEU C 98 -25.08 -10.00 18.86
CA LEU C 98 -24.21 -9.76 17.72
C LEU C 98 -25.00 -9.58 16.43
N SER C 99 -26.13 -10.27 16.29
CA SER C 99 -26.97 -10.08 15.12
C SER C 99 -27.51 -8.67 15.05
N ARG C 100 -27.96 -8.12 16.19
CA ARG C 100 -28.46 -6.76 16.20
C ARG C 100 -27.36 -5.76 15.89
N ILE C 101 -26.15 -6.00 16.41
CA ILE C 101 -25.03 -5.11 16.10
C ILE C 101 -24.70 -5.15 14.62
N VAL C 102 -24.72 -6.35 14.03
CA VAL C 102 -24.44 -6.47 12.60
C VAL C 102 -25.51 -5.74 11.79
N TRP C 103 -26.77 -5.87 12.18
CA TRP C 103 -27.83 -5.14 11.50
C TRP C 103 -27.64 -3.63 11.59
N ALA C 104 -27.29 -3.15 12.78
CA ALA C 104 -27.08 -1.72 12.97
C ALA C 104 -25.94 -1.21 12.11
N VAL C 105 -24.88 -2.01 11.99
CA VAL C 105 -23.76 -1.61 11.13
C VAL C 105 -24.18 -1.65 9.66
N MET C 106 -25.01 -2.63 9.30
CA MET C 106 -25.32 -2.86 7.89
C MET C 106 -26.28 -1.82 7.33
N LYS C 107 -27.22 -1.34 8.13
CA LYS C 107 -28.21 -0.39 7.60
C LYS C 107 -27.57 0.80 6.88
N PRO C 108 -26.62 1.52 7.48
CA PRO C 108 -25.89 2.54 6.71
C PRO C 108 -25.17 1.95 5.52
N MET C 109 -24.69 0.71 5.64
CA MET C 109 -24.09 0.05 4.49
C MET C 109 -25.11 -0.16 3.38
N LEU C 110 -26.36 -0.47 3.74
CA LEU C 110 -27.40 -0.60 2.73
C LEU C 110 -27.65 0.74 2.02
N VAL C 111 -27.71 1.82 2.80
CA VAL C 111 -27.89 3.14 2.17
C VAL C 111 -26.73 3.45 1.24
N LEU C 112 -25.50 3.18 1.69
CA LEU C 112 -24.33 3.45 0.88
C LEU C 112 -24.32 2.59 -0.38
N MET C 113 -24.76 1.34 -0.27
CA MET C 113 -24.80 0.45 -1.43
C MET C 113 -25.79 0.96 -2.46
N LEU C 114 -26.97 1.39 -2.01
CA LEU C 114 -27.93 1.96 -2.94
C LEU C 114 -27.37 3.21 -3.61
N ALA C 115 -26.75 4.08 -2.82
CA ALA C 115 -26.16 5.30 -3.38
C ALA C 115 -25.07 4.96 -4.39
N GLY C 116 -24.24 3.97 -4.08
CA GLY C 116 -23.16 3.60 -4.97
C GLY C 116 -23.65 3.02 -6.28
N ILE C 117 -24.64 2.13 -6.22
CA ILE C 117 -25.19 1.56 -7.45
C ILE C 117 -25.83 2.65 -8.30
N LEU C 118 -26.60 3.54 -7.67
CA LEU C 118 -27.19 4.64 -8.41
C LEU C 118 -26.13 5.50 -9.05
N VAL C 119 -25.12 5.90 -8.27
CA VAL C 119 -24.08 6.78 -8.80
C VAL C 119 -23.36 6.10 -9.96
N GLY C 120 -22.98 4.84 -9.79
CA GLY C 120 -22.36 4.13 -10.88
C GLY C 120 -23.21 4.24 -12.12
N GLU C 121 -24.37 3.56 -12.09
CA GLU C 121 -25.15 3.33 -13.30
C GLU C 121 -25.81 4.59 -13.85
N TYR C 122 -25.77 5.72 -13.14
CA TYR C 122 -26.39 6.93 -13.66
C TYR C 122 -25.43 8.08 -13.88
N VAL C 123 -24.22 8.06 -13.32
CA VAL C 123 -23.27 9.15 -13.42
C VAL C 123 -21.94 8.69 -13.99
N ALA C 124 -21.41 7.55 -13.53
CA ALA C 124 -20.07 7.16 -13.96
C ALA C 124 -19.98 7.10 -15.48
N PRO C 125 -20.91 6.49 -16.20
CA PRO C 125 -20.83 6.52 -17.67
C PRO C 125 -20.79 7.94 -18.22
N TRP C 126 -21.63 8.85 -17.73
CA TRP C 126 -21.70 10.18 -18.32
C TRP C 126 -20.38 10.93 -18.16
N THR C 127 -19.88 11.02 -16.93
CA THR C 127 -18.65 11.78 -16.70
C THR C 127 -17.44 11.08 -17.31
N GLU C 128 -17.39 9.75 -17.22
CA GLU C 128 -16.28 9.03 -17.84
C GLU C 128 -16.26 9.24 -19.35
N ASN C 129 -17.43 9.20 -19.99
CA ASN C 129 -17.51 9.44 -21.41
C ASN C 129 -17.09 10.87 -21.75
N ILE C 130 -17.52 11.84 -20.95
CA ILE C 130 -17.14 13.23 -21.21
C ILE C 130 -15.62 13.38 -21.14
N ALA C 131 -15.02 12.81 -20.09
CA ALA C 131 -13.57 12.92 -19.94
C ALA C 131 -12.83 12.22 -21.07
N GLN C 132 -13.25 11.02 -21.44
CA GLN C 132 -12.60 10.29 -22.52
C GLN C 132 -12.73 11.04 -23.84
N SER C 133 -13.92 11.59 -24.12
CA SER C 133 -14.11 12.35 -25.34
C SER C 133 -13.22 13.58 -25.36
N GLY C 134 -13.14 14.29 -24.23
CA GLY C 134 -12.28 15.46 -24.18
C GLY C 134 -10.83 15.12 -24.43
N ARG C 135 -10.33 14.05 -23.79
CA ARG C 135 -8.95 13.65 -23.99
C ARG C 135 -8.70 13.24 -25.43
N ALA C 136 -9.61 12.46 -26.01
CA ALA C 136 -9.45 12.02 -27.40
C ALA C 136 -9.44 13.19 -28.36
N LEU C 137 -10.34 14.16 -28.15
CA LEU C 137 -10.38 15.33 -29.01
C LEU C 137 -9.11 16.16 -28.86
N ALA C 138 -8.60 16.29 -27.63
CA ALA C 138 -7.37 17.05 -27.43
C ALA C 138 -6.19 16.38 -28.11
N GLN C 139 -6.10 15.05 -28.03
CA GLN C 139 -4.95 14.34 -28.57
C GLN C 139 -5.07 14.00 -30.05
N GLY C 140 -6.26 14.12 -30.64
CA GLY C 140 -6.48 13.62 -31.99
C GLY C 140 -6.71 14.64 -33.07
N GLY C 141 -6.52 15.93 -32.81
CA GLY C 141 -6.64 16.92 -33.86
C GLY C 141 -5.37 17.04 -34.69
N GLY C 142 -4.96 15.93 -35.30
CA GLY C 142 -3.67 15.89 -35.98
C GLY C 142 -3.72 15.73 -37.49
N ASP C 143 -3.48 14.52 -37.97
CA ASP C 143 -3.25 14.28 -39.38
C ASP C 143 -3.97 12.99 -39.77
N SER C 144 -3.60 12.44 -40.93
CA SER C 144 -4.27 11.27 -41.50
C SER C 144 -4.62 10.23 -40.44
N GLN C 145 -3.61 9.72 -39.73
CA GLN C 145 -3.86 8.82 -38.60
C GLN C 145 -2.74 9.04 -37.59
N SER C 146 -3.02 9.91 -36.61
CA SER C 146 -1.99 10.36 -35.68
C SER C 146 -2.41 10.21 -34.22
N SER C 147 -3.34 9.31 -33.92
CA SER C 147 -3.76 9.07 -32.55
C SER C 147 -3.95 7.58 -32.31
N LYS C 148 -3.62 7.14 -31.11
CA LYS C 148 -3.86 5.77 -30.69
C LYS C 148 -5.25 5.57 -30.11
N ARG C 149 -6.02 6.64 -29.94
CA ARG C 149 -7.42 6.55 -29.56
C ARG C 149 -8.34 6.41 -30.77
N GLY C 150 -7.80 5.99 -31.90
CA GLY C 150 -8.55 5.93 -33.14
C GLY C 150 -9.45 4.73 -33.22
N LEU C 151 -10.07 4.58 -34.38
CA LEU C 151 -11.03 3.51 -34.62
C LEU C 151 -11.08 3.21 -36.11
N TRP C 152 -10.64 2.02 -36.49
CA TRP C 152 -10.69 1.60 -37.88
C TRP C 152 -12.05 1.02 -38.21
N HIS C 153 -12.25 0.68 -39.48
CA HIS C 153 -13.50 0.09 -39.94
C HIS C 153 -13.34 -0.27 -41.41
N ARG C 154 -14.29 -1.02 -41.94
CA ARG C 154 -14.26 -1.40 -43.34
C ARG C 154 -15.68 -1.69 -43.82
N GLN C 155 -16.02 -1.14 -44.98
CA GLN C 155 -17.30 -1.42 -45.63
C GLN C 155 -17.05 -1.56 -47.12
N GLY C 156 -17.65 -2.58 -47.74
CA GLY C 156 -17.38 -2.84 -49.13
C GLY C 156 -15.92 -3.06 -49.41
N ARG C 157 -15.29 -2.13 -50.13
CA ARG C 157 -13.85 -2.18 -50.40
C ARG C 157 -13.19 -0.85 -50.04
N GLU C 158 -13.71 -0.16 -49.03
CA GLU C 158 -13.19 1.12 -48.59
C GLU C 158 -12.90 1.04 -47.10
N TYR C 159 -11.65 1.27 -46.72
CA TYR C 159 -11.20 1.10 -45.34
C TYR C 159 -11.14 2.48 -44.68
N ILE C 160 -11.90 2.63 -43.61
CA ILE C 160 -12.08 3.92 -42.96
C ILE C 160 -11.14 4.05 -41.77
N HIS C 161 -10.92 5.29 -41.34
CA HIS C 161 -10.21 5.59 -40.10
C HIS C 161 -10.87 6.79 -39.45
N ILE C 162 -10.73 6.88 -38.13
CA ILE C 162 -11.33 7.97 -37.38
C ILE C 162 -10.40 8.37 -36.25
N ASN C 163 -9.87 9.60 -36.31
CA ASN C 163 -8.93 10.05 -35.28
C ASN C 163 -9.60 10.11 -33.90
N ALA C 164 -10.83 10.60 -33.84
CA ALA C 164 -11.54 10.72 -32.58
C ALA C 164 -13.03 10.63 -32.82
N VAL C 165 -13.76 10.30 -31.76
CA VAL C 165 -15.22 10.22 -31.79
C VAL C 165 -15.77 11.09 -30.68
N GLN C 166 -16.76 11.91 -30.99
CA GLN C 166 -17.31 12.83 -30.01
C GLN C 166 -18.74 12.44 -29.64
N PRO C 167 -19.18 12.76 -28.42
CA PRO C 167 -20.51 12.34 -27.98
C PRO C 167 -21.64 12.94 -28.80
N ASN C 168 -21.43 14.07 -29.45
CA ASN C 168 -22.49 14.75 -30.19
C ASN C 168 -22.62 14.26 -31.63
N GLY C 169 -22.18 13.04 -31.92
CA GLY C 169 -22.27 12.52 -33.27
C GLY C 169 -21.41 13.28 -34.26
N VAL C 170 -20.16 13.57 -33.89
CA VAL C 170 -19.22 14.26 -34.77
C VAL C 170 -17.89 13.53 -34.70
N LEU C 171 -17.30 13.26 -35.87
CA LEU C 171 -16.02 12.59 -35.97
C LEU C 171 -14.94 13.60 -36.38
N TYR C 172 -13.69 13.23 -36.10
CA TYR C 172 -12.55 14.09 -36.36
C TYR C 172 -11.51 13.33 -37.17
N GLY C 173 -11.12 13.89 -38.31
CA GLY C 173 -10.07 13.30 -39.11
C GLY C 173 -10.45 11.96 -39.71
N VAL C 174 -11.40 11.95 -40.64
CA VAL C 174 -11.85 10.73 -41.28
C VAL C 174 -11.05 10.54 -42.56
N THR C 175 -10.21 9.53 -42.60
CA THR C 175 -9.41 9.17 -43.76
C THR C 175 -9.85 7.80 -44.27
N ARG C 176 -10.25 7.73 -45.53
CA ARG C 176 -10.77 6.51 -46.11
C ARG C 176 -10.07 6.21 -47.43
N TYR C 177 -9.71 4.95 -47.62
CA TYR C 177 -9.07 4.49 -48.84
C TYR C 177 -10.04 3.62 -49.63
N ARG C 178 -10.18 3.91 -50.92
CA ARG C 178 -11.05 3.15 -51.80
C ARG C 178 -10.20 2.36 -52.79
N PHE C 179 -10.46 1.06 -52.88
CA PHE C 179 -9.68 0.16 -53.71
C PHE C 179 -10.50 -0.29 -54.92
N ASP C 180 -9.92 -1.19 -55.70
CA ASP C 180 -10.55 -1.77 -56.87
C ASP C 180 -10.75 -3.26 -56.65
N GLU C 181 -11.61 -3.87 -57.48
CA GLU C 181 -11.75 -5.31 -57.43
C GLU C 181 -10.41 -6.00 -57.62
N GLN C 182 -9.51 -5.40 -58.39
CA GLN C 182 -8.14 -5.86 -58.56
C GLN C 182 -7.23 -5.42 -57.41
N ARG C 183 -7.81 -4.86 -56.36
CA ARG C 183 -7.07 -4.32 -55.21
C ARG C 183 -6.01 -3.32 -55.67
N GLY C 184 -6.40 -2.44 -56.60
CA GLY C 184 -5.58 -1.32 -56.98
C GLY C 184 -6.20 -0.02 -56.50
N LEU C 185 -5.44 0.74 -55.70
CA LEU C 185 -6.01 1.93 -55.07
C LEU C 185 -6.51 2.92 -56.11
N GLU C 186 -7.63 3.56 -55.81
CA GLU C 186 -8.22 4.57 -56.67
C GLU C 186 -8.38 5.93 -56.01
N SER C 187 -8.45 6.00 -54.69
CA SER C 187 -8.60 7.27 -54.01
C SER C 187 -8.10 7.14 -52.58
N ALA C 188 -7.79 8.30 -51.98
CA ALA C 188 -7.36 8.36 -50.59
C ALA C 188 -7.72 9.74 -50.06
N SER C 189 -8.81 9.82 -49.31
CA SER C 189 -9.37 11.08 -48.87
C SER C 189 -9.10 11.30 -47.39
N PHE C 190 -9.21 12.57 -46.97
CA PHE C 190 -9.03 12.95 -45.58
C PHE C 190 -9.97 14.11 -45.29
N ALA C 191 -11.05 13.84 -44.55
CA ALA C 191 -12.01 14.85 -44.17
C ALA C 191 -11.68 15.35 -42.77
N LYS C 192 -11.63 16.67 -42.59
CA LYS C 192 -11.22 17.23 -41.31
C LYS C 192 -12.18 16.84 -40.20
N ARG C 193 -13.48 16.85 -40.47
CA ARG C 193 -14.48 16.50 -39.48
C ARG C 193 -15.59 15.72 -40.16
N ALA C 194 -16.67 15.49 -39.43
CA ALA C 194 -17.86 14.83 -39.97
C ALA C 194 -18.99 14.99 -38.97
N ARG C 195 -20.18 15.24 -39.47
CA ARG C 195 -21.36 15.39 -38.63
C ARG C 195 -22.47 14.46 -39.14
N PHE C 196 -23.30 13.99 -38.21
CA PHE C 196 -24.31 12.98 -38.51
C PHE C 196 -25.65 13.65 -38.75
N GLU C 197 -25.86 14.13 -39.97
CA GLU C 197 -27.21 14.47 -40.39
C GLU C 197 -28.05 13.20 -40.39
N THR C 198 -29.29 13.32 -39.92
CA THR C 198 -30.09 12.15 -39.62
C THR C 198 -30.17 11.21 -40.82
N ASP C 199 -30.20 11.76 -42.03
CA ASP C 199 -30.26 10.92 -43.21
C ASP C 199 -28.93 10.25 -43.51
N HIS C 200 -27.83 10.97 -43.35
CA HIS C 200 -26.53 10.49 -43.82
C HIS C 200 -25.42 11.25 -43.12
N TRP C 201 -24.21 10.72 -43.25
CA TRP C 201 -23.02 11.41 -42.75
C TRP C 201 -22.60 12.51 -43.71
N GLN C 202 -22.13 13.63 -43.16
CA GLN C 202 -21.65 14.75 -43.95
C GLN C 202 -20.24 15.10 -43.53
N LEU C 203 -19.35 15.23 -44.51
CA LEU C 203 -17.95 15.56 -44.28
C LEU C 203 -17.73 17.06 -44.40
N GLU C 204 -16.60 17.51 -43.87
CA GLU C 204 -16.25 18.93 -43.88
C GLU C 204 -14.79 19.09 -44.27
N GLU C 205 -14.53 19.88 -45.30
CA GLU C 205 -13.17 20.23 -45.70
C GLU C 205 -12.36 18.97 -46.02
N VAL C 206 -12.79 18.26 -47.04
CA VAL C 206 -12.10 17.04 -47.47
C VAL C 206 -10.92 17.41 -48.37
N THR C 207 -9.98 16.48 -48.47
CA THR C 207 -8.77 16.67 -49.28
C THR C 207 -8.46 15.41 -50.07
N THR C 208 -9.48 14.81 -50.67
CA THR C 208 -9.28 13.56 -51.38
C THR C 208 -8.33 13.75 -52.57
N THR C 209 -7.51 12.73 -52.80
CA THR C 209 -6.61 12.69 -53.95
C THR C 209 -6.95 11.47 -54.79
N LEU C 210 -7.17 11.68 -56.08
CA LEU C 210 -7.57 10.62 -57.00
C LEU C 210 -6.36 10.19 -57.82
N LEU C 211 -6.05 8.90 -57.78
CA LEU C 211 -4.95 8.32 -58.55
C LEU C 211 -5.55 7.60 -59.76
N HIS C 212 -5.42 8.21 -60.93
CA HIS C 212 -5.86 7.54 -62.15
C HIS C 212 -4.98 6.32 -62.38
N PRO C 213 -5.57 5.12 -62.51
CA PRO C 213 -4.74 3.91 -62.62
C PRO C 213 -3.63 4.01 -63.65
N ARG C 214 -3.97 4.37 -64.89
CA ARG C 214 -2.97 4.46 -65.94
C ARG C 214 -1.99 5.60 -65.63
N GLU C 215 -0.99 5.73 -66.49
CA GLU C 215 0.03 6.76 -66.34
C GLU C 215 -0.51 8.16 -66.56
N LYS C 216 -1.81 8.32 -66.75
CA LYS C 216 -2.38 9.64 -66.95
C LYS C 216 -2.12 10.53 -65.73
N ARG C 217 -2.37 11.82 -65.90
CA ARG C 217 -2.09 12.79 -64.86
C ARG C 217 -2.86 12.48 -63.58
N SER C 218 -2.17 12.55 -62.46
CA SER C 218 -2.79 12.40 -61.15
C SER C 218 -3.30 13.75 -60.68
N GLU C 219 -4.54 13.79 -60.19
CA GLU C 219 -5.20 15.02 -59.83
C GLU C 219 -5.54 15.04 -58.35
N VAL C 220 -5.86 16.23 -57.85
CA VAL C 220 -6.30 16.45 -56.49
C VAL C 220 -7.53 17.35 -56.52
N VAL C 221 -8.54 17.02 -55.72
CA VAL C 221 -9.78 17.78 -55.67
C VAL C 221 -10.07 18.14 -54.22
N LYS C 222 -10.90 19.17 -54.05
CA LYS C 222 -11.22 19.70 -52.73
C LYS C 222 -12.70 20.09 -52.70
N LEU C 223 -13.52 19.24 -52.09
CA LEU C 223 -14.94 19.53 -51.92
C LEU C 223 -15.20 19.92 -50.48
N PRO C 224 -15.60 21.17 -50.20
CA PRO C 224 -15.73 21.60 -48.80
C PRO C 224 -16.70 20.77 -47.98
N THR C 225 -17.77 20.26 -48.58
CA THR C 225 -18.84 19.57 -47.84
C THR C 225 -19.22 18.27 -48.53
N GLU C 226 -18.22 17.45 -48.88
CA GLU C 226 -18.50 16.17 -49.51
C GLU C 226 -19.33 15.30 -48.58
N ARG C 227 -20.21 14.49 -49.19
CA ARG C 227 -21.14 13.65 -48.47
C ARG C 227 -20.86 12.19 -48.78
N TRP C 228 -20.76 11.36 -47.75
CA TRP C 228 -20.53 9.93 -47.90
C TRP C 228 -21.54 9.18 -47.06
N ASP C 229 -22.07 8.08 -47.62
CA ASP C 229 -23.02 7.23 -46.93
C ASP C 229 -22.29 6.03 -46.36
N ALA C 230 -22.22 5.97 -45.03
CA ALA C 230 -21.50 4.91 -44.32
C ALA C 230 -22.47 4.10 -43.47
N GLN C 231 -22.04 2.90 -43.11
CA GLN C 231 -22.90 1.99 -42.35
C GLN C 231 -22.84 2.26 -40.85
N LEU C 232 -21.72 2.76 -40.34
CA LEU C 232 -21.57 2.95 -38.91
C LEU C 232 -22.55 4.00 -38.39
N SER C 233 -22.95 3.86 -37.12
CA SER C 233 -23.89 4.75 -36.49
C SER C 233 -23.30 5.33 -35.21
N PRO C 234 -23.72 6.54 -34.81
CA PRO C 234 -23.10 7.18 -33.64
C PRO C 234 -23.22 6.37 -32.36
N GLN C 235 -24.37 5.72 -32.13
CA GLN C 235 -24.57 5.00 -30.88
C GLN C 235 -23.58 3.86 -30.75
N LEU C 236 -23.40 3.08 -31.82
CA LEU C 236 -22.44 1.99 -31.78
C LEU C 236 -21.02 2.52 -31.63
N LEU C 237 -20.71 3.62 -32.33
CA LEU C 237 -19.36 4.18 -32.25
C LEU C 237 -19.02 4.63 -30.83
N ASN C 238 -19.98 5.28 -30.15
CA ASN C 238 -19.74 5.75 -28.80
C ASN C 238 -19.58 4.61 -27.80
N THR C 239 -19.90 3.39 -28.19
CA THR C 239 -19.79 2.24 -27.28
C THR C 239 -18.61 1.35 -27.61
N VAL C 240 -18.23 1.24 -28.88
CA VAL C 240 -17.13 0.35 -29.26
C VAL C 240 -15.78 0.90 -28.80
N VAL C 241 -15.72 2.18 -28.43
CA VAL C 241 -14.47 2.79 -28.00
C VAL C 241 -14.32 2.77 -26.48
N MET C 242 -15.41 3.00 -25.76
CA MET C 242 -15.34 3.04 -24.31
C MET C 242 -14.96 1.67 -23.74
N GLU C 243 -14.27 1.70 -22.60
CA GLU C 243 -13.90 0.46 -21.94
C GLU C 243 -15.16 -0.27 -21.47
N PRO C 244 -15.17 -1.60 -21.51
CA PRO C 244 -16.38 -2.33 -21.11
C PRO C 244 -16.81 -2.05 -19.69
N GLU C 245 -15.88 -1.71 -18.80
CA GLU C 245 -16.20 -1.47 -17.40
C GLU C 245 -16.70 -0.06 -17.14
N ALA C 246 -16.75 0.80 -18.15
CA ALA C 246 -17.20 2.18 -17.98
C ALA C 246 -18.61 2.42 -18.49
N LEU C 247 -19.27 1.39 -19.01
CA LEU C 247 -20.63 1.55 -19.51
C LEU C 247 -21.64 1.40 -18.38
N SER C 248 -22.87 1.85 -18.65
CA SER C 248 -23.96 1.65 -17.71
C SER C 248 -24.36 0.18 -17.66
N ILE C 249 -25.15 -0.17 -16.65
CA ILE C 249 -25.66 -1.53 -16.56
C ILE C 249 -26.59 -1.83 -17.73
N SER C 250 -27.51 -0.91 -18.02
CA SER C 250 -28.40 -1.09 -19.16
C SER C 250 -27.61 -1.10 -20.47
N GLY C 251 -26.61 -0.23 -20.59
CA GLY C 251 -25.78 -0.25 -21.77
C GLY C 251 -25.04 -1.56 -21.93
N LEU C 252 -24.51 -2.11 -20.84
CA LEU C 252 -23.85 -3.41 -20.91
C LEU C 252 -24.82 -4.50 -21.33
N TRP C 253 -26.03 -4.49 -20.78
CA TRP C 253 -27.03 -5.48 -21.16
C TRP C 253 -27.33 -5.39 -22.66
N GLN C 254 -27.59 -4.18 -23.15
CA GLN C 254 -27.93 -4.01 -24.56
C GLN C 254 -26.79 -4.42 -25.46
N TYR C 255 -25.56 -4.04 -25.12
CA TYR C 255 -24.43 -4.41 -25.95
C TYR C 255 -24.17 -5.91 -25.93
N ILE C 256 -24.36 -6.54 -24.77
CA ILE C 256 -24.19 -7.98 -24.68
C ILE C 256 -25.17 -8.69 -25.59
N HIS C 257 -26.43 -8.26 -25.56
CA HIS C 257 -27.43 -8.88 -26.44
C HIS C 257 -27.13 -8.58 -27.91
N TYR C 258 -26.69 -7.37 -28.22
CA TYR C 258 -26.35 -7.03 -29.60
C TYR C 258 -25.22 -7.91 -30.11
N LEU C 259 -24.19 -8.14 -29.28
CA LEU C 259 -23.08 -9.00 -29.69
C LEU C 259 -23.54 -10.44 -29.85
N ALA C 260 -24.28 -10.96 -28.87
CA ALA C 260 -24.74 -12.34 -28.96
C ALA C 260 -25.66 -12.54 -30.16
N ASP C 261 -26.32 -11.48 -30.61
CA ASP C 261 -27.20 -11.60 -31.78
C ASP C 261 -26.41 -12.00 -33.02
N GLN C 262 -25.23 -11.42 -33.21
CA GLN C 262 -24.42 -11.66 -34.40
C GLN C 262 -23.40 -12.77 -34.23
N GLY C 263 -23.38 -13.44 -33.09
CA GLY C 263 -22.49 -14.56 -32.86
C GLY C 263 -21.13 -14.21 -32.28
N LEU C 264 -20.79 -12.93 -32.18
CA LEU C 264 -19.53 -12.55 -31.57
C LEU C 264 -19.56 -12.82 -30.08
N ASN C 265 -18.40 -13.19 -29.54
CA ASN C 265 -18.32 -13.48 -28.11
C ASN C 265 -18.42 -12.20 -27.30
N ASN C 266 -18.93 -12.33 -26.06
CA ASN C 266 -19.10 -11.20 -25.17
C ASN C 266 -18.73 -11.57 -23.74
N ASN C 267 -17.75 -12.45 -23.56
CA ASN C 267 -17.39 -12.89 -22.23
C ASN C 267 -16.90 -11.74 -21.37
N ARG C 268 -16.12 -10.84 -21.95
CA ARG C 268 -15.64 -9.68 -21.19
C ARG C 268 -16.80 -8.79 -20.76
N TYR C 269 -17.79 -8.60 -21.63
CA TYR C 269 -18.93 -7.78 -21.27
C TYR C 269 -19.80 -8.47 -20.23
N TRP C 270 -19.93 -9.79 -20.32
CA TRP C 270 -20.61 -10.52 -19.26
C TRP C 270 -19.91 -10.35 -17.92
N LEU C 271 -18.57 -10.42 -17.94
CA LEU C 271 -17.81 -10.22 -16.71
C LEU C 271 -18.04 -8.82 -16.14
N ALA C 272 -18.01 -7.80 -17.01
CA ALA C 272 -18.24 -6.44 -16.54
C ALA C 272 -19.64 -6.27 -15.97
N PHE C 273 -20.65 -6.84 -16.65
CA PHE C 273 -22.02 -6.73 -16.18
C PHE C 273 -22.18 -7.42 -14.82
N TRP C 274 -21.60 -8.60 -14.66
CA TRP C 274 -21.70 -9.30 -13.38
C TRP C 274 -20.98 -8.54 -12.28
N THR C 275 -19.81 -7.97 -12.57
CA THR C 275 -19.09 -7.22 -11.55
C THR C 275 -19.82 -5.93 -11.18
N LYS C 276 -20.53 -5.31 -12.12
CA LYS C 276 -21.28 -4.10 -11.82
C LYS C 276 -22.55 -4.41 -11.04
N VAL C 277 -23.25 -5.49 -11.39
CA VAL C 277 -24.55 -5.75 -10.79
C VAL C 277 -24.42 -6.43 -9.43
N LEU C 278 -23.34 -7.18 -9.21
CA LEU C 278 -23.15 -7.94 -7.98
C LEU C 278 -22.28 -7.21 -6.97
N GLN C 279 -22.04 -5.92 -7.17
CA GLN C 279 -21.22 -5.17 -6.22
C GLN C 279 -21.83 -5.12 -4.82
N PRO C 280 -23.14 -4.91 -4.65
CA PRO C 280 -23.70 -4.89 -3.30
C PRO C 280 -23.41 -6.16 -2.50
N LEU C 281 -23.47 -7.33 -3.15
CA LEU C 281 -23.17 -8.56 -2.43
C LEU C 281 -21.72 -8.57 -1.96
N VAL C 282 -20.80 -8.13 -2.82
CA VAL C 282 -19.38 -8.10 -2.44
C VAL C 282 -19.16 -7.13 -1.28
N THR C 283 -19.81 -5.97 -1.34
CA THR C 283 -19.67 -5.00 -0.25
C THR C 283 -20.20 -5.57 1.06
N ALA C 284 -21.35 -6.25 1.01
CA ALA C 284 -21.91 -6.85 2.20
C ALA C 284 -20.96 -7.91 2.77
N ALA C 285 -20.39 -8.74 1.90
CA ALA C 285 -19.45 -9.75 2.36
C ALA C 285 -18.22 -9.12 3.00
N LEU C 286 -17.69 -8.06 2.39
CA LEU C 286 -16.51 -7.41 2.94
C LEU C 286 -16.81 -6.78 4.30
N VAL C 287 -17.97 -6.12 4.43
CA VAL C 287 -18.32 -5.52 5.72
C VAL C 287 -18.54 -6.60 6.77
N LEU C 288 -19.14 -7.73 6.38
CA LEU C 288 -19.31 -8.82 7.32
C LEU C 288 -17.96 -9.36 7.78
N MET C 289 -17.02 -9.52 6.87
CA MET C 289 -15.69 -9.97 7.24
C MET C 289 -15.01 -8.99 8.18
N ALA C 290 -15.15 -7.68 7.91
CA ALA C 290 -14.56 -6.68 8.79
C ALA C 290 -15.17 -6.74 10.18
N ILE C 291 -16.50 -6.84 10.26
CA ILE C 291 -17.17 -6.95 11.56
C ILE C 291 -16.70 -8.20 12.30
N SER C 292 -16.52 -9.29 11.58
CA SER C 292 -16.00 -10.51 12.19
C SER C 292 -14.59 -10.29 12.73
N PHE C 293 -13.75 -9.58 11.97
CA PHE C 293 -12.41 -9.27 12.45
C PHE C 293 -12.44 -8.46 13.73
N ILE C 294 -13.34 -7.49 13.81
CA ILE C 294 -13.37 -6.62 14.99
C ILE C 294 -13.68 -7.42 16.24
N PHE C 295 -14.66 -8.31 16.16
CA PHE C 295 -15.08 -9.09 17.33
C PHE C 295 -14.09 -10.19 17.70
N GLY C 296 -13.17 -10.53 16.81
CA GLY C 296 -12.25 -11.62 17.06
C GLY C 296 -10.81 -11.18 17.23
N PRO C 297 -9.99 -11.39 16.20
CA PRO C 297 -8.55 -11.11 16.34
C PRO C 297 -8.23 -9.66 16.68
N LEU C 298 -8.72 -8.71 15.89
CA LEU C 298 -8.40 -7.31 16.12
C LEU C 298 -9.31 -6.72 17.19
N ARG C 299 -9.36 -7.37 18.34
CA ARG C 299 -10.27 -6.93 19.40
C ARG C 299 -9.78 -5.64 20.04
N SER C 300 -8.51 -5.61 20.46
CA SER C 300 -7.97 -4.48 21.21
C SER C 300 -6.59 -4.09 20.67
N VAL C 301 -6.48 -3.98 19.35
CA VAL C 301 -5.25 -3.57 18.72
C VAL C 301 -5.33 -2.08 18.40
N THR C 302 -4.18 -1.47 18.12
CA THR C 302 -4.14 -0.05 17.84
C THR C 302 -4.79 0.24 16.49
N LEU C 303 -5.14 1.52 16.30
CA LEU C 303 -5.77 1.93 15.04
C LEU C 303 -4.87 1.66 13.86
N GLY C 304 -3.55 1.89 14.02
CA GLY C 304 -2.63 1.64 12.94
C GLY C 304 -2.69 0.21 12.43
N GLN C 305 -2.76 -0.75 13.35
CA GLN C 305 -2.85 -2.16 12.94
C GLN C 305 -4.15 -2.42 12.20
N ARG C 306 -5.25 -1.81 12.66
CA ARG C 306 -6.51 -1.98 11.95
C ARG C 306 -6.41 -1.48 10.51
N ILE C 307 -5.86 -0.28 10.33
CA ILE C 307 -5.71 0.28 9.00
C ILE C 307 -4.81 -0.60 8.14
N PHE C 308 -3.69 -1.04 8.72
CA PHE C 308 -2.73 -1.85 7.96
C PHE C 308 -3.34 -3.16 7.51
N THR C 309 -4.03 -3.86 8.43
CA THR C 309 -4.63 -5.14 8.08
C THR C 309 -5.76 -4.97 7.08
N GLY C 310 -6.56 -3.90 7.23
CA GLY C 310 -7.59 -3.64 6.24
C GLY C 310 -7.01 -3.40 4.86
N VAL C 311 -5.94 -2.62 4.77
CA VAL C 311 -5.33 -2.35 3.48
C VAL C 311 -4.75 -3.62 2.89
N LEU C 312 -4.08 -4.43 3.70
CA LEU C 312 -3.49 -5.67 3.20
C LEU C 312 -4.57 -6.62 2.69
N VAL C 313 -5.66 -6.78 3.45
CA VAL C 313 -6.73 -7.67 3.02
C VAL C 313 -7.38 -7.14 1.74
N GLY C 314 -7.58 -5.83 1.66
CA GLY C 314 -8.13 -5.26 0.45
C GLY C 314 -7.24 -5.50 -0.76
N PHE C 315 -5.93 -5.33 -0.59
CA PHE C 315 -5.00 -5.59 -1.69
C PHE C 315 -5.06 -7.05 -2.13
N VAL C 316 -5.06 -7.98 -1.16
CA VAL C 316 -5.10 -9.39 -1.52
C VAL C 316 -6.40 -9.72 -2.26
N PHE C 317 -7.53 -9.20 -1.76
CA PHE C 317 -8.81 -9.46 -2.40
C PHE C 317 -8.84 -8.89 -3.82
N ARG C 318 -8.34 -7.66 -3.99
CA ARG C 318 -8.33 -7.05 -5.30
C ARG C 318 -7.47 -7.84 -6.27
N ILE C 319 -6.29 -8.27 -5.81
CA ILE C 319 -5.40 -9.05 -6.67
C ILE C 319 -6.06 -10.36 -7.07
N ALA C 320 -6.69 -11.04 -6.12
CA ALA C 320 -7.34 -12.31 -6.44
C ALA C 320 -8.45 -12.11 -7.45
N GLN C 321 -9.30 -11.11 -7.24
CA GLN C 321 -10.44 -10.92 -8.14
C GLN C 321 -9.99 -10.42 -9.51
N ASP C 322 -8.85 -9.71 -9.56
CA ASP C 322 -8.33 -9.27 -10.85
C ASP C 322 -7.67 -10.41 -11.62
N LEU C 323 -7.00 -11.31 -10.91
CA LEU C 323 -6.41 -12.47 -11.57
C LEU C 323 -7.49 -13.45 -12.02
N LEU C 324 -8.62 -13.50 -11.31
CA LEU C 324 -9.70 -14.39 -11.70
C LEU C 324 -10.55 -13.83 -12.84
N GLY C 325 -10.36 -12.57 -13.22
CA GLY C 325 -11.11 -11.99 -14.31
C GLY C 325 -10.72 -12.55 -15.65
N PRO C 326 -9.50 -12.21 -16.11
CA PRO C 326 -9.01 -12.78 -17.37
C PRO C 326 -8.88 -14.29 -17.35
N SER C 327 -8.68 -14.90 -16.17
CA SER C 327 -8.53 -16.34 -16.11
C SER C 327 -9.79 -17.05 -16.59
N SER C 328 -10.96 -16.47 -16.31
CA SER C 328 -12.20 -17.09 -16.79
C SER C 328 -12.25 -17.12 -18.31
N LEU C 329 -11.85 -16.02 -18.95
CA LEU C 329 -11.80 -16.00 -20.41
C LEU C 329 -10.77 -16.98 -20.95
N VAL C 330 -9.60 -17.04 -20.32
CA VAL C 330 -8.54 -17.91 -20.83
C VAL C 330 -8.89 -19.37 -20.61
N PHE C 331 -9.42 -19.71 -19.44
CA PHE C 331 -9.71 -21.09 -19.08
C PHE C 331 -11.16 -21.48 -19.34
N ASP C 332 -11.96 -20.58 -19.91
CA ASP C 332 -13.36 -20.85 -20.25
C ASP C 332 -14.22 -21.02 -19.01
N PHE C 333 -13.81 -20.42 -17.89
CA PHE C 333 -14.68 -20.37 -16.72
C PHE C 333 -15.91 -19.52 -17.02
N PRO C 334 -17.05 -19.85 -16.41
CA PRO C 334 -18.20 -18.94 -16.47
C PRO C 334 -17.83 -17.60 -15.86
N PRO C 335 -18.19 -16.49 -16.51
CA PRO C 335 -17.79 -15.18 -15.99
C PRO C 335 -18.32 -14.90 -14.59
N LEU C 336 -19.46 -15.50 -14.21
CA LEU C 336 -20.04 -15.25 -12.91
C LEU C 336 -19.14 -15.74 -11.78
N LEU C 337 -18.40 -16.81 -12.00
CA LEU C 337 -17.55 -17.35 -10.94
C LEU C 337 -16.47 -16.36 -10.54
N ALA C 338 -15.87 -15.67 -11.52
CA ALA C 338 -14.79 -14.75 -11.21
C ALA C 338 -15.24 -13.68 -10.21
N VAL C 339 -16.53 -13.39 -10.17
CA VAL C 339 -17.06 -12.42 -9.21
C VAL C 339 -17.55 -13.11 -7.95
N VAL C 340 -18.14 -14.29 -8.08
CA VAL C 340 -18.75 -14.95 -6.93
C VAL C 340 -17.69 -15.47 -5.96
N ILE C 341 -16.59 -16.00 -6.48
CA ILE C 341 -15.64 -16.77 -5.67
C ILE C 341 -15.08 -15.94 -4.51
N PRO C 342 -14.31 -14.88 -4.78
CA PRO C 342 -13.66 -14.17 -3.66
C PRO C 342 -14.63 -13.62 -2.63
N ALA C 343 -15.77 -13.09 -3.07
CA ALA C 343 -16.76 -12.59 -2.13
C ALA C 343 -17.28 -13.71 -1.23
N SER C 344 -17.57 -14.87 -1.83
CA SER C 344 -18.03 -16.00 -1.05
C SER C 344 -16.99 -16.45 -0.05
N ILE C 345 -15.71 -16.48 -0.47
CA ILE C 345 -14.64 -16.89 0.44
C ILE C 345 -14.56 -15.92 1.62
N CYS C 346 -14.61 -14.62 1.35
CA CYS C 346 -14.55 -13.63 2.41
C CYS C 346 -15.74 -13.77 3.36
N ALA C 347 -16.94 -13.94 2.81
CA ALA C 347 -18.12 -14.07 3.67
C ALA C 347 -18.04 -15.33 4.52
N LEU C 348 -17.56 -16.44 3.95
CA LEU C 348 -17.44 -17.67 4.72
C LEU C 348 -16.42 -17.52 5.84
N ALA C 349 -15.28 -16.90 5.55
CA ALA C 349 -14.29 -16.68 6.60
C ALA C 349 -14.84 -15.80 7.71
N GLY C 350 -15.57 -14.73 7.33
CA GLY C 350 -16.18 -13.88 8.33
C GLY C 350 -17.18 -14.62 9.19
N VAL C 351 -18.02 -15.46 8.56
CA VAL C 351 -19.01 -16.22 9.31
C VAL C 351 -18.33 -17.20 10.26
N TRP C 352 -17.25 -17.85 9.80
CA TRP C 352 -16.53 -18.76 10.68
C TRP C 352 -15.95 -18.02 11.88
N LEU C 353 -15.28 -16.90 11.64
CA LEU C 353 -14.70 -16.15 12.74
C LEU C 353 -15.76 -15.58 13.67
N LEU C 354 -16.96 -15.31 13.16
CA LEU C 354 -18.04 -14.83 14.01
C LEU C 354 -18.60 -15.96 14.86
N ARG C 355 -18.78 -17.14 14.27
CA ARG C 355 -19.22 -18.29 15.05
C ARG C 355 -18.19 -18.65 16.11
N ARG C 356 -16.91 -18.38 15.85
CA ARG C 356 -15.88 -18.59 16.85
C ARG C 356 -16.04 -17.67 18.06
N ALA C 357 -16.87 -16.65 17.96
CA ALA C 357 -17.12 -15.73 19.08
C ALA C 357 -15.89 -14.88 19.38
N MET D 4 28.55 -6.19 22.82
CA MET D 4 28.74 -6.99 21.61
C MET D 4 27.67 -8.06 21.51
N ILE D 5 26.81 -8.13 22.52
CA ILE D 5 25.67 -9.04 22.49
C ILE D 5 24.44 -8.35 21.93
N VAL D 6 24.23 -7.08 22.29
CA VAL D 6 23.13 -6.32 21.73
C VAL D 6 23.29 -6.19 20.23
N PHE D 7 24.55 -6.14 19.75
CA PHE D 7 24.79 -6.09 18.32
C PHE D 7 24.18 -7.29 17.61
N ARG D 8 24.50 -8.49 18.09
CA ARG D 8 23.96 -9.70 17.48
C ARG D 8 22.44 -9.77 17.65
N TYR D 9 21.94 -9.40 18.82
CA TYR D 9 20.49 -9.42 19.06
C TYR D 9 19.76 -8.57 18.03
N LEU D 10 20.16 -7.30 17.91
CA LEU D 10 19.50 -6.39 16.99
C LEU D 10 19.67 -6.84 15.55
N SER D 11 20.87 -7.30 15.19
CA SER D 11 21.10 -7.75 13.82
C SER D 11 20.18 -8.91 13.46
N ARG D 12 20.05 -9.89 14.36
CA ARG D 12 19.19 -11.03 14.09
C ARG D 12 17.74 -10.59 13.95
N GLU D 13 17.26 -9.75 14.87
CA GLU D 13 15.88 -9.29 14.77
C GLU D 13 15.62 -8.59 13.44
N VAL D 14 16.50 -7.65 13.08
CA VAL D 14 16.30 -6.88 11.86
C VAL D 14 16.33 -7.79 10.64
N LEU D 15 17.29 -8.72 10.60
CA LEU D 15 17.41 -9.57 9.43
C LEU D 15 16.18 -10.47 9.26
N VAL D 16 15.69 -11.06 10.35
CA VAL D 16 14.55 -11.95 10.24
C VAL D 16 13.32 -11.17 9.78
N THR D 17 13.06 -10.01 10.39
CA THR D 17 11.89 -9.23 10.00
C THR D 17 12.01 -8.78 8.55
N MET D 18 13.20 -8.36 8.12
CA MET D 18 13.40 -7.96 6.74
C MET D 18 13.12 -9.11 5.78
N SER D 19 13.59 -10.31 6.12
CA SER D 19 13.34 -11.46 5.25
C SER D 19 11.84 -11.71 5.09
N ALA D 20 11.12 -11.70 6.22
CA ALA D 20 9.68 -11.95 6.13
C ALA D 20 8.98 -10.89 5.27
N VAL D 21 9.26 -9.62 5.55
CA VAL D 21 8.59 -8.55 4.80
C VAL D 21 8.96 -8.62 3.33
N SER D 22 10.22 -8.95 3.03
CA SER D 22 10.64 -9.06 1.63
C SER D 22 9.90 -10.18 0.92
N ALA D 23 9.71 -11.32 1.58
CA ALA D 23 8.96 -12.40 0.95
C ALA D 23 7.53 -11.95 0.65
N VAL D 24 6.88 -11.28 1.61
CA VAL D 24 5.51 -10.85 1.39
C VAL D 24 5.44 -9.85 0.22
N LEU D 25 6.35 -8.89 0.21
CA LEU D 25 6.35 -7.88 -0.86
C LEU D 25 6.61 -8.51 -2.21
N LEU D 26 7.53 -9.49 -2.27
CA LEU D 26 7.80 -10.17 -3.52
C LEU D 26 6.56 -10.88 -4.03
N VAL D 27 5.84 -11.57 -3.15
CA VAL D 27 4.62 -12.24 -3.58
C VAL D 27 3.63 -11.22 -4.14
N ILE D 28 3.45 -10.12 -3.44
CA ILE D 28 2.47 -9.12 -3.87
C ILE D 28 2.84 -8.56 -5.25
N ILE D 29 4.12 -8.20 -5.43
CA ILE D 29 4.54 -7.59 -6.68
C ILE D 29 4.43 -8.58 -7.84
N MET D 30 4.85 -9.83 -7.61
CA MET D 30 4.77 -10.82 -8.67
C MET D 30 3.32 -11.05 -9.09
N SER D 31 2.41 -11.12 -8.13
CA SER D 31 0.99 -11.27 -8.49
C SER D 31 0.50 -10.05 -9.25
N GLY D 32 0.91 -8.85 -8.82
CA GLY D 32 0.46 -7.64 -9.51
C GLY D 32 0.88 -7.61 -10.96
N ARG D 33 2.12 -8.01 -11.25
CA ARG D 33 2.58 -7.99 -12.64
C ARG D 33 2.00 -9.17 -13.44
N PHE D 34 1.82 -10.32 -12.79
CA PHE D 34 1.16 -11.44 -13.44
C PHE D 34 -0.25 -11.05 -13.86
N ILE D 35 -0.89 -10.13 -13.13
CA ILE D 35 -2.22 -9.67 -13.55
C ILE D 35 -2.17 -9.13 -14.97
N LYS D 36 -1.24 -8.20 -15.22
CA LYS D 36 -1.12 -7.60 -16.55
C LYS D 36 -0.70 -8.62 -17.59
N TYR D 37 0.25 -9.49 -17.24
CA TYR D 37 0.69 -10.49 -18.22
C TYR D 37 -0.44 -11.45 -18.60
N LEU D 38 -1.24 -11.87 -17.62
CA LEU D 38 -2.38 -12.73 -17.90
C LEU D 38 -3.42 -12.00 -18.73
N ALA D 39 -3.63 -10.71 -18.46
CA ALA D 39 -4.56 -9.94 -19.30
C ALA D 39 -4.08 -9.91 -20.74
N GLN D 40 -2.79 -9.68 -20.95
CA GLN D 40 -2.25 -9.69 -22.31
C GLN D 40 -2.42 -11.06 -22.97
N ALA D 41 -2.16 -12.12 -22.21
CA ALA D 41 -2.34 -13.47 -22.76
C ALA D 41 -3.79 -13.72 -23.15
N ALA D 42 -4.74 -13.29 -22.30
CA ALA D 42 -6.15 -13.47 -22.60
C ALA D 42 -6.57 -12.66 -23.82
N GLN D 43 -5.95 -11.50 -24.04
CA GLN D 43 -6.26 -10.70 -25.21
C GLN D 43 -5.87 -11.38 -26.51
N GLY D 44 -5.06 -12.44 -26.45
CA GLY D 44 -4.61 -13.17 -27.62
C GLY D 44 -3.10 -13.19 -27.78
N LEU D 45 -2.44 -12.10 -27.42
CA LEU D 45 -0.99 -12.02 -27.52
C LEU D 45 -0.33 -12.93 -26.48
N LEU D 46 0.97 -13.16 -26.67
CA LEU D 46 1.75 -13.96 -25.73
C LEU D 46 1.31 -15.42 -25.76
N ASP D 47 2.13 -16.29 -25.18
CA ASP D 47 1.83 -17.71 -25.07
C ASP D 47 1.83 -18.12 -23.60
N PRO D 48 0.74 -18.71 -23.10
CA PRO D 48 0.69 -19.01 -21.67
C PRO D 48 1.82 -19.90 -21.18
N GLY D 49 2.38 -20.75 -22.04
CA GLY D 49 3.42 -21.65 -21.61
C GLY D 49 4.72 -20.97 -21.24
N SER D 50 4.93 -19.73 -21.69
CA SER D 50 6.17 -19.01 -21.46
C SER D 50 6.14 -18.10 -20.24
N LEU D 51 4.99 -17.97 -19.59
CA LEU D 51 4.88 -17.01 -18.49
C LEU D 51 5.82 -17.37 -17.33
N PHE D 52 5.92 -18.66 -17.01
CA PHE D 52 6.77 -19.08 -15.89
C PHE D 52 8.21 -18.64 -16.12
N LEU D 53 8.73 -18.87 -17.32
CA LEU D 53 10.11 -18.47 -17.61
C LEU D 53 10.27 -16.96 -17.51
N ILE D 54 9.29 -16.20 -18.00
CA ILE D 54 9.36 -14.75 -17.94
C ILE D 54 9.46 -14.28 -16.50
N MET D 55 8.59 -14.81 -15.63
CA MET D 55 8.63 -14.40 -14.23
C MET D 55 9.93 -14.84 -13.56
N ALA D 56 10.41 -16.04 -13.88
CA ALA D 56 11.65 -16.52 -13.28
C ALA D 56 12.81 -15.63 -13.66
N PHE D 57 12.87 -15.19 -14.91
CA PHE D 57 13.97 -14.34 -15.35
C PHE D 57 13.78 -12.89 -14.97
N ARG D 58 12.57 -12.48 -14.59
CA ARG D 58 12.33 -11.12 -14.15
C ARG D 58 12.35 -10.95 -12.63
N ILE D 59 12.42 -12.04 -11.87
CA ILE D 59 12.45 -11.93 -10.41
C ILE D 59 13.57 -11.03 -9.92
N PRO D 60 14.82 -11.18 -10.36
CA PRO D 60 15.90 -10.36 -9.78
C PRO D 60 15.66 -8.87 -9.90
N GLY D 61 15.05 -8.42 -11.00
CA GLY D 61 14.72 -7.00 -11.12
C GLY D 61 13.77 -6.55 -10.05
N PHE D 62 12.79 -7.39 -9.70
CA PHE D 62 11.89 -7.08 -8.61
C PHE D 62 12.61 -7.06 -7.27
N LEU D 63 13.48 -8.04 -7.03
CA LEU D 63 14.20 -8.09 -5.75
C LEU D 63 15.08 -6.86 -5.57
N GLN D 64 15.74 -6.42 -6.62
CA GLN D 64 16.66 -5.30 -6.50
C GLN D 64 15.99 -4.06 -5.94
N LEU D 65 14.68 -3.90 -6.16
CA LEU D 65 13.94 -2.78 -5.62
C LEU D 65 13.16 -3.12 -4.35
N ILE D 66 12.80 -4.39 -4.17
CA ILE D 66 12.06 -4.79 -2.98
C ILE D 66 12.96 -4.76 -1.76
N LEU D 67 14.21 -5.20 -1.90
CA LEU D 67 15.07 -5.40 -0.73
C LEU D 67 15.22 -4.13 0.11
N PRO D 68 15.51 -2.97 -0.45
CA PRO D 68 15.60 -1.76 0.40
C PRO D 68 14.32 -1.46 1.17
N LEU D 69 13.16 -1.63 0.53
CA LEU D 69 11.90 -1.42 1.24
C LEU D 69 11.69 -2.49 2.31
N GLY D 70 12.10 -3.72 2.01
CA GLY D 70 12.04 -4.77 3.02
C GLY D 70 12.87 -4.41 4.25
N LEU D 71 14.06 -3.87 4.04
CA LEU D 71 14.89 -3.45 5.17
C LEU D 71 14.26 -2.28 5.91
N PHE D 72 13.72 -1.30 5.18
CA PHE D 72 13.04 -0.18 5.83
C PHE D 72 11.95 -0.68 6.77
N LEU D 73 11.04 -1.52 6.24
CA LEU D 73 9.93 -1.99 7.05
C LEU D 73 10.39 -2.93 8.15
N GLY D 74 11.42 -3.74 7.90
CA GLY D 74 11.92 -4.62 8.94
C GLY D 74 12.50 -3.86 10.12
N ILE D 75 13.30 -2.82 9.82
CA ILE D 75 13.84 -1.98 10.89
C ILE D 75 12.69 -1.33 11.65
N LEU D 76 11.71 -0.78 10.92
CA LEU D 76 10.59 -0.15 11.59
C LEU D 76 9.90 -1.12 12.54
N LEU D 77 9.57 -2.32 12.05
CA LEU D 77 8.83 -3.27 12.87
C LEU D 77 9.65 -3.76 14.06
N ALA D 78 10.90 -4.13 13.82
CA ALA D 78 11.72 -4.67 14.90
C ALA D 78 11.95 -3.63 15.99
N TYR D 79 12.31 -2.40 15.61
CA TYR D 79 12.56 -1.40 16.63
C TYR D 79 11.27 -0.92 17.29
N GLY D 80 10.14 -0.95 16.57
CA GLY D 80 8.87 -0.69 17.23
C GLY D 80 8.54 -1.74 18.27
N ARG D 81 8.80 -3.01 17.96
CA ARG D 81 8.58 -4.06 18.95
C ARG D 81 9.48 -3.85 20.17
N LEU D 82 10.76 -3.56 19.94
CA LEU D 82 11.67 -3.35 21.05
C LEU D 82 11.31 -2.10 21.86
N TYR D 83 10.71 -1.09 21.24
CA TYR D 83 10.28 0.10 21.98
C TYR D 83 9.02 -0.18 22.80
N LEU D 84 8.07 -0.92 22.22
CA LEU D 84 6.82 -1.19 22.93
C LEU D 84 7.03 -2.12 24.12
N GLU D 85 7.98 -3.03 24.02
CA GLU D 85 8.22 -4.02 25.07
C GLU D 85 9.19 -3.51 26.13
N SER D 86 9.63 -2.26 26.05
CA SER D 86 10.46 -1.59 27.04
C SER D 86 11.92 -2.02 27.00
N GLU D 87 12.30 -2.91 26.09
CA GLU D 87 13.70 -3.32 26.01
C GLU D 87 14.59 -2.15 25.62
N MET D 88 14.16 -1.35 24.65
CA MET D 88 14.99 -0.25 24.18
C MET D 88 15.07 0.88 25.20
N THR D 89 14.02 1.06 26.01
CA THR D 89 14.10 2.03 27.09
C THR D 89 15.16 1.65 28.10
N VAL D 90 15.25 0.35 28.42
CA VAL D 90 16.28 -0.11 29.34
C VAL D 90 17.66 0.00 28.69
N LEU D 91 17.76 -0.29 27.40
CA LEU D 91 19.03 -0.13 26.70
C LEU D 91 19.50 1.32 26.75
N SER D 92 18.60 2.25 26.50
CA SER D 92 18.97 3.67 26.51
C SER D 92 19.26 4.16 27.92
N ALA D 93 18.54 3.64 28.92
CA ALA D 93 18.74 4.04 30.30
C ALA D 93 19.98 3.43 30.93
N THR D 94 20.85 2.82 30.13
CA THR D 94 22.08 2.21 30.62
C THR D 94 23.33 2.78 29.98
N GLY D 95 23.23 3.51 28.88
CA GLY D 95 24.38 4.12 28.27
C GLY D 95 24.38 4.12 26.76
N MET D 96 23.64 3.19 26.15
CA MET D 96 23.62 3.07 24.70
C MET D 96 22.96 4.31 24.10
N SER D 97 23.75 5.15 23.44
CA SER D 97 23.23 6.34 22.78
C SER D 97 22.54 5.95 21.49
N GLN D 98 22.16 6.93 20.68
CA GLN D 98 21.50 6.64 19.42
C GLN D 98 22.48 6.52 18.26
N LYS D 99 23.63 7.19 18.34
CA LYS D 99 24.68 6.95 17.35
C LYS D 99 25.18 5.52 17.44
N ARG D 100 25.31 5.00 18.66
CA ARG D 100 25.67 3.59 18.83
C ARG D 100 24.60 2.69 18.23
N LEU D 101 23.33 3.06 18.39
CA LEU D 101 22.25 2.28 17.78
C LEU D 101 22.35 2.29 16.27
N LEU D 102 22.66 3.45 15.68
CA LEU D 102 22.84 3.51 14.23
C LEU D 102 24.01 2.64 13.79
N GLY D 103 25.11 2.69 14.52
CA GLY D 103 26.23 1.81 14.22
C GLY D 103 25.84 0.35 14.29
N TYR D 104 25.04 -0.01 15.29
CA TYR D 104 24.58 -1.39 15.39
C TYR D 104 23.73 -1.79 14.19
N THR D 105 22.84 -0.90 13.76
CA THR D 105 21.93 -1.22 12.66
C THR D 105 22.57 -1.07 11.29
N MET D 106 23.79 -0.54 11.22
CA MET D 106 24.45 -0.38 9.92
C MET D 106 25.18 -1.62 9.44
N ALA D 107 25.16 -2.71 10.21
CA ALA D 107 25.74 -3.97 9.75
C ALA D 107 24.76 -4.68 8.81
N PRO D 108 23.53 -4.93 9.25
CA PRO D 108 22.55 -5.51 8.32
C PRO D 108 22.34 -4.67 7.08
N ALA D 109 22.40 -3.34 7.24
CA ALA D 109 22.31 -2.47 6.07
C ALA D 109 23.46 -2.74 5.11
N LEU D 110 24.67 -2.94 5.64
CA LEU D 110 25.81 -3.22 4.77
C LEU D 110 25.64 -4.55 4.05
N LEU D 111 25.17 -5.58 4.76
CA LEU D 111 24.95 -6.87 4.11
C LEU D 111 23.91 -6.76 3.01
N VAL D 112 22.79 -6.08 3.29
CA VAL D 112 21.75 -5.92 2.28
C VAL D 112 22.26 -5.10 1.11
N ALA D 113 23.11 -4.10 1.38
CA ALA D 113 23.70 -3.31 0.30
C ALA D 113 24.59 -4.16 -0.58
N ILE D 114 25.38 -5.05 0.02
CA ILE D 114 26.20 -5.96 -0.79
C ILE D 114 25.32 -6.83 -1.67
N LEU D 115 24.26 -7.39 -1.08
CA LEU D 115 23.36 -8.26 -1.85
C LEU D 115 22.71 -7.49 -3.00
N VAL D 116 22.22 -6.28 -2.72
CA VAL D 116 21.53 -5.50 -3.73
C VAL D 116 22.49 -5.06 -4.82
N ALA D 117 23.73 -4.73 -4.45
CA ALA D 117 24.73 -4.38 -5.47
C ALA D 117 25.01 -5.57 -6.38
N TRP D 118 25.21 -6.75 -5.78
CA TRP D 118 25.41 -7.93 -6.60
C TRP D 118 24.25 -8.12 -7.57
N LEU D 119 23.02 -8.05 -7.05
CA LEU D 119 21.86 -8.19 -7.92
C LEU D 119 21.90 -7.17 -9.04
N SER D 120 21.80 -5.89 -8.70
CA SER D 120 21.62 -4.85 -9.70
C SER D 120 22.78 -4.74 -10.67
N LEU D 121 23.95 -5.28 -10.33
CA LEU D 121 25.10 -5.13 -11.21
C LEU D 121 25.47 -6.39 -11.97
N PHE D 122 25.04 -7.59 -11.53
CA PHE D 122 25.45 -8.79 -12.24
C PHE D 122 24.37 -9.85 -12.38
N LEU D 123 23.13 -9.57 -11.97
CA LEU D 123 22.09 -10.56 -12.15
C LEU D 123 20.88 -10.01 -12.87
N ALA D 124 20.50 -8.76 -12.60
CA ALA D 124 19.44 -8.12 -13.37
C ALA D 124 19.80 -8.01 -14.84
N PRO D 125 21.00 -7.57 -15.21
CA PRO D 125 21.35 -7.56 -16.64
C PRO D 125 21.29 -8.93 -17.29
N GLN D 126 21.91 -9.94 -16.68
CA GLN D 126 21.88 -11.29 -17.25
C GLN D 126 20.46 -11.83 -17.29
N GLY D 127 19.68 -11.59 -16.23
CA GLY D 127 18.30 -12.03 -16.23
C GLY D 127 17.50 -11.41 -17.36
N ILE D 128 17.66 -10.11 -17.57
CA ILE D 128 16.93 -9.43 -18.63
C ILE D 128 17.40 -9.92 -20.00
N ASN D 129 18.69 -10.18 -20.15
CA ASN D 129 19.20 -10.70 -21.42
C ASN D 129 18.58 -12.06 -21.73
N GLN D 130 18.56 -12.95 -20.74
CA GLN D 130 17.93 -14.25 -20.96
C GLN D 130 16.44 -14.11 -21.24
N PHE D 131 15.77 -13.21 -20.53
CA PHE D 131 14.35 -12.97 -20.76
C PHE D 131 14.10 -12.56 -22.21
N ALA D 132 14.90 -11.59 -22.71
CA ALA D 132 14.72 -11.14 -24.09
C ALA D 132 15.02 -12.26 -25.08
N LEU D 133 16.10 -13.02 -24.84
CA LEU D 133 16.47 -14.07 -25.77
C LEU D 133 15.39 -15.14 -25.86
N LEU D 134 14.81 -15.53 -24.72
CA LEU D 134 13.78 -16.54 -24.73
C LEU D 134 12.40 -15.99 -25.10
N LEU D 135 12.23 -14.67 -25.06
CA LEU D 135 10.99 -14.07 -25.55
C LEU D 135 11.00 -13.90 -27.05
N ASN D 136 12.19 -13.72 -27.65
CA ASN D 136 12.32 -13.63 -29.10
C ASN D 136 12.11 -15.03 -29.67
N LYS D 137 10.86 -15.45 -29.73
CA LYS D 137 10.51 -16.80 -30.15
C LYS D 137 9.15 -16.77 -30.84
N GLN D 138 8.53 -17.93 -30.97
CA GLN D 138 7.32 -18.11 -31.77
C GLN D 138 6.13 -17.32 -31.26
N ASP D 139 6.31 -16.55 -30.18
CA ASP D 139 5.18 -15.80 -29.63
C ASP D 139 4.59 -14.87 -30.68
N THR D 140 5.43 -14.11 -31.37
CA THR D 140 4.91 -13.22 -32.42
C THR D 140 4.31 -14.02 -33.57
N LEU D 141 4.93 -15.14 -33.94
CA LEU D 141 4.35 -15.98 -34.98
C LEU D 141 2.94 -16.41 -34.62
N THR D 142 2.67 -16.58 -33.32
CA THR D 142 1.31 -16.88 -32.90
C THR D 142 0.38 -15.68 -33.09
N GLU D 143 0.87 -14.47 -32.79
CA GLU D 143 0.01 -13.30 -32.83
C GLU D 143 -0.55 -13.06 -34.22
N PHE D 144 0.30 -13.15 -35.26
CA PHE D 144 -0.20 -12.99 -36.62
C PHE D 144 -1.07 -14.16 -37.04
N ASP D 145 -0.98 -15.29 -36.33
CA ASP D 145 -1.94 -16.37 -36.52
C ASP D 145 -3.23 -16.13 -35.75
N THR D 146 -3.23 -15.18 -34.81
CA THR D 146 -4.44 -14.85 -34.05
C THR D 146 -5.41 -14.01 -34.85
N LEU D 147 -5.04 -13.54 -36.04
CA LEU D 147 -5.90 -12.65 -36.81
C LEU D 147 -7.26 -13.30 -37.06
N VAL D 148 -8.32 -12.55 -36.84
CA VAL D 148 -9.67 -12.98 -37.13
C VAL D 148 -10.07 -12.38 -38.48
N PRO D 149 -10.89 -13.04 -39.28
CA PRO D 149 -11.17 -12.54 -40.63
C PRO D 149 -11.85 -11.18 -40.66
N GLY D 150 -12.17 -10.63 -39.49
CA GLY D 150 -12.86 -9.35 -39.44
C GLY D 150 -12.41 -8.43 -38.33
N ARG D 151 -11.15 -8.57 -37.88
CA ARG D 151 -10.64 -7.79 -36.77
C ARG D 151 -9.44 -6.96 -37.21
N PHE D 152 -9.33 -5.76 -36.66
CA PHE D 152 -8.23 -4.85 -36.92
C PHE D 152 -7.28 -4.90 -35.72
N GLN D 153 -6.15 -5.59 -35.88
CA GLN D 153 -5.16 -5.70 -34.81
C GLN D 153 -4.18 -4.54 -34.96
N ALA D 154 -4.38 -3.50 -34.14
CA ALA D 154 -3.54 -2.30 -34.19
C ALA D 154 -2.27 -2.55 -33.39
N MET D 155 -1.35 -3.29 -34.00
CA MET D 155 -0.08 -3.60 -33.36
C MET D 155 0.74 -2.34 -33.14
N ARG D 156 1.51 -2.33 -32.05
CA ARG D 156 2.41 -1.23 -31.73
C ARG D 156 1.65 0.10 -31.70
N ASP D 157 0.73 0.18 -30.75
CA ASP D 157 -0.14 1.34 -30.57
C ASP D 157 -0.72 1.80 -31.90
N GLY D 158 -0.79 3.11 -32.12
CA GLY D 158 -1.41 3.66 -33.30
C GLY D 158 -0.51 3.79 -34.52
N THR D 159 0.72 3.29 -34.46
CA THR D 159 1.63 3.42 -35.59
C THR D 159 1.25 2.49 -36.73
N ARG D 160 0.88 1.25 -36.43
CA ARG D 160 0.66 0.24 -37.44
C ARG D 160 -0.62 -0.53 -37.17
N VAL D 161 -1.21 -1.07 -38.24
CA VAL D 161 -2.40 -1.90 -38.15
C VAL D 161 -2.19 -3.14 -39.00
N THR D 162 -3.15 -4.06 -38.93
CA THR D 162 -3.12 -5.29 -39.71
C THR D 162 -4.53 -5.77 -39.94
N TYR D 163 -4.74 -6.40 -41.09
CA TYR D 163 -6.08 -6.82 -41.49
C TYR D 163 -5.98 -8.06 -42.36
N THR D 164 -7.07 -8.81 -42.44
CA THR D 164 -7.14 -10.00 -43.28
C THR D 164 -8.61 -10.35 -43.49
N GLU D 165 -9.05 -10.31 -44.75
CA GLU D 165 -10.44 -10.65 -45.05
C GLU D 165 -10.75 -12.09 -44.68
N GLU D 166 -9.83 -13.01 -44.98
CA GLU D 166 -10.00 -14.42 -44.67
C GLU D 166 -8.64 -15.04 -44.40
N LEU D 167 -8.53 -15.76 -43.30
CA LEU D 167 -7.31 -16.47 -42.93
C LEU D 167 -7.64 -17.93 -42.71
N SER D 168 -6.85 -18.82 -43.33
CA SER D 168 -7.06 -20.24 -43.19
C SER D 168 -6.81 -20.70 -41.76
N LYS D 169 -7.56 -21.70 -41.33
CA LYS D 169 -7.38 -22.24 -39.98
C LYS D 169 -5.97 -22.78 -39.80
N ASP D 170 -5.45 -23.49 -40.80
CA ASP D 170 -4.08 -24.00 -40.77
C ASP D 170 -3.06 -22.92 -41.09
N ARG D 171 -3.47 -21.66 -41.22
CA ARG D 171 -2.59 -20.56 -41.56
C ARG D 171 -2.23 -20.60 -43.04
N GLY D 172 -1.89 -19.44 -43.61
CA GLY D 172 -1.56 -19.34 -45.01
C GLY D 172 -2.78 -19.18 -45.90
N GLU D 173 -2.50 -18.85 -47.16
CA GLU D 173 -3.56 -18.63 -48.15
C GLU D 173 -4.59 -17.63 -47.65
N LEU D 174 -4.12 -16.54 -47.06
CA LEU D 174 -5.02 -15.52 -46.55
C LEU D 174 -5.74 -14.82 -47.70
N ALA D 175 -6.86 -14.18 -47.36
CA ALA D 175 -7.62 -13.42 -48.34
C ALA D 175 -6.96 -12.06 -48.52
N GLY D 176 -7.66 -11.13 -49.17
CA GLY D 176 -7.14 -9.80 -49.38
C GLY D 176 -6.61 -9.18 -48.09
N ILE D 177 -5.30 -8.99 -48.03
CA ILE D 177 -4.62 -8.53 -46.81
C ILE D 177 -4.38 -7.04 -46.92
N PHE D 178 -4.53 -6.34 -45.79
CA PHE D 178 -4.29 -4.89 -45.75
C PHE D 178 -3.45 -4.55 -44.54
N ILE D 179 -2.29 -3.94 -44.76
CA ILE D 179 -1.42 -3.54 -43.67
C ILE D 179 -0.96 -2.11 -43.82
N SER D 180 -1.34 -1.26 -42.88
CA SER D 180 -0.98 0.14 -42.97
C SER D 180 -0.09 0.52 -41.83
N GLN D 181 1.07 1.08 -42.15
CA GLN D 181 2.02 1.49 -41.13
C GLN D 181 2.34 2.97 -41.28
N LYS D 182 2.40 3.66 -40.15
CA LYS D 182 2.73 5.07 -40.11
C LYS D 182 3.95 5.28 -39.21
N ASP D 183 4.86 6.16 -39.65
CA ASP D 183 6.06 6.48 -38.89
C ASP D 183 5.84 7.80 -38.16
N LEU D 184 6.04 7.77 -36.84
CA LEU D 184 5.82 8.94 -36.00
C LEU D 184 6.89 10.01 -36.18
N ASN D 185 7.94 9.74 -36.96
CA ASN D 185 9.00 10.71 -37.17
C ASN D 185 8.52 11.78 -38.16
N SER D 186 9.45 12.60 -38.65
CA SER D 186 9.08 13.61 -39.65
C SER D 186 8.34 12.98 -40.81
N SER D 187 8.85 11.85 -41.31
CA SER D 187 8.15 11.06 -42.33
C SER D 187 8.18 11.75 -43.68
N ASN D 188 8.74 12.96 -43.74
CA ASN D 188 8.72 13.74 -44.96
C ASN D 188 7.29 13.80 -45.52
N GLN D 189 7.10 13.38 -46.76
CA GLN D 189 5.77 13.28 -47.34
C GLN D 189 5.40 11.85 -47.67
N GLU D 190 6.21 11.13 -48.45
CA GLU D 190 5.86 9.77 -48.85
C GLU D 190 5.89 8.82 -47.68
N ARG D 191 6.88 8.97 -46.78
CA ARG D 191 7.07 8.02 -45.69
C ARG D 191 5.95 8.06 -44.66
N GLY D 192 5.06 9.05 -44.72
CA GLY D 192 4.01 9.18 -43.74
C GLY D 192 3.18 7.93 -43.55
N ILE D 193 2.41 7.55 -44.57
CA ILE D 193 1.53 6.40 -44.52
C ILE D 193 1.86 5.48 -45.68
N SER D 194 2.03 4.20 -45.39
CA SER D 194 2.36 3.20 -46.41
C SER D 194 1.47 1.99 -46.21
N ILE D 195 0.56 1.76 -47.15
CA ILE D 195 -0.40 0.67 -47.06
C ILE D 195 0.12 -0.52 -47.86
N LEU D 196 -0.42 -1.70 -47.56
CA LEU D 196 -0.06 -2.92 -48.24
C LEU D 196 -1.31 -3.75 -48.49
N VAL D 197 -1.49 -4.20 -49.73
CA VAL D 197 -2.62 -5.03 -50.11
C VAL D 197 -2.09 -6.18 -50.96
N ALA D 198 -2.37 -7.41 -50.54
CA ALA D 198 -1.98 -8.60 -51.28
C ALA D 198 -3.19 -9.52 -51.43
N GLU D 199 -3.33 -10.11 -52.62
CA GLU D 199 -4.50 -10.94 -52.89
C GLU D 199 -4.59 -12.10 -51.91
N LYS D 200 -3.52 -12.88 -51.78
CA LYS D 200 -3.53 -14.04 -50.89
C LYS D 200 -2.55 -13.89 -49.73
N GLY D 201 -1.26 -13.71 -50.01
CA GLY D 201 -0.30 -13.58 -48.93
C GLY D 201 -0.04 -14.91 -48.25
N THR D 202 1.17 -15.11 -47.74
CA THR D 202 1.53 -16.34 -47.05
C THR D 202 2.69 -16.04 -46.11
N GLN D 203 2.90 -16.96 -45.17
CA GLN D 203 3.96 -16.84 -44.17
C GLN D 203 5.03 -17.88 -44.47
N ASN D 204 6.27 -17.43 -44.62
CA ASN D 204 7.40 -18.30 -44.87
C ASN D 204 8.34 -18.27 -43.68
N ILE D 205 8.68 -19.45 -43.16
CA ILE D 205 9.59 -19.55 -42.01
C ILE D 205 11.01 -19.38 -42.51
N GLN D 206 11.72 -18.40 -41.94
CA GLN D 206 13.08 -18.13 -42.35
C GLN D 206 14.01 -19.27 -41.93
N ALA D 207 15.05 -19.51 -42.74
CA ALA D 207 16.07 -20.47 -42.35
C ALA D 207 16.79 -20.03 -41.08
N ASP D 208 17.06 -18.73 -40.97
CA ASP D 208 17.68 -18.16 -39.79
C ASP D 208 16.81 -17.17 -39.04
N GLY D 209 15.92 -16.46 -39.74
CA GLY D 209 15.06 -15.47 -39.12
C GLY D 209 13.79 -16.07 -38.57
N SER D 210 12.87 -15.17 -38.18
CA SER D 210 11.61 -15.61 -37.57
C SER D 210 10.61 -16.05 -38.62
N ARG D 211 10.22 -15.15 -39.51
CA ARG D 211 9.22 -15.47 -40.53
C ARG D 211 9.18 -14.39 -41.61
N TYR D 212 9.21 -14.81 -42.88
CA TYR D 212 9.10 -13.90 -44.02
C TYR D 212 7.70 -14.03 -44.59
N LEU D 213 6.81 -13.13 -44.18
CA LEU D 213 5.46 -13.11 -44.72
C LEU D 213 5.52 -12.93 -46.23
N ILE D 214 5.14 -13.96 -46.98
CA ILE D 214 5.23 -13.96 -48.43
C ILE D 214 3.85 -13.66 -48.99
N LEU D 215 3.75 -12.57 -49.76
CA LEU D 215 2.48 -12.12 -50.31
C LEU D 215 2.31 -12.66 -51.73
N HIS D 216 1.18 -13.32 -51.98
CA HIS D 216 0.96 -13.96 -53.27
C HIS D 216 1.00 -12.94 -54.40
N ASN D 217 0.36 -11.79 -54.21
CA ASN D 217 0.41 -10.70 -55.18
C ASN D 217 -0.32 -9.51 -54.59
N GLY D 218 0.15 -8.32 -54.94
CA GLY D 218 -0.45 -7.11 -54.42
C GLY D 218 0.38 -5.89 -54.75
N TYR D 219 0.17 -4.83 -53.97
CA TYR D 219 0.81 -3.54 -54.18
C TYR D 219 1.37 -3.02 -52.87
N ARG D 220 2.14 -1.93 -52.96
CA ARG D 220 2.59 -1.17 -51.81
C ARG D 220 2.44 0.30 -52.13
N TYR D 221 1.66 1.01 -51.33
CA TYR D 221 1.36 2.42 -51.57
C TYR D 221 1.99 3.28 -50.48
N ASP D 222 2.58 4.40 -50.89
CA ASP D 222 3.19 5.35 -49.98
C ASP D 222 2.75 6.76 -50.34
N GLY D 223 2.67 7.62 -49.34
CA GLY D 223 2.31 9.00 -49.54
C GLY D 223 1.41 9.48 -48.42
N ASN D 224 0.63 10.52 -48.73
CA ASN D 224 -0.30 11.12 -47.78
C ASN D 224 -1.67 11.24 -48.41
N PRO D 225 -2.74 11.17 -47.61
CA PRO D 225 -4.08 11.24 -48.18
C PRO D 225 -4.35 12.50 -48.97
N GLY D 226 -3.77 13.63 -48.57
CA GLY D 226 -4.05 14.89 -49.24
C GLY D 226 -2.90 15.42 -50.07
N GLN D 227 -2.22 14.54 -50.80
CA GLN D 227 -1.10 14.96 -51.64
C GLN D 227 -1.12 14.17 -52.94
N ALA D 228 -0.54 14.77 -53.98
CA ALA D 228 -0.57 14.16 -55.30
C ALA D 228 0.44 13.02 -55.43
N ASN D 229 1.61 13.17 -54.81
CA ASN D 229 2.68 12.19 -55.00
C ASN D 229 2.34 10.88 -54.30
N TYR D 230 2.39 9.79 -55.05
CA TYR D 230 2.12 8.46 -54.50
C TYR D 230 3.00 7.45 -55.23
N ARG D 231 3.82 6.72 -54.48
CA ARG D 231 4.69 5.70 -55.04
C ARG D 231 3.93 4.38 -55.07
N ALA D 232 3.45 4.01 -56.25
CA ALA D 232 2.70 2.77 -56.43
C ALA D 232 3.67 1.67 -56.88
N ILE D 233 3.76 0.61 -56.08
CA ILE D 233 4.64 -0.51 -56.36
C ILE D 233 3.79 -1.74 -56.61
N GLN D 234 3.94 -2.35 -57.78
CA GLN D 234 3.24 -3.57 -58.13
C GLN D 234 4.24 -4.73 -58.14
N TYR D 235 3.92 -5.80 -57.43
CA TYR D 235 4.84 -6.90 -57.24
C TYR D 235 4.09 -8.22 -57.41
N ASP D 236 4.82 -9.32 -57.26
CA ASP D 236 4.24 -10.65 -57.17
C ASP D 236 4.49 -11.29 -55.80
N THR D 237 5.74 -11.35 -55.36
CA THR D 237 6.09 -11.86 -54.04
C THR D 237 6.72 -10.74 -53.23
N TYR D 238 6.15 -10.48 -52.05
CA TYR D 238 6.64 -9.44 -51.16
C TYR D 238 6.88 -10.05 -49.78
N GLY D 239 8.00 -9.69 -49.17
CA GLY D 239 8.35 -10.25 -47.89
C GLY D 239 8.74 -9.22 -46.85
N VAL D 240 8.03 -9.20 -45.74
CA VAL D 240 8.34 -8.33 -44.61
C VAL D 240 8.20 -9.15 -43.33
N MET D 241 9.21 -9.10 -42.47
CA MET D 241 9.18 -9.86 -41.24
C MET D 241 8.20 -9.24 -40.25
N LEU D 242 7.71 -10.07 -39.33
CA LEU D 242 6.79 -9.62 -38.32
C LEU D 242 7.52 -9.44 -37.00
N PRO D 243 7.71 -8.21 -36.53
CA PRO D 243 8.43 -8.02 -35.26
C PRO D 243 7.59 -8.49 -34.08
N LYS D 244 8.29 -8.87 -33.02
CA LYS D 244 7.61 -9.32 -31.81
C LYS D 244 7.03 -8.11 -31.06
N PRO D 245 5.74 -8.13 -30.72
CA PRO D 245 5.17 -6.98 -30.01
C PRO D 245 5.85 -6.68 -28.69
N GLU D 246 6.32 -7.70 -27.97
CA GLU D 246 6.93 -7.53 -26.67
C GLU D 246 8.40 -7.94 -26.66
N ALA D 247 9.05 -7.95 -27.83
CA ALA D 247 10.46 -8.34 -27.88
C ALA D 247 11.32 -7.40 -27.04
N SER D 248 11.09 -6.10 -27.18
CA SER D 248 11.84 -5.12 -26.40
C SER D 248 10.95 -3.97 -25.91
N SER D 249 9.63 -4.06 -26.09
CA SER D 249 8.75 -2.97 -25.66
C SER D 249 8.83 -2.76 -24.15
N GLU D 250 8.81 -3.84 -23.38
CA GLU D 250 8.88 -3.76 -21.93
C GLU D 250 10.31 -3.85 -21.41
N VAL D 251 11.29 -4.07 -22.27
CA VAL D 251 12.69 -4.16 -21.85
C VAL D 251 13.57 -3.42 -22.85
N SER D 252 13.99 -2.21 -22.48
CA SER D 252 14.90 -1.46 -23.32
C SER D 252 16.27 -2.13 -23.36
N GLU D 253 16.96 -1.95 -24.49
CA GLU D 253 18.29 -2.54 -24.63
C GLU D 253 19.29 -1.96 -23.64
N ARG D 254 19.00 -0.78 -23.09
CA ARG D 254 19.90 -0.19 -22.09
C ARG D 254 20.06 -1.08 -20.87
N ASP D 255 19.01 -1.84 -20.53
CA ASP D 255 19.06 -2.69 -19.35
C ASP D 255 19.88 -3.96 -19.59
N ALA D 256 19.85 -4.51 -20.81
CA ALA D 256 20.50 -5.79 -21.07
C ALA D 256 22.01 -5.67 -21.20
N VAL D 257 22.54 -4.49 -21.44
CA VAL D 257 23.99 -4.35 -21.62
C VAL D 257 24.70 -4.70 -20.32
N PRO D 258 25.74 -5.53 -20.34
CA PRO D 258 26.47 -5.82 -19.11
C PRO D 258 27.08 -4.56 -18.53
N THR D 259 27.15 -4.51 -17.20
CA THR D 259 27.69 -3.33 -16.53
C THR D 259 29.14 -3.04 -16.91
N ALA D 260 29.85 -4.05 -17.42
CA ALA D 260 31.23 -3.83 -17.82
C ALA D 260 31.32 -2.83 -18.97
N ASP D 261 30.39 -2.90 -19.92
CA ASP D 261 30.43 -2.02 -21.08
C ASP D 261 30.01 -0.60 -20.75
N LEU D 262 29.29 -0.39 -19.65
CA LEU D 262 28.79 0.95 -19.34
C LEU D 262 29.93 1.93 -19.07
N PHE D 263 31.07 1.42 -18.60
CA PHE D 263 32.18 2.30 -18.27
C PHE D 263 32.70 3.03 -19.50
N GLY D 264 32.95 4.33 -19.35
CA GLY D 264 33.63 5.10 -20.37
C GLY D 264 32.77 5.55 -21.53
N SER D 265 31.72 4.78 -21.84
CA SER D 265 30.90 5.09 -23.01
C SER D 265 30.34 6.50 -22.91
N ASP D 266 30.43 7.25 -24.01
CA ASP D 266 29.94 8.61 -24.06
C ASP D 266 28.45 8.69 -24.39
N ASN D 267 27.81 7.56 -24.65
CA ASN D 267 26.38 7.57 -24.90
C ASN D 267 25.64 8.06 -23.65
N PRO D 268 24.84 9.12 -23.74
CA PRO D 268 24.15 9.59 -22.53
C PRO D 268 23.29 8.54 -21.87
N ARG D 269 22.62 7.70 -22.66
CA ARG D 269 21.77 6.66 -22.09
C ARG D 269 22.60 5.69 -21.26
N TYR D 270 23.77 5.28 -21.77
CA TYR D 270 24.59 4.32 -21.04
C TYR D 270 25.10 4.90 -19.74
N GLN D 271 25.55 6.16 -19.75
CA GLN D 271 26.04 6.77 -18.53
C GLN D 271 24.92 6.95 -17.51
N ALA D 272 23.72 7.35 -17.98
CA ALA D 272 22.59 7.46 -17.07
C ALA D 272 22.23 6.10 -16.48
N GLU D 273 22.27 5.05 -17.29
CA GLU D 273 22.00 3.71 -16.76
C GLU D 273 23.03 3.31 -15.72
N LEU D 274 24.31 3.61 -15.98
CA LEU D 274 25.35 3.28 -15.01
C LEU D 274 25.14 4.04 -13.70
N GLN D 275 24.77 5.31 -13.77
CA GLN D 275 24.46 6.05 -12.56
C GLN D 275 23.27 5.45 -11.84
N TRP D 276 22.26 5.00 -12.59
CA TRP D 276 21.09 4.38 -11.97
C TRP D 276 21.44 3.08 -11.25
N ARG D 277 22.32 2.27 -11.84
CA ARG D 277 22.64 0.98 -11.26
C ARG D 277 23.34 1.13 -9.91
N LEU D 278 24.17 2.17 -9.75
CA LEU D 278 24.88 2.39 -8.49
C LEU D 278 24.00 3.06 -7.44
N SER D 279 22.79 3.48 -7.78
CA SER D 279 21.96 4.22 -6.84
C SER D 279 21.32 3.32 -5.79
N THR D 280 21.14 2.03 -6.08
CA THR D 280 20.38 1.19 -5.15
C THR D 280 21.08 1.01 -3.82
N PRO D 281 22.38 0.68 -3.75
CA PRO D 281 23.04 0.61 -2.43
C PRO D 281 22.98 1.92 -1.66
N LEU D 282 23.14 3.05 -2.33
CA LEU D 282 23.00 4.34 -1.64
C LEU D 282 21.60 4.51 -1.10
N LEU D 283 20.59 4.08 -1.87
CA LEU D 283 19.22 4.12 -1.39
C LEU D 283 19.05 3.26 -0.15
N VAL D 284 19.68 2.08 -0.14
CA VAL D 284 19.57 1.19 1.02
C VAL D 284 20.16 1.88 2.26
N PHE D 285 21.34 2.48 2.11
CA PHE D 285 21.96 3.15 3.24
C PHE D 285 21.14 4.35 3.70
N VAL D 286 20.56 5.10 2.77
CA VAL D 286 19.76 6.27 3.15
C VAL D 286 18.50 5.84 3.90
N VAL D 287 17.84 4.78 3.42
CA VAL D 287 16.65 4.30 4.12
C VAL D 287 17.02 3.77 5.50
N THR D 288 18.17 3.10 5.62
CA THR D 288 18.63 2.67 6.93
C THR D 288 18.86 3.86 7.85
N LEU D 289 19.46 4.93 7.32
CA LEU D 289 19.73 6.11 8.14
C LEU D 289 18.44 6.76 8.62
N LEU D 290 17.45 6.89 7.74
CA LEU D 290 16.23 7.62 8.09
C LEU D 290 15.13 6.71 8.63
N ALA D 291 15.39 5.43 8.81
CA ALA D 291 14.43 4.52 9.42
C ALA D 291 14.64 4.31 10.90
N VAL D 292 15.79 4.70 11.44
CA VAL D 292 16.08 4.53 12.86
C VAL D 292 15.27 5.53 13.67
N PRO D 293 15.44 6.84 13.45
CA PRO D 293 14.67 7.82 14.25
C PRO D 293 13.18 7.67 14.10
N LEU D 294 12.69 7.24 12.94
CA LEU D 294 11.26 7.07 12.72
C LEU D 294 10.67 5.86 13.42
N SER D 295 11.51 5.00 14.00
CA SER D 295 11.06 3.77 14.62
C SER D 295 10.70 3.93 16.10
N ARG D 296 10.81 5.14 16.65
CA ARG D 296 10.50 5.40 18.04
C ARG D 296 9.00 5.65 18.17
N VAL D 297 8.27 4.67 18.71
CA VAL D 297 6.82 4.74 18.82
C VAL D 297 6.43 4.38 20.24
N ASN D 298 5.58 5.19 20.85
CA ASN D 298 5.00 4.87 22.14
C ASN D 298 3.80 3.95 21.96
N PRO D 299 3.33 3.30 23.03
CA PRO D 299 2.23 2.35 22.87
C PRO D 299 0.92 3.00 22.42
N ARG D 300 0.77 4.31 22.59
CA ARG D 300 -0.46 4.96 22.17
C ARG D 300 -0.65 4.89 20.66
N GLN D 301 0.40 5.15 19.90
CA GLN D 301 0.33 5.11 18.44
C GLN D 301 0.77 3.77 17.86
N GLY D 302 1.10 2.80 18.70
CA GLY D 302 1.34 1.46 18.21
C GLY D 302 2.60 1.33 17.37
N ARG D 303 2.65 0.23 16.62
CA ARG D 303 3.81 -0.13 15.81
C ARG D 303 3.56 -0.07 14.31
N PHE D 304 2.30 -0.22 13.88
CA PHE D 304 1.97 -0.29 12.47
C PHE D 304 1.52 1.05 11.89
N LEU D 305 1.49 2.11 12.70
CA LEU D 305 0.92 3.38 12.24
C LEU D 305 1.74 3.98 11.11
N LYS D 306 3.07 3.94 11.21
CA LYS D 306 3.95 4.64 10.27
C LYS D 306 4.57 3.70 9.26
N LEU D 307 3.82 2.69 8.80
CA LEU D 307 4.30 1.84 7.72
C LEU D 307 3.81 2.33 6.35
N LEU D 308 2.54 2.70 6.25
CA LEU D 308 2.03 3.24 4.99
C LEU D 308 2.73 4.54 4.60
N PRO D 309 2.92 5.50 5.50
CA PRO D 309 3.72 6.68 5.11
C PRO D 309 5.13 6.34 4.71
N ALA D 310 5.75 5.33 5.33
CA ALA D 310 7.08 4.91 4.91
C ALA D 310 7.06 4.35 3.50
N ILE D 311 6.07 3.53 3.17
CA ILE D 311 5.95 2.99 1.82
C ILE D 311 5.76 4.13 0.82
N LEU D 312 4.92 5.11 1.16
CA LEU D 312 4.71 6.24 0.28
C LEU D 312 6.00 7.03 0.07
N LEU D 313 6.76 7.25 1.15
CA LEU D 313 8.03 7.96 1.03
C LEU D 313 9.01 7.22 0.14
N TYR D 314 9.10 5.89 0.30
CA TYR D 314 10.00 5.11 -0.54
C TYR D 314 9.57 5.15 -2.00
N MET D 315 8.27 5.05 -2.25
CA MET D 315 7.78 5.10 -3.63
C MET D 315 8.07 6.46 -4.25
N GLY D 316 7.89 7.54 -3.49
CA GLY D 316 8.24 8.86 -4.01
C GLY D 316 9.71 9.00 -4.28
N TYR D 317 10.55 8.44 -3.40
CA TYR D 317 11.99 8.42 -3.64
C TYR D 317 12.32 7.75 -4.96
N LEU D 318 11.76 6.55 -5.18
CA LEU D 318 12.04 5.83 -6.42
C LEU D 318 11.52 6.59 -7.63
N ALA D 319 10.33 7.18 -7.53
CA ALA D 319 9.77 7.92 -8.66
C ALA D 319 10.63 9.12 -9.00
N LEU D 320 11.11 9.84 -8.00
CA LEU D 320 11.99 10.98 -8.25
C LEU D 320 13.28 10.51 -8.90
N LEU D 321 13.85 9.41 -8.41
CA LEU D 321 15.07 8.88 -9.01
C LEU D 321 14.86 8.56 -10.48
N ILE D 322 13.75 7.89 -10.80
CA ILE D 322 13.50 7.48 -12.17
C ILE D 322 13.24 8.68 -13.07
N ALA D 323 12.48 9.66 -12.58
CA ALA D 323 12.22 10.85 -13.38
C ALA D 323 13.50 11.62 -13.66
N VAL D 324 14.35 11.78 -12.65
CA VAL D 324 15.63 12.46 -12.86
C VAL D 324 16.49 11.68 -13.84
N ARG D 325 16.50 10.34 -13.71
CA ARG D 325 17.29 9.52 -14.63
C ARG D 325 16.81 9.71 -16.07
N GLY D 326 15.51 9.74 -16.28
CA GLY D 326 15.00 9.95 -17.63
C GLY D 326 15.36 11.32 -18.17
N GLN D 327 15.08 12.37 -17.39
CA GLN D 327 15.38 13.72 -17.85
C GLN D 327 16.87 13.96 -18.00
N LEU D 328 17.70 13.13 -17.39
CA LEU D 328 19.15 13.25 -17.53
C LEU D 328 19.66 12.47 -18.74
N ASP D 329 19.12 11.28 -18.98
CA ASP D 329 19.48 10.53 -20.18
C ASP D 329 18.92 11.15 -21.44
N LYS D 330 17.93 12.04 -21.33
CA LYS D 330 17.43 12.77 -22.49
C LYS D 330 18.21 14.07 -22.75
N GLY D 331 19.21 14.38 -21.92
CA GLY D 331 20.15 15.44 -22.20
C GLY D 331 19.88 16.76 -21.49
N LYS D 332 18.67 16.96 -20.97
CA LYS D 332 18.33 18.26 -20.38
C LYS D 332 19.16 18.56 -19.14
N ILE D 333 19.20 17.61 -18.20
CA ILE D 333 19.95 17.84 -16.95
C ILE D 333 21.41 17.51 -17.18
N PRO D 334 22.34 18.42 -16.90
CA PRO D 334 23.75 18.15 -17.15
C PRO D 334 24.22 16.93 -16.38
N MET D 335 25.06 16.12 -17.03
CA MET D 335 25.56 14.90 -16.41
C MET D 335 26.49 15.19 -15.24
N ALA D 336 27.08 16.38 -15.17
CA ALA D 336 27.97 16.71 -14.06
C ALA D 336 27.22 16.66 -12.74
N ILE D 337 26.07 17.33 -12.67
CA ILE D 337 25.24 17.24 -11.47
C ILE D 337 24.71 15.82 -11.30
N GLY D 338 24.23 15.22 -12.40
CA GLY D 338 23.84 13.82 -12.38
C GLY D 338 22.62 13.54 -11.53
N LEU D 339 22.56 12.30 -11.05
CA LEU D 339 21.43 11.79 -10.29
C LEU D 339 21.63 11.89 -8.79
N TRP D 340 22.81 12.31 -8.33
CA TRP D 340 23.16 12.26 -6.92
C TRP D 340 22.48 13.33 -6.08
N TRP D 341 21.89 14.36 -6.68
CA TRP D 341 21.27 15.39 -5.86
C TRP D 341 20.01 14.88 -5.18
N VAL D 342 19.34 13.87 -5.75
CA VAL D 342 18.21 13.26 -5.06
C VAL D 342 18.67 12.52 -3.82
N HIS D 343 19.75 11.74 -3.95
CA HIS D 343 20.34 11.09 -2.78
C HIS D 343 20.72 12.13 -1.74
N GLY D 344 21.30 13.24 -2.17
CA GLY D 344 21.66 14.29 -1.23
C GLY D 344 20.45 14.87 -0.52
N LEU D 345 19.37 15.10 -1.27
CA LEU D 345 18.16 15.66 -0.68
C LEU D 345 17.59 14.73 0.38
N PHE D 346 17.50 13.43 0.06
CA PHE D 346 16.92 12.51 1.03
C PHE D 346 17.87 12.27 2.20
N LEU D 347 19.17 12.32 1.97
CA LEU D 347 20.12 12.22 3.07
C LEU D 347 19.98 13.43 4.01
N ALA D 348 19.78 14.62 3.44
CA ALA D 348 19.60 15.81 4.27
C ALA D 348 18.31 15.72 5.07
N ILE D 349 17.22 15.28 4.45
CA ILE D 349 15.97 15.16 5.18
C ILE D 349 16.10 14.13 6.31
N GLY D 350 16.73 12.98 6.02
CA GLY D 350 16.95 11.99 7.06
C GLY D 350 17.83 12.51 8.18
N LEU D 351 18.89 13.24 7.83
CA LEU D 351 19.79 13.79 8.84
C LEU D 351 19.04 14.77 9.74
N LEU D 352 18.23 15.65 9.15
CA LEU D 352 17.46 16.58 9.97
C LEU D 352 16.48 15.84 10.86
N LEU D 353 15.84 14.78 10.34
CA LEU D 353 14.95 13.97 11.16
C LEU D 353 15.70 13.29 12.29
N PHE D 354 16.97 12.95 12.07
CA PHE D 354 17.74 12.24 13.08
C PHE D 354 18.22 13.16 14.19
N TYR D 355 18.53 14.42 13.87
CA TYR D 355 19.11 15.35 14.83
C TYR D 355 18.07 16.26 15.46
N TRP D 356 16.78 15.91 15.37
CA TRP D 356 15.74 16.78 15.91
C TRP D 356 15.83 16.89 17.42
N GLU D 357 15.90 15.75 18.12
CA GLU D 357 15.94 15.80 19.58
C GLU D 357 17.19 16.50 20.10
N PRO D 358 18.41 16.18 19.65
CA PRO D 358 19.57 16.94 20.10
C PRO D 358 19.44 18.42 19.81
N LEU D 359 18.90 18.78 18.65
CA LEU D 359 18.74 20.20 18.32
C LEU D 359 17.79 20.88 19.28
N ARG D 360 16.67 20.23 19.62
CA ARG D 360 15.74 20.81 20.58
C ARG D 360 16.38 20.95 21.94
N LEU D 361 17.12 19.93 22.38
CA LEU D 361 17.77 20.00 23.69
C LEU D 361 18.80 21.13 23.73
N LYS D 362 19.55 21.32 22.65
CA LYS D 362 20.47 22.45 22.59
C LYS D 362 19.72 23.78 22.55
N LEU D 363 18.56 23.80 21.90
CA LEU D 363 17.73 25.01 21.91
C LEU D 363 17.31 25.37 23.32
N ALA D 364 16.97 24.38 24.13
CA ALA D 364 16.64 24.64 25.53
C ALA D 364 17.92 24.82 26.33
N SER D 365 18.78 25.73 25.89
CA SER D 365 20.06 26.02 26.54
C SER D 365 20.75 24.76 27.06
N THR E 47 19.89 -7.89 -41.91
CA THR E 47 18.94 -8.69 -42.67
C THR E 47 18.18 -7.84 -43.68
N ILE E 48 17.27 -8.48 -44.42
CA ILE E 48 16.45 -7.79 -45.41
C ILE E 48 15.06 -7.60 -44.81
N ASP E 49 14.63 -6.35 -44.70
CA ASP E 49 13.34 -6.07 -44.09
C ASP E 49 12.19 -6.34 -45.07
N TYR E 50 12.32 -5.89 -46.31
CA TYR E 50 11.29 -6.07 -47.31
C TYR E 50 11.93 -6.33 -48.67
N TYR E 51 11.35 -7.27 -49.42
CA TYR E 51 11.85 -7.62 -50.74
C TYR E 51 10.67 -7.85 -51.68
N ALA E 52 10.88 -7.58 -52.96
CA ALA E 52 9.84 -7.70 -53.97
C ALA E 52 10.45 -8.29 -55.24
N GLU E 53 9.59 -8.88 -56.07
CA GLU E 53 10.01 -9.50 -57.32
C GLU E 53 9.21 -8.94 -58.48
N ASN E 54 9.92 -8.59 -59.56
CA ASN E 54 9.29 -8.08 -60.78
C ASN E 54 8.38 -6.89 -60.48
N ALA E 55 8.90 -5.96 -59.68
CA ALA E 55 8.16 -4.75 -59.34
C ALA E 55 8.13 -3.77 -60.51
N HIS E 56 6.98 -3.12 -60.68
CA HIS E 56 6.79 -2.06 -61.68
C HIS E 56 6.18 -0.87 -60.95
N SER E 57 7.04 -0.02 -60.39
CA SER E 57 6.60 1.07 -59.53
C SER E 57 6.34 2.34 -60.33
N LEU E 58 5.44 3.17 -59.82
CA LEU E 58 5.17 4.49 -60.37
C LEU E 58 5.31 5.52 -59.25
N GLN E 59 5.87 6.67 -59.58
CA GLN E 59 5.97 7.79 -58.65
C GLN E 59 5.53 9.06 -59.34
N TYR E 60 4.69 9.83 -58.68
CA TYR E 60 4.11 11.03 -59.27
C TYR E 60 4.74 12.28 -58.67
N GLN E 61 4.81 13.33 -59.49
CA GLN E 61 5.38 14.60 -59.08
C GLN E 61 4.38 15.39 -58.24
N GLU E 62 4.90 16.40 -57.54
CA GLU E 62 4.05 17.21 -56.67
C GLU E 62 2.88 17.81 -57.44
N ASP E 63 3.15 18.36 -58.62
CA ASP E 63 2.06 18.90 -59.44
C ASP E 63 1.10 17.80 -59.87
N GLY E 64 1.63 16.63 -60.21
CA GLY E 64 0.80 15.52 -60.65
C GLY E 64 1.45 14.72 -61.76
N SER E 65 2.52 15.26 -62.34
CA SER E 65 3.22 14.57 -63.41
C SER E 65 4.01 13.39 -62.87
N LEU E 66 4.29 12.43 -63.75
CA LEU E 66 4.99 11.22 -63.34
C LEU E 66 6.43 11.53 -62.98
N ASP E 67 6.86 11.05 -61.81
CA ASP E 67 8.26 11.19 -61.43
C ASP E 67 9.14 10.24 -62.23
N TYR E 68 8.73 8.98 -62.36
CA TYR E 68 9.48 7.99 -63.12
C TYR E 68 8.62 6.74 -63.25
N GLU E 69 9.18 5.71 -63.88
CA GLU E 69 8.54 4.41 -63.98
C GLU E 69 9.65 3.36 -64.04
N MET E 70 9.96 2.76 -62.89
CA MET E 70 11.12 1.89 -62.75
C MET E 70 10.65 0.45 -62.60
N THR E 71 11.27 -0.46 -63.37
CA THR E 71 11.04 -1.89 -63.25
C THR E 71 12.32 -2.57 -62.83
N ALA E 72 12.25 -3.34 -61.74
CA ALA E 72 13.42 -4.00 -61.17
C ALA E 72 13.12 -5.47 -60.93
N VAL E 73 14.16 -6.30 -61.05
CA VAL E 73 14.00 -7.73 -60.83
C VAL E 73 13.65 -8.01 -59.37
N LYS E 74 14.32 -7.35 -58.44
CA LYS E 74 14.08 -7.59 -57.03
C LYS E 74 14.50 -6.37 -56.23
N LEU E 75 13.72 -6.04 -55.20
CA LEU E 75 13.99 -4.93 -54.31
C LEU E 75 14.39 -5.49 -52.95
N GLU E 76 15.58 -5.11 -52.48
CA GLU E 76 16.09 -5.59 -51.21
C GLU E 76 16.45 -4.39 -50.34
N HIS E 77 15.94 -4.38 -49.11
CA HIS E 77 16.21 -3.32 -48.14
C HIS E 77 16.77 -3.96 -46.88
N GLN E 78 18.08 -3.85 -46.68
CA GLN E 78 18.73 -4.43 -45.52
C GLN E 78 18.29 -3.73 -44.24
N LYS E 79 18.35 -4.46 -43.13
CA LYS E 79 17.94 -3.89 -41.85
C LYS E 79 18.98 -2.94 -41.29
N ALA E 80 20.26 -3.18 -41.54
CA ALA E 80 21.31 -2.32 -40.98
C ALA E 80 21.16 -0.89 -41.48
N THR E 81 20.89 -0.71 -42.77
CA THR E 81 20.72 0.60 -43.35
C THR E 81 19.57 0.56 -44.35
N ASP E 82 19.03 1.74 -44.64
CA ASP E 82 17.89 1.83 -45.55
C ASP E 82 18.37 1.73 -46.99
N ILE E 83 19.16 0.69 -47.29
CA ILE E 83 19.78 0.52 -48.60
C ILE E 83 18.96 -0.48 -49.39
N THR E 84 18.53 -0.08 -50.59
CA THR E 84 17.67 -0.89 -51.44
C THR E 84 18.42 -1.24 -52.72
N PHE E 85 18.48 -2.53 -53.03
CA PHE E 85 19.11 -3.02 -54.25
C PHE E 85 18.05 -3.24 -55.31
N VAL E 86 18.20 -2.59 -56.45
CA VAL E 86 17.27 -2.71 -57.57
C VAL E 86 18.04 -3.35 -58.72
N THR E 87 17.97 -4.67 -58.82
CA THR E 87 18.66 -5.38 -59.89
C THR E 87 17.97 -5.13 -61.22
N THR E 88 18.73 -4.71 -62.21
CA THR E 88 18.23 -4.46 -63.56
C THR E 88 17.12 -3.42 -63.48
N PRO E 89 17.45 -2.16 -63.19
CA PRO E 89 16.43 -1.10 -63.25
C PRO E 89 16.13 -0.70 -64.68
N ASP E 90 14.93 -0.12 -64.85
CA ASP E 90 14.45 0.36 -66.15
C ASP E 90 13.86 1.75 -66.00
N LEU E 91 14.61 2.63 -65.34
CA LEU E 91 14.10 3.97 -65.05
C LEU E 91 13.66 4.67 -66.32
N LEU E 92 12.54 5.39 -66.23
CA LEU E 92 12.01 6.16 -67.35
C LEU E 92 11.44 7.47 -66.80
N LEU E 93 12.24 8.53 -66.86
CA LEU E 93 11.83 9.84 -66.36
C LEU E 93 10.82 10.42 -67.34
N PHE E 94 9.57 9.94 -67.20
CA PHE E 94 8.55 10.28 -68.20
C PHE E 94 8.30 11.78 -68.25
N ARG E 95 8.23 12.43 -67.08
CA ARG E 95 8.00 13.86 -67.03
C ARG E 95 9.13 14.63 -66.35
N GLY E 96 10.21 13.97 -65.96
CA GLY E 96 11.36 14.69 -65.42
C GLY E 96 11.88 15.73 -66.39
N ASN E 97 11.92 15.40 -67.68
CA ASN E 97 12.33 16.32 -68.73
C ASN E 97 11.38 16.26 -69.92
N VAL E 98 10.12 15.88 -69.69
CA VAL E 98 9.13 15.75 -70.75
C VAL E 98 9.44 14.48 -71.56
N GLN E 99 10.62 14.43 -72.15
CA GLN E 99 11.04 13.27 -72.93
C GLN E 99 11.70 12.24 -72.02
N PRO E 100 11.25 10.99 -72.03
CA PRO E 100 11.79 10.00 -71.10
C PRO E 100 13.28 9.77 -71.31
N TRP E 101 13.97 9.48 -70.21
CA TRP E 101 15.40 9.18 -70.21
C TRP E 101 15.55 7.68 -69.98
N HIS E 102 15.54 6.91 -71.07
CA HIS E 102 15.57 5.46 -70.96
C HIS E 102 16.87 5.00 -70.30
N ILE E 103 16.73 4.18 -69.26
CA ILE E 103 17.86 3.64 -68.52
C ILE E 103 17.76 2.12 -68.56
N GLN E 104 18.87 1.46 -68.89
CA GLN E 104 18.96 0.01 -68.91
C GLN E 104 20.15 -0.46 -68.08
N SER E 105 20.30 0.11 -66.89
CA SER E 105 21.39 -0.27 -66.01
C SER E 105 21.24 -1.72 -65.56
N ALA E 106 22.36 -2.45 -65.57
CA ALA E 106 22.32 -3.84 -65.15
C ALA E 106 21.95 -3.97 -63.68
N ARG E 107 22.53 -3.12 -62.84
CA ARG E 107 22.23 -3.15 -61.41
C ARG E 107 22.33 -1.73 -60.85
N ALA E 108 21.47 -1.43 -59.89
CA ALA E 108 21.43 -0.12 -59.25
C ALA E 108 21.39 -0.30 -57.74
N GLU E 109 22.21 0.48 -57.03
CA GLU E 109 22.30 0.42 -55.58
C GLU E 109 21.80 1.73 -54.99
N VAL E 110 20.83 1.63 -54.08
CA VAL E 110 20.20 2.80 -53.47
C VAL E 110 20.40 2.73 -51.96
N GLY E 111 20.88 3.83 -51.38
CA GLY E 111 21.03 3.93 -49.95
C GLY E 111 19.73 4.31 -49.27
N PRO E 112 19.81 4.85 -48.06
CA PRO E 112 18.59 5.25 -47.36
C PRO E 112 17.73 6.22 -48.17
N LYS E 113 18.36 7.13 -48.89
CA LYS E 113 17.67 8.06 -49.77
C LYS E 113 18.33 8.00 -51.14
N GLY E 114 17.82 8.79 -52.08
CA GLY E 114 18.38 8.85 -53.40
C GLY E 114 19.65 9.67 -53.46
N LYS E 115 20.36 9.77 -52.33
CA LYS E 115 21.60 10.52 -52.30
C LYS E 115 22.59 9.98 -53.32
N GLU E 116 22.74 8.66 -53.40
CA GLU E 116 23.60 8.03 -54.41
C GLU E 116 22.96 6.71 -54.80
N VAL E 117 22.14 6.76 -55.85
CA VAL E 117 21.60 5.55 -56.48
C VAL E 117 22.58 5.20 -57.59
N GLU E 118 23.64 4.49 -57.22
CA GLU E 118 24.70 4.17 -58.16
C GLU E 118 24.26 3.08 -59.12
N LEU E 119 24.58 3.26 -60.40
CA LEU E 119 24.27 2.26 -61.42
C LEU E 119 25.53 1.44 -61.66
N ILE E 120 25.55 0.22 -61.11
CA ILE E 120 26.73 -0.62 -61.17
C ILE E 120 26.62 -1.54 -62.38
N ASP E 121 27.78 -2.01 -62.85
CA ASP E 121 27.85 -2.92 -63.98
C ASP E 121 27.42 -2.22 -65.26
N ASP E 122 26.58 -2.86 -66.06
CA ASP E 122 26.13 -2.26 -67.30
C ASP E 122 25.40 -0.95 -67.02
N VAL E 123 25.81 0.10 -67.72
CA VAL E 123 25.22 1.43 -67.58
C VAL E 123 24.84 1.94 -68.96
N ARG E 124 23.60 2.38 -69.11
CA ARG E 124 23.11 2.90 -70.38
C ARG E 124 22.26 4.14 -70.13
N VAL E 125 22.43 5.15 -70.97
CA VAL E 125 21.66 6.39 -70.89
C VAL E 125 21.17 6.69 -72.30
N ALA E 126 19.94 6.26 -72.61
CA ALA E 126 19.30 6.55 -73.88
C ALA E 126 18.58 7.88 -73.76
N ARG E 127 19.16 8.93 -74.34
CA ARG E 127 18.59 10.27 -74.17
C ARG E 127 17.18 10.34 -74.71
N THR E 128 16.94 9.76 -75.89
CA THR E 128 15.61 9.71 -76.49
C THR E 128 14.99 11.09 -76.67
N ASP E 129 15.81 12.14 -76.65
CA ASP E 129 15.31 13.51 -76.73
C ASP E 129 14.91 13.82 -78.17
N ALA E 130 14.64 15.09 -78.45
CA ALA E 130 14.23 15.48 -79.80
C ALA E 130 15.22 14.98 -80.84
N LYS E 131 16.51 14.98 -80.51
CA LYS E 131 17.50 14.36 -81.37
C LYS E 131 17.32 12.85 -81.40
N GLY E 132 17.42 12.27 -82.60
CA GLY E 132 17.30 10.83 -82.73
C GLY E 132 18.52 10.06 -82.27
N GLN E 133 19.62 10.74 -81.98
CA GLN E 133 20.83 10.06 -81.53
C GLN E 133 20.62 9.56 -80.10
N PRO E 134 20.80 8.26 -79.84
CA PRO E 134 20.64 7.77 -78.47
C PRO E 134 21.60 8.42 -77.48
N SER E 135 22.82 8.75 -77.91
CA SER E 135 23.83 9.31 -77.03
C SER E 135 24.04 8.43 -75.79
N ILE E 136 24.05 7.12 -76.02
CA ILE E 136 24.12 6.16 -74.93
C ILE E 136 25.51 6.21 -74.31
N LEU E 137 25.57 6.45 -73.00
CA LEU E 137 26.82 6.42 -72.25
C LEU E 137 26.87 5.13 -71.44
N THR E 138 28.01 4.44 -71.50
CA THR E 138 28.14 3.14 -70.86
C THR E 138 29.07 3.17 -69.66
N THR E 139 30.32 3.60 -69.83
CA THR E 139 31.30 3.60 -68.75
C THR E 139 31.19 2.31 -67.94
N THR E 140 31.23 2.44 -66.61
CA THR E 140 30.99 1.30 -65.73
C THR E 140 29.95 1.67 -64.68
N ARG E 141 29.91 2.95 -64.31
CA ARG E 141 28.95 3.44 -63.33
C ARG E 141 28.55 4.86 -63.71
N LEU E 142 27.35 5.25 -63.27
CA LEU E 142 26.84 6.60 -63.48
C LEU E 142 26.29 7.11 -62.17
N THR E 143 26.94 8.12 -61.59
CA THR E 143 26.56 8.65 -60.28
C THR E 143 25.42 9.66 -60.45
N VAL E 144 24.25 9.13 -60.78
CA VAL E 144 23.07 9.96 -60.86
C VAL E 144 22.74 10.52 -59.48
N PHE E 145 22.15 11.72 -59.45
CA PHE E 145 21.86 12.44 -58.23
C PHE E 145 20.38 12.78 -58.20
N PRO E 146 19.52 11.84 -57.80
CA PRO E 146 18.09 12.15 -57.71
C PRO E 146 17.79 13.33 -56.81
N ASP E 147 18.51 13.45 -55.68
CA ASP E 147 18.34 14.62 -54.82
C ASP E 147 18.95 15.86 -55.45
N LYS E 148 20.15 15.74 -56.00
CA LYS E 148 20.81 16.86 -56.64
C LYS E 148 20.23 17.14 -58.02
N ASN E 149 19.81 16.10 -58.74
CA ASN E 149 19.21 16.25 -60.07
C ASN E 149 20.22 16.84 -61.06
N TYR E 150 21.39 16.23 -61.14
CA TYR E 150 22.43 16.67 -62.05
C TYR E 150 23.06 15.44 -62.71
N ALA E 151 23.62 15.65 -63.89
CA ALA E 151 24.25 14.60 -64.68
C ALA E 151 25.76 14.62 -64.42
N GLN E 152 26.26 13.61 -63.74
CA GLN E 152 27.69 13.48 -63.47
C GLN E 152 28.12 12.05 -63.74
N THR E 153 29.35 11.88 -64.21
CA THR E 153 29.91 10.57 -64.52
C THR E 153 31.07 10.27 -63.59
N GLU E 154 31.08 9.07 -63.01
CA GLU E 154 32.17 8.64 -62.16
C GLU E 154 33.42 8.28 -62.95
N GLN E 155 33.32 8.17 -64.27
CA GLN E 155 34.46 7.82 -65.12
C GLN E 155 34.40 8.67 -66.39
N ALA E 156 35.30 8.40 -67.32
CA ALA E 156 35.32 9.11 -68.58
C ALA E 156 34.00 8.89 -69.33
N VAL E 157 33.47 9.97 -69.89
CA VAL E 157 32.20 9.90 -70.60
C VAL E 157 32.42 9.30 -71.97
N LYS E 158 31.65 8.26 -72.29
CA LYS E 158 31.70 7.59 -73.59
C LYS E 158 30.34 7.79 -74.26
N ILE E 159 30.24 8.83 -75.08
CA ILE E 159 28.99 9.17 -75.74
C ILE E 159 28.87 8.34 -77.02
N ASP E 160 27.94 7.39 -77.03
CA ASP E 160 27.70 6.54 -78.21
C ASP E 160 26.51 7.12 -78.97
N ALA E 161 26.76 8.20 -79.70
CA ALA E 161 25.72 8.86 -80.48
C ALA E 161 25.40 8.01 -81.73
N ALA E 162 24.40 8.46 -82.49
CA ALA E 162 23.98 7.73 -83.67
C ALA E 162 24.88 8.05 -84.86
N ASN E 163 24.91 9.32 -85.28
CA ASN E 163 25.71 9.70 -86.43
C ASN E 163 27.20 9.50 -86.17
N GLY E 164 27.67 9.89 -84.98
CA GLY E 164 29.07 9.75 -84.65
C GLY E 164 29.31 9.53 -83.17
N VAL E 165 30.28 8.69 -82.83
CA VAL E 165 30.62 8.36 -81.46
C VAL E 165 31.77 9.25 -81.01
N THR E 166 31.61 9.87 -79.85
CA THR E 166 32.63 10.76 -79.29
C THR E 166 32.91 10.39 -77.85
N THR E 167 34.14 10.66 -77.41
CA THR E 167 34.57 10.37 -76.04
C THR E 167 34.96 11.68 -75.36
N ALA E 168 34.45 11.89 -74.16
CA ALA E 168 34.72 13.10 -73.39
C ALA E 168 35.12 12.73 -71.97
N VAL E 169 35.83 13.65 -71.32
CA VAL E 169 36.31 13.46 -69.96
C VAL E 169 35.32 14.13 -69.01
N GLY E 170 34.79 13.36 -68.08
CA GLY E 170 33.87 13.90 -67.09
C GLY E 170 32.53 14.31 -67.68
N MET E 171 31.51 14.39 -66.84
CA MET E 171 30.17 14.80 -67.26
C MET E 171 29.63 15.81 -66.27
N LYS E 172 29.51 17.06 -66.72
CA LYS E 172 28.92 18.14 -65.93
C LYS E 172 27.86 18.81 -66.80
N ALA E 173 26.65 18.26 -66.79
CA ALA E 173 25.56 18.79 -67.60
C ALA E 173 24.27 18.72 -66.80
N TYR E 174 23.50 19.81 -66.82
CA TYR E 174 22.24 19.83 -66.11
C TYR E 174 21.26 18.84 -66.72
N LEU E 175 20.57 18.08 -65.86
CA LEU E 175 19.61 17.11 -66.34
C LEU E 175 18.49 17.78 -67.13
N LYS E 176 17.97 18.90 -66.61
CA LYS E 176 16.90 19.61 -67.31
C LYS E 176 17.39 20.16 -68.64
N ASP E 177 18.57 20.77 -68.66
CA ASP E 177 19.07 21.38 -69.90
C ASP E 177 19.28 20.33 -70.98
N SER E 178 19.88 19.19 -70.62
CA SER E 178 20.15 18.11 -71.58
C SER E 178 21.07 18.59 -72.69
N ARG E 179 22.23 19.11 -72.31
CA ARG E 179 23.22 19.60 -73.23
C ARG E 179 24.56 18.93 -72.96
N MET E 180 25.31 18.64 -74.03
CA MET E 180 26.62 18.03 -73.88
C MET E 180 27.55 18.96 -73.10
N HIS E 181 28.29 18.39 -72.16
CA HIS E 181 29.23 19.17 -71.36
C HIS E 181 30.18 18.21 -70.66
N LEU E 182 31.48 18.45 -70.82
CA LEU E 182 32.50 17.60 -70.23
C LEU E 182 32.33 17.51 -68.72
#